data_9F5A
# 
_entry.id   9F5A 
# 
_audit_conform.dict_name       mmcif_pdbx.dic 
_audit_conform.dict_version    5.402 
_audit_conform.dict_location   http://mmcif.pdb.org/dictionaries/ascii/mmcif_pdbx.dic 
# 
loop_
_database_2.database_id 
_database_2.database_code 
_database_2.pdbx_database_accession 
_database_2.pdbx_DOI 
PDB   9F5A         pdb_00009f5a 10.2210/pdb9f5a/pdb 
WWPDB D_1292138203 ?            ?                   
# 
_pdbx_audit_revision_history.ordinal             1 
_pdbx_audit_revision_history.data_content_type   'Structure model' 
_pdbx_audit_revision_history.major_revision      1 
_pdbx_audit_revision_history.minor_revision      0 
_pdbx_audit_revision_history.revision_date       2025-02-26 
_pdbx_audit_revision_history.part_number         ? 
# 
_pdbx_audit_revision_details.ordinal             1 
_pdbx_audit_revision_details.revision_ordinal    1 
_pdbx_audit_revision_details.data_content_type   'Structure model' 
_pdbx_audit_revision_details.provider            repository 
_pdbx_audit_revision_details.type                'Initial release' 
_pdbx_audit_revision_details.description         ? 
_pdbx_audit_revision_details.details             ? 
# 
_pdbx_database_status.status_code                     REL 
_pdbx_database_status.status_code_sf                  REL 
_pdbx_database_status.status_code_mr                  ? 
_pdbx_database_status.entry_id                        9F5A 
_pdbx_database_status.recvd_initial_deposition_date   2024-04-28 
_pdbx_database_status.SG_entry                        N 
_pdbx_database_status.deposit_site                    PDBE 
_pdbx_database_status.process_site                    PDBE 
_pdbx_database_status.status_code_cs                  ? 
_pdbx_database_status.status_code_nmr_data            ? 
_pdbx_database_status.methods_development_category    ? 
_pdbx_database_status.pdb_format_compatible           Y 
# 
_pdbx_contact_author.id                 2 
_pdbx_contact_author.email              d.n.woolfson@bristol.ac.uk 
_pdbx_contact_author.name_first         Derek 
_pdbx_contact_author.name_last          Woolfson 
_pdbx_contact_author.name_mi            N. 
_pdbx_contact_author.role               'principal investigator/group leader' 
_pdbx_contact_author.identifier_ORCID   0000-0002-0394-3202 
# 
loop_
_audit_author.name 
_audit_author.pdbx_ordinal 
_audit_author.identifier_ORCID 
'Petrenas, R.'   1 0000-0002-2997-7187 
'Woolfson, D.N.' 2 0000-0002-0394-3202 
# 
_citation.abstract                  ? 
_citation.abstract_id_CAS           ? 
_citation.book_id_ISBN              ? 
_citation.book_publisher            ? 
_citation.book_publisher_city       ? 
_citation.book_title                ? 
_citation.coordinate_linkage        ? 
_citation.country                   US 
_citation.database_id_Medline       ? 
_citation.details                   ? 
_citation.id                        primary 
_citation.journal_abbrev            J.Am.Chem.Soc. 
_citation.journal_id_ASTM           JACSAT 
_citation.journal_id_CSD            ? 
_citation.journal_id_ISSN           1520-5126 
_citation.journal_full              ? 
_citation.journal_issue             ? 
_citation.journal_volume            147 
_citation.language                  ? 
_citation.page_first                3796 
_citation.page_last                 3803 
_citation.title                     'Confinement and Catalysis within De Novo Designed Peptide Barrels.' 
_citation.year                      2025 
_citation.database_id_CSD           ? 
_citation.pdbx_database_id_DOI      10.1021/jacs.4c16633 
_citation.pdbx_database_id_PubMed   39813445 
_citation.pdbx_database_id_patent   ? 
_citation.unpublished_flag          ? 
# 
loop_
_citation_author.citation_id 
_citation_author.name 
_citation_author.ordinal 
_citation_author.identifier_ORCID 
primary 'Petrenas, R.'   1  ?                   
primary 'Hawkins, O.A.'  2  ?                   
primary 'Jones, J.F.'    3  0009-0004-6876-9243 
primary 'Scott, D.A.'    4  ?                   
primary 'Fletcher, J.M.' 5  ?                   
primary 'Obst, U.'       6  ?                   
primary 'Lombardi, L.'   7  0000-0002-5202-9847 
primary 'Pirro, F.'      8  ?                   
primary 'Leggett, G.J.'  9  0000-0002-4315-9076 
primary 'Oliver, T.A.A.' 10 0000-0003-3979-7857 
primary 'Woolfson, D.N.' 11 0000-0002-0394-3202 
# 
loop_
_entity.id 
_entity.type 
_entity.src_method 
_entity.pdbx_description 
_entity.formula_weight 
_entity.pdbx_number_of_molecules 
_entity.pdbx_ec 
_entity.pdbx_mutation 
_entity.pdbx_fragment 
_entity.details 
1 polymer syn CC-Type2-II-I17V-I21F 3254.860 2  ? ? ? ? 
2 water   nat water                 18.015   34 ? ? ? ? 
# 
_entity_poly.entity_id                      1 
_entity_poly.type                           'polypeptide(L)' 
_entity_poly.nstd_linkage                   no 
_entity_poly.nstd_monomer                   yes 
_entity_poly.pdbx_seq_one_letter_code       '(ACE)GEIAQAIKEIAKAIKEVAWAFKEIAQAIKG(NH2)' 
_entity_poly.pdbx_seq_one_letter_code_can   XGEIAQAIKEIAKAIKEVAWAFKEIAQAIKGX 
_entity_poly.pdbx_strand_id                 A,B 
_entity_poly.pdbx_target_identifier         ? 
# 
_pdbx_entity_nonpoly.entity_id   2 
_pdbx_entity_nonpoly.name        water 
_pdbx_entity_nonpoly.comp_id     HOH 
# 
loop_
_entity_poly_seq.entity_id 
_entity_poly_seq.num 
_entity_poly_seq.mon_id 
_entity_poly_seq.hetero 
1 1  ACE n 
1 2  GLY n 
1 3  GLU n 
1 4  ILE n 
1 5  ALA n 
1 6  GLN n 
1 7  ALA n 
1 8  ILE n 
1 9  LYS n 
1 10 GLU n 
1 11 ILE n 
1 12 ALA n 
1 13 LYS n 
1 14 ALA n 
1 15 ILE n 
1 16 LYS n 
1 17 GLU n 
1 18 VAL n 
1 19 ALA n 
1 20 TRP n 
1 21 ALA n 
1 22 PHE n 
1 23 LYS n 
1 24 GLU n 
1 25 ILE n 
1 26 ALA n 
1 27 GLN n 
1 28 ALA n 
1 29 ILE n 
1 30 LYS n 
1 31 GLY n 
1 32 NH2 n 
# 
_pdbx_entity_src_syn.entity_id              1 
_pdbx_entity_src_syn.pdbx_src_id            1 
_pdbx_entity_src_syn.pdbx_alt_source_flag   sample 
_pdbx_entity_src_syn.pdbx_beg_seq_num       1 
_pdbx_entity_src_syn.pdbx_end_seq_num       32 
_pdbx_entity_src_syn.organism_scientific    'synthetic construct' 
_pdbx_entity_src_syn.organism_common_name   ? 
_pdbx_entity_src_syn.ncbi_taxonomy_id       32630 
_pdbx_entity_src_syn.details                ? 
# 
loop_
_chem_comp.id 
_chem_comp.type 
_chem_comp.mon_nstd_flag 
_chem_comp.name 
_chem_comp.pdbx_synonyms 
_chem_comp.formula 
_chem_comp.formula_weight 
ACE non-polymer         . 'ACETYL GROUP'  ? 'C2 H4 O'        44.053  
ALA 'L-peptide linking' y ALANINE         ? 'C3 H7 N O2'     89.093  
GLN 'L-peptide linking' y GLUTAMINE       ? 'C5 H10 N2 O3'   146.144 
GLU 'L-peptide linking' y 'GLUTAMIC ACID' ? 'C5 H9 N O4'     147.129 
GLY 'peptide linking'   y GLYCINE         ? 'C2 H5 N O2'     75.067  
HOH non-polymer         . WATER           ? 'H2 O'           18.015  
ILE 'L-peptide linking' y ISOLEUCINE      ? 'C6 H13 N O2'    131.173 
LYS 'L-peptide linking' y LYSINE          ? 'C6 H15 N2 O2 1' 147.195 
NH2 non-polymer         . 'AMINO GROUP'   ? 'H2 N'           16.023  
PHE 'L-peptide linking' y PHENYLALANINE   ? 'C9 H11 N O2'    165.189 
TRP 'L-peptide linking' y TRYPTOPHAN      ? 'C11 H12 N2 O2'  204.225 
VAL 'L-peptide linking' y VALINE          ? 'C5 H11 N O2'    117.146 
# 
loop_
_pdbx_poly_seq_scheme.asym_id 
_pdbx_poly_seq_scheme.entity_id 
_pdbx_poly_seq_scheme.seq_id 
_pdbx_poly_seq_scheme.mon_id 
_pdbx_poly_seq_scheme.ndb_seq_num 
_pdbx_poly_seq_scheme.pdb_seq_num 
_pdbx_poly_seq_scheme.auth_seq_num 
_pdbx_poly_seq_scheme.pdb_mon_id 
_pdbx_poly_seq_scheme.auth_mon_id 
_pdbx_poly_seq_scheme.pdb_strand_id 
_pdbx_poly_seq_scheme.pdb_ins_code 
_pdbx_poly_seq_scheme.hetero 
A 1 1  ACE 1  101 0  ACE ACE A . n 
A 1 2  GLY 2  102 1  GLY GLY A . n 
A 1 3  GLU 3  103 2  GLU GLU A . n 
A 1 4  ILE 4  104 3  ILE ILE A . n 
A 1 5  ALA 5  105 4  ALA ALA A . n 
A 1 6  GLN 6  106 5  GLN GLN A . n 
A 1 7  ALA 7  107 6  ALA ALA A . n 
A 1 8  ILE 8  108 7  ILE ILE A . n 
A 1 9  LYS 9  109 8  LYS LYS A . n 
A 1 10 GLU 10 110 9  GLU GLU A . n 
A 1 11 ILE 11 111 10 ILE ILE A . n 
A 1 12 ALA 12 112 11 ALA ALA A . n 
A 1 13 LYS 13 113 12 LYS LYS A . n 
A 1 14 ALA 14 114 13 ALA ALA A . n 
A 1 15 ILE 15 115 14 ILE ILE A . n 
A 1 16 LYS 16 116 15 LYS LYS A . n 
A 1 17 GLU 17 117 16 GLU GLU A . n 
A 1 18 VAL 18 118 17 VAL VAL A . n 
A 1 19 ALA 19 119 18 ALA ALA A . n 
A 1 20 TRP 20 120 19 TRP TRP A . n 
A 1 21 ALA 21 121 20 ALA ALA A . n 
A 1 22 PHE 22 122 21 PHE PHE A . n 
A 1 23 LYS 23 123 22 LYS LYS A . n 
A 1 24 GLU 24 124 23 GLU GLU A . n 
A 1 25 ILE 25 125 24 ILE ILE A . n 
A 1 26 ALA 26 126 25 ALA ALA A . n 
A 1 27 GLN 27 127 26 GLN GLN A . n 
A 1 28 ALA 28 128 27 ALA ALA A . n 
A 1 29 ILE 29 129 28 ILE ILE A . n 
A 1 30 LYS 30 130 29 LYS LYS A . n 
A 1 31 GLY 31 131 30 GLY GLY A . n 
A 1 32 NH2 32 132 31 NH2 NH2 A . n 
B 1 1  ACE 1  101 0  ACE ACE B . n 
B 1 2  GLY 2  102 1  GLY GLY B . n 
B 1 3  GLU 3  103 2  GLU GLU B . n 
B 1 4  ILE 4  104 3  ILE ILE B . n 
B 1 5  ALA 5  105 4  ALA ALA B . n 
B 1 6  GLN 6  106 5  GLN GLN B . n 
B 1 7  ALA 7  107 6  ALA ALA B . n 
B 1 8  ILE 8  108 7  ILE ILE B . n 
B 1 9  LYS 9  109 8  LYS LYS B . n 
B 1 10 GLU 10 110 9  GLU GLU B . n 
B 1 11 ILE 11 111 10 ILE ILE B . n 
B 1 12 ALA 12 112 11 ALA ALA B . n 
B 1 13 LYS 13 113 12 LYS LYS B . n 
B 1 14 ALA 14 114 13 ALA ALA B . n 
B 1 15 ILE 15 115 14 ILE ILE B . n 
B 1 16 LYS 16 116 15 LYS LYS B . n 
B 1 17 GLU 17 117 16 GLU GLU B . n 
B 1 18 VAL 18 118 17 VAL VAL B . n 
B 1 19 ALA 19 119 18 ALA ALA B . n 
B 1 20 TRP 20 120 19 TRP TRP B . n 
B 1 21 ALA 21 121 20 ALA ALA B . n 
B 1 22 PHE 22 122 21 PHE PHE B . n 
B 1 23 LYS 23 123 22 LYS LYS B . n 
B 1 24 GLU 24 124 23 GLU GLU B . n 
B 1 25 ILE 25 125 24 ILE ILE B . n 
B 1 26 ALA 26 126 25 ALA ALA B . n 
B 1 27 GLN 27 127 26 GLN GLN B . n 
B 1 28 ALA 28 128 27 ALA ALA B . n 
B 1 29 ILE 29 129 28 ILE ILE B . n 
B 1 30 LYS 30 130 29 LYS LYS B . n 
B 1 31 GLY 31 131 30 GLY GLY B . n 
B 1 32 NH2 32 132 ?  ?   ?   B . n 
# 
loop_
_pdbx_nonpoly_scheme.asym_id 
_pdbx_nonpoly_scheme.entity_id 
_pdbx_nonpoly_scheme.mon_id 
_pdbx_nonpoly_scheme.ndb_seq_num 
_pdbx_nonpoly_scheme.pdb_seq_num 
_pdbx_nonpoly_scheme.auth_seq_num 
_pdbx_nonpoly_scheme.pdb_mon_id 
_pdbx_nonpoly_scheme.auth_mon_id 
_pdbx_nonpoly_scheme.pdb_strand_id 
_pdbx_nonpoly_scheme.pdb_ins_code 
C 2 HOH 1  201 30 HOH HOH A . 
C 2 HOH 2  202 9  HOH HOH A . 
C 2 HOH 3  203 7  HOH HOH A . 
C 2 HOH 4  204 6  HOH HOH A . 
C 2 HOH 5  205 34 HOH HOH A . 
C 2 HOH 6  206 13 HOH HOH A . 
C 2 HOH 7  207 18 HOH HOH A . 
C 2 HOH 8  208 19 HOH HOH A . 
C 2 HOH 9  209 4  HOH HOH A . 
C 2 HOH 10 210 12 HOH HOH A . 
C 2 HOH 11 211 21 HOH HOH A . 
C 2 HOH 12 212 11 HOH HOH A . 
C 2 HOH 13 213 31 HOH HOH A . 
C 2 HOH 14 214 10 HOH HOH A . 
C 2 HOH 15 215 28 HOH HOH A . 
C 2 HOH 16 216 35 HOH HOH A . 
C 2 HOH 17 217 25 HOH HOH A . 
C 2 HOH 18 218 26 HOH HOH A . 
D 2 HOH 1  201 22 HOH HOH B . 
D 2 HOH 2  202 2  HOH HOH B . 
D 2 HOH 3  203 17 HOH HOH B . 
D 2 HOH 4  204 32 HOH HOH B . 
D 2 HOH 5  205 23 HOH HOH B . 
D 2 HOH 6  206 16 HOH HOH B . 
D 2 HOH 7  207 3  HOH HOH B . 
D 2 HOH 8  208 8  HOH HOH B . 
D 2 HOH 9  209 27 HOH HOH B . 
D 2 HOH 10 210 5  HOH HOH B . 
D 2 HOH 11 211 15 HOH HOH B . 
D 2 HOH 12 212 20 HOH HOH B . 
D 2 HOH 13 213 14 HOH HOH B . 
D 2 HOH 14 214 1  HOH HOH B . 
D 2 HOH 15 215 29 HOH HOH B . 
D 2 HOH 16 216 24 HOH HOH B . 
# 
loop_
_pdbx_unobs_or_zero_occ_atoms.id 
_pdbx_unobs_or_zero_occ_atoms.PDB_model_num 
_pdbx_unobs_or_zero_occ_atoms.polymer_flag 
_pdbx_unobs_or_zero_occ_atoms.occupancy_flag 
_pdbx_unobs_or_zero_occ_atoms.auth_asym_id 
_pdbx_unobs_or_zero_occ_atoms.auth_comp_id 
_pdbx_unobs_or_zero_occ_atoms.auth_seq_id 
_pdbx_unobs_or_zero_occ_atoms.PDB_ins_code 
_pdbx_unobs_or_zero_occ_atoms.auth_atom_id 
_pdbx_unobs_or_zero_occ_atoms.label_alt_id 
_pdbx_unobs_or_zero_occ_atoms.label_asym_id 
_pdbx_unobs_or_zero_occ_atoms.label_comp_id 
_pdbx_unobs_or_zero_occ_atoms.label_seq_id 
_pdbx_unobs_or_zero_occ_atoms.label_atom_id 
1  1 Y 1 A GLN 106 ? CD  ? A GLN 6  CD  
2  1 Y 1 A GLN 106 ? OE1 ? A GLN 6  OE1 
3  1 Y 1 A GLN 106 ? NE2 ? A GLN 6  NE2 
4  1 Y 1 A LYS 109 ? NZ  ? A LYS 9  NZ  
5  1 Y 1 A GLU 110 ? OE1 ? A GLU 10 OE1 
6  1 Y 1 A GLU 110 ? OE2 ? A GLU 10 OE2 
7  1 Y 1 A LYS 113 ? NZ  ? A LYS 13 NZ  
8  1 Y 1 A GLU 117 ? OE1 ? A GLU 17 OE1 
9  1 Y 1 A GLU 117 ? OE2 ? A GLU 17 OE2 
10 1 Y 1 A LYS 130 ? CE  ? A LYS 30 CE  
11 1 Y 1 A LYS 130 ? NZ  ? A LYS 30 NZ  
12 1 Y 1 B GLN 106 ? OE1 ? B GLN 6  OE1 
13 1 Y 1 B GLN 106 ? NE2 ? B GLN 6  NE2 
14 1 Y 1 B LYS 109 ? NZ  ? B LYS 9  NZ  
15 1 Y 1 B LYS 113 ? NZ  ? B LYS 13 NZ  
16 1 Y 1 B LYS 116 ? CE  ? B LYS 16 CE  
17 1 Y 1 B LYS 116 ? NZ  ? B LYS 16 NZ  
18 1 Y 0 B TRP 120 ? CE3 ? B TRP 20 CE3 
19 1 Y 0 B TRP 120 ? CZ2 ? B TRP 20 CZ2 
20 1 Y 0 B TRP 120 ? CZ3 ? B TRP 20 CZ3 
21 1 Y 0 B TRP 120 ? CH2 ? B TRP 20 CH2 
# 
loop_
_software.citation_id 
_software.classification 
_software.compiler_name 
_software.compiler_version 
_software.contact_author 
_software.contact_author_email 
_software.date 
_software.description 
_software.dependencies 
_software.hardware 
_software.language 
_software.location 
_software.mods 
_software.name 
_software.os 
_software.os_version 
_software.type 
_software.version 
_software.pdbx_ordinal 
? refinement       ? ? ? ? ? ? ? ? ? ? ? PHENIX ? ? ? 1.20.1_4487 1 
? 'data reduction' ? ? ? ? ? ? ? ? ? ? ? DIALS  ? ? ? .           2 
? 'data scaling'   ? ? ? ? ? ? ? ? ? ? ? DIALS  ? ? ? .           3 
? phasing          ? ? ? ? ? ? ? ? ? ? ? PHENIX ? ? ? .           4 
# 
_cell.angle_alpha                  90.000 
_cell.angle_alpha_esd              ? 
_cell.angle_beta                   90.000 
_cell.angle_beta_esd               ? 
_cell.angle_gamma                  90.000 
_cell.angle_gamma_esd              ? 
_cell.entry_id                     9F5A 
_cell.details                      ? 
_cell.formula_units_Z              ? 
_cell.length_a                     48.098 
_cell.length_a_esd                 ? 
_cell.length_b                     48.098 
_cell.length_b_esd                 ? 
_cell.length_c                     127.147 
_cell.length_c_esd                 ? 
_cell.volume                       294144.108 
_cell.volume_esd                   ? 
_cell.Z_PDB                        32 
_cell.reciprocal_angle_alpha       ? 
_cell.reciprocal_angle_beta        ? 
_cell.reciprocal_angle_gamma       ? 
_cell.reciprocal_angle_alpha_esd   ? 
_cell.reciprocal_angle_beta_esd    ? 
_cell.reciprocal_angle_gamma_esd   ? 
_cell.reciprocal_length_a          ? 
_cell.reciprocal_length_b          ? 
_cell.reciprocal_length_c          ? 
_cell.reciprocal_length_a_esd      ? 
_cell.reciprocal_length_b_esd      ? 
_cell.reciprocal_length_c_esd      ? 
_cell.pdbx_unique_axis             ? 
_cell.pdbx_esd_method              ? 
# 
_symmetry.entry_id                         9F5A 
_symmetry.cell_setting                     ? 
_symmetry.Int_Tables_number                97 
_symmetry.space_group_name_Hall            'I 4 2' 
_symmetry.space_group_name_H-M             'I 4 2 2' 
_symmetry.pdbx_full_space_group_name_H-M   ? 
# 
_exptl.absorpt_coefficient_mu     ? 
_exptl.absorpt_correction_T_max   ? 
_exptl.absorpt_correction_T_min   ? 
_exptl.absorpt_correction_type    ? 
_exptl.absorpt_process_details    ? 
_exptl.entry_id                   9F5A 
_exptl.crystals_number            1 
_exptl.details                    ? 
_exptl.method                     'X-RAY DIFFRACTION' 
_exptl.method_details             ? 
# 
_exptl_crystal.colour                       ? 
_exptl_crystal.density_diffrn               ? 
_exptl_crystal.density_Matthews             2.70 
_exptl_crystal.density_method               ? 
_exptl_crystal.density_percent_sol          54.49 
_exptl_crystal.description                  ? 
_exptl_crystal.F_000                        ? 
_exptl_crystal.id                           1 
_exptl_crystal.preparation                  ? 
_exptl_crystal.size_max                     ? 
_exptl_crystal.size_mid                     ? 
_exptl_crystal.size_min                     ? 
_exptl_crystal.size_rad                     ? 
_exptl_crystal.colour_lustre                ? 
_exptl_crystal.colour_modifier              ? 
_exptl_crystal.colour_primary               ? 
_exptl_crystal.density_meas                 ? 
_exptl_crystal.density_meas_esd             ? 
_exptl_crystal.density_meas_gt              ? 
_exptl_crystal.density_meas_lt              ? 
_exptl_crystal.density_meas_temp            ? 
_exptl_crystal.density_meas_temp_esd        ? 
_exptl_crystal.density_meas_temp_gt         ? 
_exptl_crystal.density_meas_temp_lt         ? 
_exptl_crystal.pdbx_crystal_image_url       ? 
_exptl_crystal.pdbx_crystal_image_format    ? 
_exptl_crystal.pdbx_mosaicity               ? 
_exptl_crystal.pdbx_mosaicity_esd           ? 
_exptl_crystal.pdbx_mosaic_method           ? 
_exptl_crystal.pdbx_mosaic_block_size       ? 
_exptl_crystal.pdbx_mosaic_block_size_esd   ? 
# 
_exptl_crystal_grow.apparatus       ? 
_exptl_crystal_grow.atmosphere      ? 
_exptl_crystal_grow.crystal_id      1 
_exptl_crystal_grow.details         ? 
_exptl_crystal_grow.method          'VAPOR DIFFUSION, SITTING DROP' 
_exptl_crystal_grow.method_ref      ? 
_exptl_crystal_grow.pH              ? 
_exptl_crystal_grow.pressure        ? 
_exptl_crystal_grow.pressure_esd    ? 
_exptl_crystal_grow.seeding         ? 
_exptl_crystal_grow.seeding_ref     ? 
_exptl_crystal_grow.temp_details    ? 
_exptl_crystal_grow.temp_esd        ? 
_exptl_crystal_grow.time            ? 
_exptl_crystal_grow.pdbx_details    'Pact Premier HT-96 F11. 0.2M Sodium citrate. 0.1M Bis Tris propane pH 6.5. 20% w/v PEG 3350.' 
_exptl_crystal_grow.pdbx_pH_range   ? 
_exptl_crystal_grow.temp            293 
# 
_diffrn.ambient_environment              ? 
_diffrn.ambient_temp                     100 
_diffrn.ambient_temp_details             ? 
_diffrn.ambient_temp_esd                 ? 
_diffrn.crystal_id                       1 
_diffrn.crystal_support                  ? 
_diffrn.crystal_treatment                ? 
_diffrn.details                          ? 
_diffrn.id                               1 
_diffrn.ambient_pressure                 ? 
_diffrn.ambient_pressure_esd             ? 
_diffrn.ambient_pressure_gt              ? 
_diffrn.ambient_pressure_lt              ? 
_diffrn.ambient_temp_gt                  ? 
_diffrn.ambient_temp_lt                  ? 
_diffrn.pdbx_serial_crystal_experiment   N 
# 
_diffrn_detector.details                      ? 
_diffrn_detector.detector                     PIXEL 
_diffrn_detector.diffrn_id                    1 
_diffrn_detector.type                         'DECTRIS EIGER X 16M' 
_diffrn_detector.area_resol_mean              ? 
_diffrn_detector.dtime                        ? 
_diffrn_detector.pdbx_frames_total            ? 
_diffrn_detector.pdbx_collection_time_total   ? 
_diffrn_detector.pdbx_collection_date         2022-02-04 
_diffrn_detector.pdbx_frequency               ? 
_diffrn_detector.id                           ? 
_diffrn_detector.number_of_axes               ? 
# 
_diffrn_radiation.collimation                      ? 
_diffrn_radiation.diffrn_id                        1 
_diffrn_radiation.filter_edge                      ? 
_diffrn_radiation.inhomogeneity                    ? 
_diffrn_radiation.monochromator                    ? 
_diffrn_radiation.polarisn_norm                    ? 
_diffrn_radiation.polarisn_ratio                   ? 
_diffrn_radiation.probe                            ? 
_diffrn_radiation.type                             ? 
_diffrn_radiation.xray_symbol                      ? 
_diffrn_radiation.wavelength_id                    1 
_diffrn_radiation.pdbx_monochromatic_or_laue_m_l   M 
_diffrn_radiation.pdbx_wavelength_list             ? 
_diffrn_radiation.pdbx_wavelength                  ? 
_diffrn_radiation.pdbx_diffrn_protocol             'SINGLE WAVELENGTH' 
_diffrn_radiation.pdbx_analyzer                    ? 
_diffrn_radiation.pdbx_scattering_type             x-ray 
# 
_diffrn_radiation_wavelength.id           1 
_diffrn_radiation_wavelength.wavelength   0.9795 
_diffrn_radiation_wavelength.wt           1.0 
# 
_diffrn_source.current                     ? 
_diffrn_source.details                     ? 
_diffrn_source.diffrn_id                   1 
_diffrn_source.power                       ? 
_diffrn_source.size                        ? 
_diffrn_source.source                      SYNCHROTRON 
_diffrn_source.target                      ? 
_diffrn_source.type                        'DIAMOND BEAMLINE I04' 
_diffrn_source.voltage                     ? 
_diffrn_source.take-off_angle              ? 
_diffrn_source.pdbx_wavelength_list        0.9795 
_diffrn_source.pdbx_wavelength             ? 
_diffrn_source.pdbx_synchrotron_beamline   I04 
_diffrn_source.pdbx_synchrotron_site       Diamond 
# 
_reflns.B_iso_Wilson_estimate                          34.31 
_reflns.entry_id                                       9F5A 
_reflns.data_reduction_details                         ? 
_reflns.data_reduction_method                          ? 
_reflns.d_resolution_high                              2.0 
_reflns.d_resolution_low                               34.01 
_reflns.details                                        ? 
_reflns.limit_h_max                                    ? 
_reflns.limit_h_min                                    ? 
_reflns.limit_k_max                                    ? 
_reflns.limit_k_min                                    ? 
_reflns.limit_l_max                                    ? 
_reflns.limit_l_min                                    ? 
_reflns.number_all                                     ? 
_reflns.number_obs                                     5388 
_reflns.observed_criterion                             ? 
_reflns.observed_criterion_F_max                       ? 
_reflns.observed_criterion_F_min                       ? 
_reflns.observed_criterion_I_max                       ? 
_reflns.observed_criterion_I_min                       ? 
_reflns.observed_criterion_sigma_F                     ? 
_reflns.observed_criterion_sigma_I                     ? 
_reflns.percent_possible_obs                           99.42 
_reflns.R_free_details                                 ? 
_reflns.Rmerge_F_all                                   ? 
_reflns.Rmerge_F_obs                                   ? 
_reflns.Friedel_coverage                               ? 
_reflns.number_gt                                      ? 
_reflns.threshold_expression                           ? 
_reflns.pdbx_redundancy                                2.0 
_reflns.pdbx_netI_over_av_sigmaI                       ? 
_reflns.pdbx_netI_over_sigmaI                          37.47 
_reflns.pdbx_res_netI_over_av_sigmaI_2                 ? 
_reflns.pdbx_res_netI_over_sigmaI_2                    ? 
_reflns.pdbx_chi_squared                               ? 
_reflns.pdbx_scaling_rejects                           ? 
_reflns.pdbx_d_res_high_opt                            ? 
_reflns.pdbx_d_res_low_opt                             ? 
_reflns.pdbx_d_res_opt_method                          ? 
_reflns.phase_calculation_details                      ? 
_reflns.pdbx_Rrim_I_all                                0.007627 
_reflns.pdbx_Rpim_I_all                                0.005393 
_reflns.pdbx_d_opt                                     ? 
_reflns.pdbx_number_measured_all                       ? 
_reflns.pdbx_diffrn_id                                 1 
_reflns.pdbx_ordinal                                   1 
_reflns.pdbx_CC_half                                   1 
_reflns.pdbx_CC_star                                   1 
_reflns.pdbx_R_split                                   ? 
_reflns.pdbx_Rmerge_I_obs                              0.005393 
_reflns.pdbx_Rmerge_I_all                              ? 
_reflns.pdbx_Rsym_value                                ? 
_reflns.pdbx_CC_split_method                           ? 
_reflns.pdbx_aniso_diffraction_limit_axis_1_ortho[1]   ? 
_reflns.pdbx_aniso_diffraction_limit_axis_1_ortho[2]   ? 
_reflns.pdbx_aniso_diffraction_limit_axis_1_ortho[3]   ? 
_reflns.pdbx_aniso_diffraction_limit_axis_2_ortho[1]   ? 
_reflns.pdbx_aniso_diffraction_limit_axis_2_ortho[2]   ? 
_reflns.pdbx_aniso_diffraction_limit_axis_2_ortho[3]   ? 
_reflns.pdbx_aniso_diffraction_limit_axis_3_ortho[1]   ? 
_reflns.pdbx_aniso_diffraction_limit_axis_3_ortho[2]   ? 
_reflns.pdbx_aniso_diffraction_limit_axis_3_ortho[3]   ? 
_reflns.pdbx_aniso_diffraction_limit_1                 ? 
_reflns.pdbx_aniso_diffraction_limit_2                 ? 
_reflns.pdbx_aniso_diffraction_limit_3                 ? 
_reflns.pdbx_aniso_B_tensor_eigenvector_1_ortho[1]     ? 
_reflns.pdbx_aniso_B_tensor_eigenvector_1_ortho[2]     ? 
_reflns.pdbx_aniso_B_tensor_eigenvector_1_ortho[3]     ? 
_reflns.pdbx_aniso_B_tensor_eigenvector_2_ortho[1]     ? 
_reflns.pdbx_aniso_B_tensor_eigenvector_2_ortho[2]     ? 
_reflns.pdbx_aniso_B_tensor_eigenvector_2_ortho[3]     ? 
_reflns.pdbx_aniso_B_tensor_eigenvector_3_ortho[1]     ? 
_reflns.pdbx_aniso_B_tensor_eigenvector_3_ortho[2]     ? 
_reflns.pdbx_aniso_B_tensor_eigenvector_3_ortho[3]     ? 
_reflns.pdbx_aniso_B_tensor_eigenvalue_1               ? 
_reflns.pdbx_aniso_B_tensor_eigenvalue_2               ? 
_reflns.pdbx_aniso_B_tensor_eigenvalue_3               ? 
_reflns.pdbx_orthogonalization_convention              ? 
_reflns.pdbx_percent_possible_ellipsoidal              ? 
_reflns.pdbx_percent_possible_spherical                ? 
_reflns.pdbx_percent_possible_ellipsoidal_anomalous    ? 
_reflns.pdbx_percent_possible_spherical_anomalous      ? 
_reflns.pdbx_redundancy_anomalous                      ? 
_reflns.pdbx_CC_half_anomalous                         ? 
_reflns.pdbx_absDiff_over_sigma_anomalous              ? 
_reflns.pdbx_percent_possible_anomalous                ? 
_reflns.pdbx_observed_signal_threshold                 ? 
_reflns.pdbx_signal_type                               ? 
_reflns.pdbx_signal_details                            ? 
_reflns.pdbx_signal_software_id                        ? 
# 
_reflns_shell.d_res_high                                    2.0 
_reflns_shell.d_res_low                                     2.072 
_reflns_shell.meanI_over_sigI_all                           ? 
_reflns_shell.meanI_over_sigI_obs                           8.65 
_reflns_shell.number_measured_all                           ? 
_reflns_shell.number_measured_obs                           ? 
_reflns_shell.number_possible                               ? 
_reflns_shell.number_unique_all                             ? 
_reflns_shell.number_unique_obs                             511 
_reflns_shell.percent_possible_obs                          ? 
_reflns_shell.Rmerge_F_all                                  ? 
_reflns_shell.Rmerge_F_obs                                  ? 
_reflns_shell.meanI_over_sigI_gt                            ? 
_reflns_shell.meanI_over_uI_all                             ? 
_reflns_shell.meanI_over_uI_gt                              ? 
_reflns_shell.number_measured_gt                            ? 
_reflns_shell.number_unique_gt                              ? 
_reflns_shell.percent_possible_gt                           ? 
_reflns_shell.Rmerge_F_gt                                   ? 
_reflns_shell.Rmerge_I_gt                                   ? 
_reflns_shell.pdbx_redundancy                               2.0 
_reflns_shell.pdbx_chi_squared                              ? 
_reflns_shell.pdbx_netI_over_sigmaI_all                     ? 
_reflns_shell.pdbx_netI_over_sigmaI_obs                     ? 
_reflns_shell.pdbx_Rrim_I_all                               0.0692 
_reflns_shell.pdbx_Rpim_I_all                               0.04893 
_reflns_shell.pdbx_rejects                                  ? 
_reflns_shell.pdbx_ordinal                                  1 
_reflns_shell.pdbx_diffrn_id                                1 
_reflns_shell.pdbx_CC_half                                  0.998 
_reflns_shell.pdbx_CC_star                                  1 
_reflns_shell.pdbx_R_split                                  ? 
_reflns_shell.percent_possible_all                          99.02 
_reflns_shell.Rmerge_I_all                                  ? 
_reflns_shell.Rmerge_I_obs                                  0.04893 
_reflns_shell.pdbx_Rsym_value                               ? 
_reflns_shell.pdbx_percent_possible_ellipsoidal             ? 
_reflns_shell.pdbx_percent_possible_spherical               ? 
_reflns_shell.pdbx_percent_possible_ellipsoidal_anomalous   ? 
_reflns_shell.pdbx_percent_possible_spherical_anomalous     ? 
_reflns_shell.pdbx_redundancy_anomalous                     ? 
_reflns_shell.pdbx_CC_half_anomalous                        ? 
_reflns_shell.pdbx_absDiff_over_sigma_anomalous             ? 
_reflns_shell.pdbx_percent_possible_anomalous               ? 
# 
_refine.aniso_B[1][1]                            ? 
_refine.aniso_B[1][2]                            ? 
_refine.aniso_B[1][3]                            ? 
_refine.aniso_B[2][2]                            ? 
_refine.aniso_B[2][3]                            ? 
_refine.aniso_B[3][3]                            ? 
_refine.B_iso_max                                ? 
_refine.B_iso_mean                               42.18 
_refine.B_iso_min                                ? 
_refine.correlation_coeff_Fo_to_Fc               ? 
_refine.correlation_coeff_Fo_to_Fc_free          ? 
_refine.details                                  ? 
_refine.diff_density_max                         ? 
_refine.diff_density_max_esd                     ? 
_refine.diff_density_min                         ? 
_refine.diff_density_min_esd                     ? 
_refine.diff_density_rms                         ? 
_refine.diff_density_rms_esd                     ? 
_refine.entry_id                                 9F5A 
_refine.pdbx_refine_id                           'X-RAY DIFFRACTION' 
_refine.ls_abs_structure_details                 ? 
_refine.ls_abs_structure_Flack                   ? 
_refine.ls_abs_structure_Flack_esd               ? 
_refine.ls_abs_structure_Rogers                  ? 
_refine.ls_abs_structure_Rogers_esd              ? 
_refine.ls_d_res_high                            2.00 
_refine.ls_d_res_low                             34.01 
_refine.ls_extinction_coef                       ? 
_refine.ls_extinction_coef_esd                   ? 
_refine.ls_extinction_expression                 ? 
_refine.ls_extinction_method                     ? 
_refine.ls_goodness_of_fit_all                   ? 
_refine.ls_goodness_of_fit_all_esd               ? 
_refine.ls_goodness_of_fit_obs                   ? 
_refine.ls_goodness_of_fit_obs_esd               ? 
_refine.ls_hydrogen_treatment                    ? 
_refine.ls_matrix_type                           ? 
_refine.ls_number_constraints                    ? 
_refine.ls_number_parameters                     ? 
_refine.ls_number_reflns_all                     ? 
_refine.ls_number_reflns_obs                     5359 
_refine.ls_number_reflns_R_free                  538 
_refine.ls_number_reflns_R_work                  4821 
_refine.ls_number_restraints                     ? 
_refine.ls_percent_reflns_obs                    99.48 
_refine.ls_percent_reflns_R_free                 10.04 
_refine.ls_R_factor_all                          ? 
_refine.ls_R_factor_obs                          0.2405 
_refine.ls_R_factor_R_free                       0.2525 
_refine.ls_R_factor_R_free_error                 ? 
_refine.ls_R_factor_R_free_error_details         ? 
_refine.ls_R_factor_R_work                       0.2388 
_refine.ls_R_Fsqd_factor_obs                     ? 
_refine.ls_R_I_factor_obs                        ? 
_refine.ls_redundancy_reflns_all                 ? 
_refine.ls_redundancy_reflns_obs                 ? 
_refine.ls_restrained_S_all                      ? 
_refine.ls_restrained_S_obs                      ? 
_refine.ls_shift_over_esd_max                    ? 
_refine.ls_shift_over_esd_mean                   ? 
_refine.ls_structure_factor_coef                 ? 
_refine.ls_weighting_details                     ? 
_refine.ls_weighting_scheme                      ? 
_refine.ls_wR_factor_all                         ? 
_refine.ls_wR_factor_obs                         ? 
_refine.ls_wR_factor_R_free                      ? 
_refine.ls_wR_factor_R_work                      ? 
_refine.occupancy_max                            ? 
_refine.occupancy_min                            ? 
_refine.solvent_model_details                    'FLAT BULK SOLVENT MODEL' 
_refine.solvent_model_param_bsol                 ? 
_refine.solvent_model_param_ksol                 ? 
_refine.pdbx_R_complete                          ? 
_refine.ls_R_factor_gt                           ? 
_refine.ls_goodness_of_fit_gt                    ? 
_refine.ls_goodness_of_fit_ref                   ? 
_refine.ls_shift_over_su_max                     ? 
_refine.ls_shift_over_su_max_lt                  ? 
_refine.ls_shift_over_su_mean                    ? 
_refine.ls_shift_over_su_mean_lt                 ? 
_refine.pdbx_ls_sigma_I                          ? 
_refine.pdbx_ls_sigma_F                          1.38 
_refine.pdbx_ls_sigma_Fsqd                       ? 
_refine.pdbx_data_cutoff_high_absF               ? 
_refine.pdbx_data_cutoff_high_rms_absF           ? 
_refine.pdbx_data_cutoff_low_absF                ? 
_refine.pdbx_isotropic_thermal_model             ? 
_refine.pdbx_ls_cross_valid_method               'FREE R-VALUE' 
_refine.pdbx_method_to_determine_struct          'MOLECULAR REPLACEMENT' 
_refine.pdbx_starting_model                      ? 
_refine.pdbx_stereochemistry_target_values       'GeoStd + Monomer Library + CDL v1.2' 
_refine.pdbx_R_Free_selection_details            ? 
_refine.pdbx_stereochem_target_val_spec_case     ? 
_refine.pdbx_overall_ESU_R                       ? 
_refine.pdbx_overall_ESU_R_Free                  ? 
_refine.pdbx_solvent_vdw_probe_radii             1.1000 
_refine.pdbx_solvent_ion_probe_radii             ? 
_refine.pdbx_solvent_shrinkage_radii             0.9000 
_refine.pdbx_real_space_R                        ? 
_refine.pdbx_density_correlation                 ? 
_refine.pdbx_pd_number_of_powder_patterns        ? 
_refine.pdbx_pd_number_of_points                 ? 
_refine.pdbx_pd_meas_number_of_points            ? 
_refine.pdbx_pd_proc_ls_prof_R_factor            ? 
_refine.pdbx_pd_proc_ls_prof_wR_factor           ? 
_refine.pdbx_pd_Marquardt_correlation_coeff      ? 
_refine.pdbx_pd_Fsqrd_R_factor                   ? 
_refine.pdbx_pd_ls_matrix_band_width             ? 
_refine.pdbx_overall_phase_error                 30.6893 
_refine.pdbx_overall_SU_R_free_Cruickshank_DPI   ? 
_refine.pdbx_overall_SU_R_free_Blow_DPI          ? 
_refine.pdbx_overall_SU_R_Blow_DPI               ? 
_refine.pdbx_TLS_residual_ADP_flag               ? 
_refine.pdbx_diffrn_id                           1 
_refine.overall_SU_B                             ? 
_refine.overall_SU_ML                            0.2394 
_refine.overall_SU_R_Cruickshank_DPI             ? 
_refine.overall_SU_R_free                        ? 
_refine.overall_FOM_free_R_set                   ? 
_refine.overall_FOM_work_R_set                   ? 
_refine.pdbx_average_fsc_overall                 ? 
_refine.pdbx_average_fsc_work                    ? 
_refine.pdbx_average_fsc_free                    ? 
# 
_refine_hist.pdbx_refine_id                   'X-RAY DIFFRACTION' 
_refine_hist.cycle_id                         LAST 
_refine_hist.details                          ? 
_refine_hist.d_res_high                       2.00 
_refine_hist.d_res_low                        34.01 
_refine_hist.number_atoms_solvent             34 
_refine_hist.number_atoms_total               478 
_refine_hist.number_reflns_all                ? 
_refine_hist.number_reflns_obs                ? 
_refine_hist.number_reflns_R_free             ? 
_refine_hist.number_reflns_R_work             ? 
_refine_hist.R_factor_all                     ? 
_refine_hist.R_factor_obs                     ? 
_refine_hist.R_factor_R_free                  ? 
_refine_hist.R_factor_R_work                  ? 
_refine_hist.pdbx_number_residues_total       ? 
_refine_hist.pdbx_B_iso_mean_ligand           ? 
_refine_hist.pdbx_B_iso_mean_solvent          ? 
_refine_hist.pdbx_number_atoms_protein        437 
_refine_hist.pdbx_number_atoms_nucleic_acid   0 
_refine_hist.pdbx_number_atoms_ligand         7 
_refine_hist.pdbx_number_atoms_lipid          ? 
_refine_hist.pdbx_number_atoms_carb           ? 
_refine_hist.pdbx_pseudo_atom_details         ? 
# 
loop_
_refine_ls_restr.pdbx_refine_id 
_refine_ls_restr.criterion 
_refine_ls_restr.dev_ideal 
_refine_ls_restr.dev_ideal_target 
_refine_ls_restr.number 
_refine_ls_restr.rejects 
_refine_ls_restr.type 
_refine_ls_restr.weight 
_refine_ls_restr.pdbx_restraint_function 
'X-RAY DIFFRACTION' ? 0.0025  ? 452 ? f_bond_d           ? ? 
'X-RAY DIFFRACTION' ? 0.3521  ? 605 ? f_angle_d          ? ? 
'X-RAY DIFFRACTION' ? 0.0308  ? 71  ? f_chiral_restr     ? ? 
'X-RAY DIFFRACTION' ? 0.0013  ? 73  ? f_plane_restr      ? ? 
'X-RAY DIFFRACTION' ? 16.5367 ? 163 ? f_dihedral_angle_d ? ? 
# 
loop_
_refine_ls_shell.pdbx_refine_id 
_refine_ls_shell.d_res_high 
_refine_ls_shell.d_res_low 
_refine_ls_shell.number_reflns_all 
_refine_ls_shell.number_reflns_obs 
_refine_ls_shell.number_reflns_R_free 
_refine_ls_shell.number_reflns_R_work 
_refine_ls_shell.percent_reflns_obs 
_refine_ls_shell.percent_reflns_R_free 
_refine_ls_shell.R_factor_all 
_refine_ls_shell.R_factor_obs 
_refine_ls_shell.R_factor_R_free_error 
_refine_ls_shell.R_factor_R_work 
_refine_ls_shell.redundancy_reflns_all 
_refine_ls_shell.redundancy_reflns_obs 
_refine_ls_shell.wR_factor_all 
_refine_ls_shell.wR_factor_obs 
_refine_ls_shell.wR_factor_R_free 
_refine_ls_shell.wR_factor_R_work 
_refine_ls_shell.pdbx_R_complete 
_refine_ls_shell.pdbx_total_number_of_bins_used 
_refine_ls_shell.pdbx_phase_error 
_refine_ls_shell.pdbx_fsc_work 
_refine_ls_shell.pdbx_fsc_free 
_refine_ls_shell.R_factor_R_free 
'X-RAY DIFFRACTION' 2.00 2.20  . . 130 1159 99.23 . . . . 0.2483 . . . . . . . . . . . 0.2978 
'X-RAY DIFFRACTION' 2.20 2.52  . . 132 1186 99.77 . . . . 0.2451 . . . . . . . . . . . 0.2719 
'X-RAY DIFFRACTION' 2.52 3.17  . . 132 1185 99.62 . . . . 0.2431 . . . . . . . . . . . 0.2862 
'X-RAY DIFFRACTION' 3.18 34.01 . . 144 1291 99.31 . . . . 0.2337 . . . . . . . . . . . 0.2266 
# 
_struct.entry_id                     9F5A 
_struct.title                        'Crystal structure of a parallel eight-helix coiled coil CC-Type2-II-I17V-I21F' 
_struct.pdbx_model_details           ? 
_struct.pdbx_formula_weight          ? 
_struct.pdbx_formula_weight_method   ? 
_struct.pdbx_model_type_details      ? 
_struct.pdbx_CASP_flag               N 
# 
_struct_keywords.entry_id        9F5A 
_struct_keywords.text            'COILED COIL, 8-HELIX BUNDLE, DE NOVO PROTEIN DESIGN, PEPTIDE ASSEMBLY, DE NOVO PROTEIN' 
_struct_keywords.pdbx_keywords   'DE NOVO PROTEIN' 
# 
loop_
_struct_asym.id 
_struct_asym.pdbx_blank_PDB_chainid_flag 
_struct_asym.pdbx_modified 
_struct_asym.entity_id 
_struct_asym.details 
A N N 1 ? 
B N N 1 ? 
C N N 2 ? 
D N N 2 ? 
# 
_struct_ref.id                         1 
_struct_ref.db_name                    PDB 
_struct_ref.db_code                    9F5A 
_struct_ref.pdbx_db_accession          9F5A 
_struct_ref.pdbx_db_isoform            ? 
_struct_ref.entity_id                  1 
_struct_ref.pdbx_seq_one_letter_code   ? 
_struct_ref.pdbx_align_begin           1 
# 
loop_
_struct_ref_seq.align_id 
_struct_ref_seq.ref_id 
_struct_ref_seq.pdbx_PDB_id_code 
_struct_ref_seq.pdbx_strand_id 
_struct_ref_seq.seq_align_beg 
_struct_ref_seq.pdbx_seq_align_beg_ins_code 
_struct_ref_seq.seq_align_end 
_struct_ref_seq.pdbx_seq_align_end_ins_code 
_struct_ref_seq.pdbx_db_accession 
_struct_ref_seq.db_align_beg 
_struct_ref_seq.pdbx_db_align_beg_ins_code 
_struct_ref_seq.db_align_end 
_struct_ref_seq.pdbx_db_align_end_ins_code 
_struct_ref_seq.pdbx_auth_seq_align_beg 
_struct_ref_seq.pdbx_auth_seq_align_end 
1 1 9F5A A 1 ? 32 ? 9F5A 101 ? 132 ? 101 132 
2 1 9F5A B 1 ? 32 ? 9F5A 101 ? 132 ? 101 132 
# 
_pdbx_struct_assembly.id                   1 
_pdbx_struct_assembly.details              author_and_software_defined_assembly 
_pdbx_struct_assembly.method_details       PISA 
_pdbx_struct_assembly.oligomeric_details   hexadecameric 
_pdbx_struct_assembly.oligomeric_count     16 
# 
loop_
_pdbx_struct_assembly_prop.biol_id 
_pdbx_struct_assembly_prop.type 
_pdbx_struct_assembly_prop.value 
_pdbx_struct_assembly_prop.details 
1 'ABSA (A^2)' 30640 ? 
1 MORE         -293  ? 
1 'SSA (A^2)'  20120 ? 
# 
_pdbx_struct_assembly_gen.assembly_id       1 
_pdbx_struct_assembly_gen.oper_expression   1,2,3,4,5,6,7,8 
_pdbx_struct_assembly_gen.asym_id_list      A,B,C,D 
# 
_pdbx_struct_assembly_auth_evidence.id                     1 
_pdbx_struct_assembly_auth_evidence.assembly_id            1 
_pdbx_struct_assembly_auth_evidence.experimental_support   'equilibrium centrifugation' 
_pdbx_struct_assembly_auth_evidence.details                ? 
# 
loop_
_pdbx_struct_oper_list.id 
_pdbx_struct_oper_list.type 
_pdbx_struct_oper_list.name 
_pdbx_struct_oper_list.symmetry_operation 
_pdbx_struct_oper_list.matrix[1][1] 
_pdbx_struct_oper_list.matrix[1][2] 
_pdbx_struct_oper_list.matrix[1][3] 
_pdbx_struct_oper_list.vector[1] 
_pdbx_struct_oper_list.matrix[2][1] 
_pdbx_struct_oper_list.matrix[2][2] 
_pdbx_struct_oper_list.matrix[2][3] 
_pdbx_struct_oper_list.vector[2] 
_pdbx_struct_oper_list.matrix[3][1] 
_pdbx_struct_oper_list.matrix[3][2] 
_pdbx_struct_oper_list.matrix[3][3] 
_pdbx_struct_oper_list.vector[3] 
1 'identity operation'         1_555 x,y,z        1.0000000000  0.0000000000  0.0000000000  0.0000000000   0.0000000000  1.0000000000  0.0000000000  0.0000000000   0.0000000000  0.0000000000  1.0000000000  0.0000000000   
2 'crystal symmetry operation' 2_665 -x+1,-y+1,z  -0.6499062974 -0.4593063363 0.6055241481  -18.4486493242 -0.4593063363 -0.3974118670 -0.7944189684 -4.0039645226  0.6055241481  -0.7944189684 0.0473181645  7.6292740561   
3 'crystal symmetry operation' 3_655 -y+1,x,z     0.1750468513  -0.9532960927 -0.2461405279 -8.5791807701  0.4939897564  0.3012940665  -0.8155954917 6.2691257703   0.8516646761  0.0211765233  0.5236590822  9.7154942023   
4 'crystal symmetry operation' 4_565 y,-x+1,z     0.1750468513  0.4939897564  0.8516646761  -9.8694685541  -0.9532960927 0.3012940665  0.0211765233  -10.2730902930 -0.2461405279 -0.8155954917 0.5236590822  -2.0862201461  
5 'crystal symmetry operation' 5_655 -x+1,y,-z    -0.7790979254 0.5543419593  0.2927651189  -35.7940737797 0.5543419593  0.3910915431  0.7346784311  26.5123820818  0.2927651189  0.7346784311  -0.6119936177 -23.1924509951 
6 'crystal symmetry operation' 6_565 x,-y+1,-z    0.4290042228  -0.0950356230 -0.8982892670 -21.4067495777 -0.0950356230 -0.9936796760 0.0597405373  20.3246680993  -0.8982892670 0.0597405373  -0.4353245468 -36.2042654108 
7 'crystal symmetry operation' 7_555 y,x,-z       0.3867983208  0.9159306986  -0.1070421148 -22.7904545627 0.9159306986  -0.3950605275 -0.0706974889 31.3461483134  -0.1070421148 -0.0706974889 -0.9917377933 -27.0441648322 
8 'crystal symmetry operation' 8_665 -y+1,-x+1,-z -0.7368920234 -0.4566243623 -0.4984820334 -34.4103687947 -0.4566243623 -0.2075276055 0.8651164573  15.4909018677  -0.4984820334 0.8651164573  -0.0555803711 -32.3525515737 
# 
loop_
_struct_conf.conf_type_id 
_struct_conf.id 
_struct_conf.pdbx_PDB_helix_id 
_struct_conf.beg_label_comp_id 
_struct_conf.beg_label_asym_id 
_struct_conf.beg_label_seq_id 
_struct_conf.pdbx_beg_PDB_ins_code 
_struct_conf.end_label_comp_id 
_struct_conf.end_label_asym_id 
_struct_conf.end_label_seq_id 
_struct_conf.pdbx_end_PDB_ins_code 
_struct_conf.beg_auth_comp_id 
_struct_conf.beg_auth_asym_id 
_struct_conf.beg_auth_seq_id 
_struct_conf.end_auth_comp_id 
_struct_conf.end_auth_asym_id 
_struct_conf.end_auth_seq_id 
_struct_conf.pdbx_PDB_helix_class 
_struct_conf.details 
_struct_conf.pdbx_PDB_helix_length 
HELX_P HELX_P1 AA1 GLY A 2 ? GLY A 31 ? GLY A 102 GLY A 131 1 ? 30 
HELX_P HELX_P2 AA2 GLY B 2 ? GLY B 31 ? GLY B 102 GLY B 131 1 ? 30 
# 
_struct_conf_type.id          HELX_P 
_struct_conf_type.criteria    ? 
_struct_conf_type.reference   ? 
# 
loop_
_struct_conn.id 
_struct_conn.conn_type_id 
_struct_conn.pdbx_leaving_atom_flag 
_struct_conn.pdbx_PDB_id 
_struct_conn.ptnr1_label_asym_id 
_struct_conn.ptnr1_label_comp_id 
_struct_conn.ptnr1_label_seq_id 
_struct_conn.ptnr1_label_atom_id 
_struct_conn.pdbx_ptnr1_label_alt_id 
_struct_conn.pdbx_ptnr1_PDB_ins_code 
_struct_conn.pdbx_ptnr1_standard_comp_id 
_struct_conn.ptnr1_symmetry 
_struct_conn.ptnr2_label_asym_id 
_struct_conn.ptnr2_label_comp_id 
_struct_conn.ptnr2_label_seq_id 
_struct_conn.ptnr2_label_atom_id 
_struct_conn.pdbx_ptnr2_label_alt_id 
_struct_conn.pdbx_ptnr2_PDB_ins_code 
_struct_conn.ptnr1_auth_asym_id 
_struct_conn.ptnr1_auth_comp_id 
_struct_conn.ptnr1_auth_seq_id 
_struct_conn.ptnr2_auth_asym_id 
_struct_conn.ptnr2_auth_comp_id 
_struct_conn.ptnr2_auth_seq_id 
_struct_conn.ptnr2_symmetry 
_struct_conn.pdbx_ptnr3_label_atom_id 
_struct_conn.pdbx_ptnr3_label_seq_id 
_struct_conn.pdbx_ptnr3_label_comp_id 
_struct_conn.pdbx_ptnr3_label_asym_id 
_struct_conn.pdbx_ptnr3_label_alt_id 
_struct_conn.pdbx_ptnr3_PDB_ins_code 
_struct_conn.details 
_struct_conn.pdbx_dist_value 
_struct_conn.pdbx_value_order 
_struct_conn.pdbx_role 
covale1 covale both ? A ACE 1  C ? ? ? 1_555 A GLY 2  N ? ? A ACE 101 A GLY 102 1_555 ? ? ? ? ? ? ? 1.329 ? ? 
covale2 covale both ? A GLY 31 C ? ? ? 1_555 A NH2 32 N ? ? A GLY 131 A NH2 132 1_555 ? ? ? ? ? ? ? 1.430 ? ? 
covale3 covale both ? B ACE 1  C ? ? ? 1_555 B GLY 2  N ? ? B ACE 101 B GLY 102 1_555 ? ? ? ? ? ? ? 1.329 ? ? 
# 
_struct_conn_type.id          covale 
_struct_conn_type.criteria    ? 
_struct_conn_type.reference   ? 
# 
loop_
_pdbx_modification_feature.ordinal 
_pdbx_modification_feature.label_comp_id 
_pdbx_modification_feature.label_asym_id 
_pdbx_modification_feature.label_seq_id 
_pdbx_modification_feature.label_alt_id 
_pdbx_modification_feature.modified_residue_label_comp_id 
_pdbx_modification_feature.modified_residue_label_asym_id 
_pdbx_modification_feature.modified_residue_label_seq_id 
_pdbx_modification_feature.modified_residue_label_alt_id 
_pdbx_modification_feature.auth_comp_id 
_pdbx_modification_feature.auth_asym_id 
_pdbx_modification_feature.auth_seq_id 
_pdbx_modification_feature.PDB_ins_code 
_pdbx_modification_feature.symmetry 
_pdbx_modification_feature.modified_residue_auth_comp_id 
_pdbx_modification_feature.modified_residue_auth_asym_id 
_pdbx_modification_feature.modified_residue_auth_seq_id 
_pdbx_modification_feature.modified_residue_PDB_ins_code 
_pdbx_modification_feature.modified_residue_symmetry 
_pdbx_modification_feature.comp_id_linking_atom 
_pdbx_modification_feature.modified_residue_id_linking_atom 
_pdbx_modification_feature.modified_residue_id 
_pdbx_modification_feature.ref_pcm_id 
_pdbx_modification_feature.ref_comp_id 
_pdbx_modification_feature.type 
_pdbx_modification_feature.category 
1 ACE A 1  ? GLY A 2  ? ACE A 101 ? 1_555 GLY A 102 ? 1_555 . . GLY 12 ACE None 'Terminal acetylation' 
2 ACE B 1  ? GLY B 2  ? ACE B 101 ? 1_555 GLY B 102 ? 1_555 . . GLY 12 ACE None 'Terminal acetylation' 
3 NH2 A 32 ? GLY A 31 ? NH2 A 132 ? 1_555 GLY A 131 ? 1_555 . . GLY 12 NH2 None 'Terminal amidation'   
# 
_pdbx_entry_details.entry_id                   9F5A 
_pdbx_entry_details.has_ligand_of_interest     N 
_pdbx_entry_details.compound_details           ? 
_pdbx_entry_details.source_details             ? 
_pdbx_entry_details.nonpolymer_details         ? 
_pdbx_entry_details.sequence_details           ? 
_pdbx_entry_details.has_protein_modification   Y 
# 
_pdbx_validate_rmsd_angle.id                         1 
_pdbx_validate_rmsd_angle.PDB_model_num              1 
_pdbx_validate_rmsd_angle.auth_atom_id_1             O 
_pdbx_validate_rmsd_angle.auth_asym_id_1             A 
_pdbx_validate_rmsd_angle.auth_comp_id_1             GLY 
_pdbx_validate_rmsd_angle.auth_seq_id_1              131 
_pdbx_validate_rmsd_angle.PDB_ins_code_1             ? 
_pdbx_validate_rmsd_angle.label_alt_id_1             ? 
_pdbx_validate_rmsd_angle.auth_atom_id_2             C 
_pdbx_validate_rmsd_angle.auth_asym_id_2             A 
_pdbx_validate_rmsd_angle.auth_comp_id_2             GLY 
_pdbx_validate_rmsd_angle.auth_seq_id_2              131 
_pdbx_validate_rmsd_angle.PDB_ins_code_2             ? 
_pdbx_validate_rmsd_angle.label_alt_id_2             ? 
_pdbx_validate_rmsd_angle.auth_atom_id_3             N 
_pdbx_validate_rmsd_angle.auth_asym_id_3             A 
_pdbx_validate_rmsd_angle.auth_comp_id_3             NH2 
_pdbx_validate_rmsd_angle.auth_seq_id_3              132 
_pdbx_validate_rmsd_angle.PDB_ins_code_3             ? 
_pdbx_validate_rmsd_angle.label_alt_id_3             ? 
_pdbx_validate_rmsd_angle.angle_value                110.61 
_pdbx_validate_rmsd_angle.angle_target_value         122.70 
_pdbx_validate_rmsd_angle.angle_deviation            -12.09 
_pdbx_validate_rmsd_angle.angle_standard_deviation   1.60 
_pdbx_validate_rmsd_angle.linker_flag                Y 
# 
loop_
_pdbx_struct_special_symmetry.id 
_pdbx_struct_special_symmetry.PDB_model_num 
_pdbx_struct_special_symmetry.auth_asym_id 
_pdbx_struct_special_symmetry.auth_comp_id 
_pdbx_struct_special_symmetry.auth_seq_id 
_pdbx_struct_special_symmetry.PDB_ins_code 
_pdbx_struct_special_symmetry.label_asym_id 
_pdbx_struct_special_symmetry.label_comp_id 
_pdbx_struct_special_symmetry.label_seq_id 
1 1 A HOH 214 ? C HOH . 
2 1 A HOH 216 ? C HOH . 
3 1 B HOH 214 ? D HOH . 
# 
loop_
_space_group_symop.id 
_space_group_symop.operation_xyz 
1  x,y,z                
2  -y,x,z               
3  y,-x,z               
4  x,-y,-z              
5  -x,y,-z              
6  -x,-y,z              
7  y,x,-z               
8  -y,-x,-z             
9  x+1/2,y+1/2,z+1/2    
10 -y+1/2,x+1/2,z+1/2   
11 y+1/2,-x+1/2,z+1/2   
12 x+1/2,-y+1/2,-z+1/2  
13 -x+1/2,y+1/2,-z+1/2  
14 -x+1/2,-y+1/2,z+1/2  
15 y+1/2,x+1/2,-z+1/2   
16 -y+1/2,-x+1/2,-z+1/2 
# 
loop_
_pdbx_distant_solvent_atoms.id 
_pdbx_distant_solvent_atoms.PDB_model_num 
_pdbx_distant_solvent_atoms.auth_atom_id 
_pdbx_distant_solvent_atoms.label_alt_id 
_pdbx_distant_solvent_atoms.auth_asym_id 
_pdbx_distant_solvent_atoms.auth_comp_id 
_pdbx_distant_solvent_atoms.auth_seq_id 
_pdbx_distant_solvent_atoms.PDB_ins_code 
_pdbx_distant_solvent_atoms.neighbor_macromolecule_distance 
_pdbx_distant_solvent_atoms.neighbor_ligand_distance 
1 1 O ? A HOH 215 ? 6.18 . 
2 1 O ? A HOH 216 ? 6.59 . 
3 1 O ? A HOH 217 ? 6.63 . 
4 1 O ? A HOH 218 ? 7.10 . 
5 1 O ? B HOH 215 ? 6.08 . 
6 1 O ? B HOH 216 ? 6.41 . 
# 
_pdbx_unobs_or_zero_occ_residues.id               1 
_pdbx_unobs_or_zero_occ_residues.PDB_model_num    1 
_pdbx_unobs_or_zero_occ_residues.polymer_flag     Y 
_pdbx_unobs_or_zero_occ_residues.occupancy_flag   1 
_pdbx_unobs_or_zero_occ_residues.auth_asym_id     B 
_pdbx_unobs_or_zero_occ_residues.auth_comp_id     NH2 
_pdbx_unobs_or_zero_occ_residues.auth_seq_id      132 
_pdbx_unobs_or_zero_occ_residues.PDB_ins_code     ? 
_pdbx_unobs_or_zero_occ_residues.label_asym_id    B 
_pdbx_unobs_or_zero_occ_residues.label_comp_id    NH2 
_pdbx_unobs_or_zero_occ_residues.label_seq_id     32 
# 
loop_
_chem_comp_atom.comp_id 
_chem_comp_atom.atom_id 
_chem_comp_atom.type_symbol 
_chem_comp_atom.pdbx_aromatic_flag 
_chem_comp_atom.pdbx_stereo_config 
_chem_comp_atom.pdbx_ordinal 
ACE C    C N N 1   
ACE O    O N N 2   
ACE CH3  C N N 3   
ACE H    H N N 4   
ACE H1   H N N 5   
ACE H2   H N N 6   
ACE H3   H N N 7   
ALA N    N N N 8   
ALA CA   C N S 9   
ALA C    C N N 10  
ALA O    O N N 11  
ALA CB   C N N 12  
ALA OXT  O N N 13  
ALA H    H N N 14  
ALA H2   H N N 15  
ALA HA   H N N 16  
ALA HB1  H N N 17  
ALA HB2  H N N 18  
ALA HB3  H N N 19  
ALA HXT  H N N 20  
GLN N    N N N 21  
GLN CA   C N S 22  
GLN C    C N N 23  
GLN O    O N N 24  
GLN CB   C N N 25  
GLN CG   C N N 26  
GLN CD   C N N 27  
GLN OE1  O N N 28  
GLN NE2  N N N 29  
GLN OXT  O N N 30  
GLN H    H N N 31  
GLN H2   H N N 32  
GLN HA   H N N 33  
GLN HB2  H N N 34  
GLN HB3  H N N 35  
GLN HG2  H N N 36  
GLN HG3  H N N 37  
GLN HE21 H N N 38  
GLN HE22 H N N 39  
GLN HXT  H N N 40  
GLU N    N N N 41  
GLU CA   C N S 42  
GLU C    C N N 43  
GLU O    O N N 44  
GLU CB   C N N 45  
GLU CG   C N N 46  
GLU CD   C N N 47  
GLU OE1  O N N 48  
GLU OE2  O N N 49  
GLU OXT  O N N 50  
GLU H    H N N 51  
GLU H2   H N N 52  
GLU HA   H N N 53  
GLU HB2  H N N 54  
GLU HB3  H N N 55  
GLU HG2  H N N 56  
GLU HG3  H N N 57  
GLU HE2  H N N 58  
GLU HXT  H N N 59  
GLY N    N N N 60  
GLY CA   C N N 61  
GLY C    C N N 62  
GLY O    O N N 63  
GLY OXT  O N N 64  
GLY H    H N N 65  
GLY H2   H N N 66  
GLY HA2  H N N 67  
GLY HA3  H N N 68  
GLY HXT  H N N 69  
HOH O    O N N 70  
HOH H1   H N N 71  
HOH H2   H N N 72  
ILE N    N N N 73  
ILE CA   C N S 74  
ILE C    C N N 75  
ILE O    O N N 76  
ILE CB   C N S 77  
ILE CG1  C N N 78  
ILE CG2  C N N 79  
ILE CD1  C N N 80  
ILE OXT  O N N 81  
ILE H    H N N 82  
ILE H2   H N N 83  
ILE HA   H N N 84  
ILE HB   H N N 85  
ILE HG12 H N N 86  
ILE HG13 H N N 87  
ILE HG21 H N N 88  
ILE HG22 H N N 89  
ILE HG23 H N N 90  
ILE HD11 H N N 91  
ILE HD12 H N N 92  
ILE HD13 H N N 93  
ILE HXT  H N N 94  
LYS N    N N N 95  
LYS CA   C N S 96  
LYS C    C N N 97  
LYS O    O N N 98  
LYS CB   C N N 99  
LYS CG   C N N 100 
LYS CD   C N N 101 
LYS CE   C N N 102 
LYS NZ   N N N 103 
LYS OXT  O N N 104 
LYS H    H N N 105 
LYS H2   H N N 106 
LYS HA   H N N 107 
LYS HB2  H N N 108 
LYS HB3  H N N 109 
LYS HG2  H N N 110 
LYS HG3  H N N 111 
LYS HD2  H N N 112 
LYS HD3  H N N 113 
LYS HE2  H N N 114 
LYS HE3  H N N 115 
LYS HZ1  H N N 116 
LYS HZ2  H N N 117 
LYS HZ3  H N N 118 
LYS HXT  H N N 119 
NH2 N    N N N 120 
NH2 HN1  H N N 121 
NH2 HN2  H N N 122 
PHE N    N N N 123 
PHE CA   C N S 124 
PHE C    C N N 125 
PHE O    O N N 126 
PHE CB   C N N 127 
PHE CG   C Y N 128 
PHE CD1  C Y N 129 
PHE CD2  C Y N 130 
PHE CE1  C Y N 131 
PHE CE2  C Y N 132 
PHE CZ   C Y N 133 
PHE OXT  O N N 134 
PHE H    H N N 135 
PHE H2   H N N 136 
PHE HA   H N N 137 
PHE HB2  H N N 138 
PHE HB3  H N N 139 
PHE HD1  H N N 140 
PHE HD2  H N N 141 
PHE HE1  H N N 142 
PHE HE2  H N N 143 
PHE HZ   H N N 144 
PHE HXT  H N N 145 
TRP N    N N N 146 
TRP CA   C N S 147 
TRP C    C N N 148 
TRP O    O N N 149 
TRP CB   C N N 150 
TRP CG   C Y N 151 
TRP CD1  C Y N 152 
TRP CD2  C Y N 153 
TRP NE1  N Y N 154 
TRP CE2  C Y N 155 
TRP CE3  C Y N 156 
TRP CZ2  C Y N 157 
TRP CZ3  C Y N 158 
TRP CH2  C Y N 159 
TRP OXT  O N N 160 
TRP H    H N N 161 
TRP H2   H N N 162 
TRP HA   H N N 163 
TRP HB2  H N N 164 
TRP HB3  H N N 165 
TRP HD1  H N N 166 
TRP HE1  H N N 167 
TRP HE3  H N N 168 
TRP HZ2  H N N 169 
TRP HZ3  H N N 170 
TRP HH2  H N N 171 
TRP HXT  H N N 172 
VAL N    N N N 173 
VAL CA   C N S 174 
VAL C    C N N 175 
VAL O    O N N 176 
VAL CB   C N N 177 
VAL CG1  C N N 178 
VAL CG2  C N N 179 
VAL OXT  O N N 180 
VAL H    H N N 181 
VAL H2   H N N 182 
VAL HA   H N N 183 
VAL HB   H N N 184 
VAL HG11 H N N 185 
VAL HG12 H N N 186 
VAL HG13 H N N 187 
VAL HG21 H N N 188 
VAL HG22 H N N 189 
VAL HG23 H N N 190 
VAL HXT  H N N 191 
# 
loop_
_chem_comp_bond.comp_id 
_chem_comp_bond.atom_id_1 
_chem_comp_bond.atom_id_2 
_chem_comp_bond.value_order 
_chem_comp_bond.pdbx_aromatic_flag 
_chem_comp_bond.pdbx_stereo_config 
_chem_comp_bond.pdbx_ordinal 
ACE C   O    doub N N 1   
ACE C   CH3  sing N N 2   
ACE C   H    sing N N 3   
ACE CH3 H1   sing N N 4   
ACE CH3 H2   sing N N 5   
ACE CH3 H3   sing N N 6   
ALA N   CA   sing N N 7   
ALA N   H    sing N N 8   
ALA N   H2   sing N N 9   
ALA CA  C    sing N N 10  
ALA CA  CB   sing N N 11  
ALA CA  HA   sing N N 12  
ALA C   O    doub N N 13  
ALA C   OXT  sing N N 14  
ALA CB  HB1  sing N N 15  
ALA CB  HB2  sing N N 16  
ALA CB  HB3  sing N N 17  
ALA OXT HXT  sing N N 18  
GLN N   CA   sing N N 19  
GLN N   H    sing N N 20  
GLN N   H2   sing N N 21  
GLN CA  C    sing N N 22  
GLN CA  CB   sing N N 23  
GLN CA  HA   sing N N 24  
GLN C   O    doub N N 25  
GLN C   OXT  sing N N 26  
GLN CB  CG   sing N N 27  
GLN CB  HB2  sing N N 28  
GLN CB  HB3  sing N N 29  
GLN CG  CD   sing N N 30  
GLN CG  HG2  sing N N 31  
GLN CG  HG3  sing N N 32  
GLN CD  OE1  doub N N 33  
GLN CD  NE2  sing N N 34  
GLN NE2 HE21 sing N N 35  
GLN NE2 HE22 sing N N 36  
GLN OXT HXT  sing N N 37  
GLU N   CA   sing N N 38  
GLU N   H    sing N N 39  
GLU N   H2   sing N N 40  
GLU CA  C    sing N N 41  
GLU CA  CB   sing N N 42  
GLU CA  HA   sing N N 43  
GLU C   O    doub N N 44  
GLU C   OXT  sing N N 45  
GLU CB  CG   sing N N 46  
GLU CB  HB2  sing N N 47  
GLU CB  HB3  sing N N 48  
GLU CG  CD   sing N N 49  
GLU CG  HG2  sing N N 50  
GLU CG  HG3  sing N N 51  
GLU CD  OE1  doub N N 52  
GLU CD  OE2  sing N N 53  
GLU OE2 HE2  sing N N 54  
GLU OXT HXT  sing N N 55  
GLY N   CA   sing N N 56  
GLY N   H    sing N N 57  
GLY N   H2   sing N N 58  
GLY CA  C    sing N N 59  
GLY CA  HA2  sing N N 60  
GLY CA  HA3  sing N N 61  
GLY C   O    doub N N 62  
GLY C   OXT  sing N N 63  
GLY OXT HXT  sing N N 64  
HOH O   H1   sing N N 65  
HOH O   H2   sing N N 66  
ILE N   CA   sing N N 67  
ILE N   H    sing N N 68  
ILE N   H2   sing N N 69  
ILE CA  C    sing N N 70  
ILE CA  CB   sing N N 71  
ILE CA  HA   sing N N 72  
ILE C   O    doub N N 73  
ILE C   OXT  sing N N 74  
ILE CB  CG1  sing N N 75  
ILE CB  CG2  sing N N 76  
ILE CB  HB   sing N N 77  
ILE CG1 CD1  sing N N 78  
ILE CG1 HG12 sing N N 79  
ILE CG1 HG13 sing N N 80  
ILE CG2 HG21 sing N N 81  
ILE CG2 HG22 sing N N 82  
ILE CG2 HG23 sing N N 83  
ILE CD1 HD11 sing N N 84  
ILE CD1 HD12 sing N N 85  
ILE CD1 HD13 sing N N 86  
ILE OXT HXT  sing N N 87  
LYS N   CA   sing N N 88  
LYS N   H    sing N N 89  
LYS N   H2   sing N N 90  
LYS CA  C    sing N N 91  
LYS CA  CB   sing N N 92  
LYS CA  HA   sing N N 93  
LYS C   O    doub N N 94  
LYS C   OXT  sing N N 95  
LYS CB  CG   sing N N 96  
LYS CB  HB2  sing N N 97  
LYS CB  HB3  sing N N 98  
LYS CG  CD   sing N N 99  
LYS CG  HG2  sing N N 100 
LYS CG  HG3  sing N N 101 
LYS CD  CE   sing N N 102 
LYS CD  HD2  sing N N 103 
LYS CD  HD3  sing N N 104 
LYS CE  NZ   sing N N 105 
LYS CE  HE2  sing N N 106 
LYS CE  HE3  sing N N 107 
LYS NZ  HZ1  sing N N 108 
LYS NZ  HZ2  sing N N 109 
LYS NZ  HZ3  sing N N 110 
LYS OXT HXT  sing N N 111 
NH2 N   HN1  sing N N 112 
NH2 N   HN2  sing N N 113 
PHE N   CA   sing N N 114 
PHE N   H    sing N N 115 
PHE N   H2   sing N N 116 
PHE CA  C    sing N N 117 
PHE CA  CB   sing N N 118 
PHE CA  HA   sing N N 119 
PHE C   O    doub N N 120 
PHE C   OXT  sing N N 121 
PHE CB  CG   sing N N 122 
PHE CB  HB2  sing N N 123 
PHE CB  HB3  sing N N 124 
PHE CG  CD1  doub Y N 125 
PHE CG  CD2  sing Y N 126 
PHE CD1 CE1  sing Y N 127 
PHE CD1 HD1  sing N N 128 
PHE CD2 CE2  doub Y N 129 
PHE CD2 HD2  sing N N 130 
PHE CE1 CZ   doub Y N 131 
PHE CE1 HE1  sing N N 132 
PHE CE2 CZ   sing Y N 133 
PHE CE2 HE2  sing N N 134 
PHE CZ  HZ   sing N N 135 
PHE OXT HXT  sing N N 136 
TRP N   CA   sing N N 137 
TRP N   H    sing N N 138 
TRP N   H2   sing N N 139 
TRP CA  C    sing N N 140 
TRP CA  CB   sing N N 141 
TRP CA  HA   sing N N 142 
TRP C   O    doub N N 143 
TRP C   OXT  sing N N 144 
TRP CB  CG   sing N N 145 
TRP CB  HB2  sing N N 146 
TRP CB  HB3  sing N N 147 
TRP CG  CD1  doub Y N 148 
TRP CG  CD2  sing Y N 149 
TRP CD1 NE1  sing Y N 150 
TRP CD1 HD1  sing N N 151 
TRP CD2 CE2  doub Y N 152 
TRP CD2 CE3  sing Y N 153 
TRP NE1 CE2  sing Y N 154 
TRP NE1 HE1  sing N N 155 
TRP CE2 CZ2  sing Y N 156 
TRP CE3 CZ3  doub Y N 157 
TRP CE3 HE3  sing N N 158 
TRP CZ2 CH2  doub Y N 159 
TRP CZ2 HZ2  sing N N 160 
TRP CZ3 CH2  sing Y N 161 
TRP CZ3 HZ3  sing N N 162 
TRP CH2 HH2  sing N N 163 
TRP OXT HXT  sing N N 164 
VAL N   CA   sing N N 165 
VAL N   H    sing N N 166 
VAL N   H2   sing N N 167 
VAL CA  C    sing N N 168 
VAL CA  CB   sing N N 169 
VAL CA  HA   sing N N 170 
VAL C   O    doub N N 171 
VAL C   OXT  sing N N 172 
VAL CB  CG1  sing N N 173 
VAL CB  CG2  sing N N 174 
VAL CB  HB   sing N N 175 
VAL CG1 HG11 sing N N 176 
VAL CG1 HG12 sing N N 177 
VAL CG1 HG13 sing N N 178 
VAL CG2 HG21 sing N N 179 
VAL CG2 HG22 sing N N 180 
VAL CG2 HG23 sing N N 181 
VAL OXT HXT  sing N N 182 
# 
_pdbx_audit_support.funding_organization   'Biotechnology and Biological Sciences Research Council (BBSRC)' 
_pdbx_audit_support.country                'United Kingdom' 
_pdbx_audit_support.grant_number           ? 
_pdbx_audit_support.ordinal                1 
# 
_pdbx_initial_refinement_model.id               1 
_pdbx_initial_refinement_model.entity_id_list   ? 
_pdbx_initial_refinement_model.type             'in silico model' 
_pdbx_initial_refinement_model.source_name      Other 
_pdbx_initial_refinement_model.accession_code   ? 
_pdbx_initial_refinement_model.details          ISAMBARD 
# 
_space_group.name_H-M_alt     'I 4 2 2' 
_space_group.name_Hall        'I 4 2' 
_space_group.IT_number        97 
_space_group.crystal_system   tetragonal 
_space_group.id               1 
# 
_atom_sites.entry_id                    9F5A 
_atom_sites.Cartn_transf_matrix[1][1]   ? 
_atom_sites.Cartn_transf_matrix[1][2]   ? 
_atom_sites.Cartn_transf_matrix[1][3]   ? 
_atom_sites.Cartn_transf_matrix[2][1]   ? 
_atom_sites.Cartn_transf_matrix[2][2]   ? 
_atom_sites.Cartn_transf_matrix[2][3]   ? 
_atom_sites.Cartn_transf_matrix[3][1]   ? 
_atom_sites.Cartn_transf_matrix[3][2]   ? 
_atom_sites.Cartn_transf_matrix[3][3]   ? 
_atom_sites.Cartn_transf_vector[1]      ? 
_atom_sites.Cartn_transf_vector[2]      ? 
_atom_sites.Cartn_transf_vector[3]      ? 
_atom_sites.Cartn_transform_axes        ? 
_atom_sites.fract_transf_matrix[1][1]   -0.01757426 
_atom_sites.fract_transf_matrix[1][2]   0.00116877 
_atom_sites.fract_transf_matrix[1][3]   0.01104739 
_atom_sites.fract_transf_matrix[2][1]   -0.00690972 
_atom_sites.fract_transf_matrix[2][2]   -0.01733957 
_atom_sites.fract_transf_matrix[2][3]   -0.00915756 
_atom_sites.fract_transf_matrix[3][1]   0.00329061 
_atom_sites.fract_transf_matrix[3][2]   -0.00431712 
_atom_sites.fract_transf_matrix[3][3]   0.00569145 
_atom_sites.fract_transf_vector[1]      0.298090 
_atom_sites.fract_transf_vector[2]      0.436485 
_atom_sites.fract_transf_vector[3]      0.182120 
_atom_sites.solution_primary            ? 
_atom_sites.solution_secondary          ? 
_atom_sites.solution_hydrogens          ? 
_atom_sites.special_details             ? 
# 
loop_
_atom_type.symbol 
_atom_type.scat_dispersion_real 
_atom_type.scat_dispersion_imag 
_atom_type.scat_Cromer_Mann_a1 
_atom_type.scat_Cromer_Mann_a2 
_atom_type.scat_Cromer_Mann_a3 
_atom_type.scat_Cromer_Mann_a4 
_atom_type.scat_Cromer_Mann_b1 
_atom_type.scat_Cromer_Mann_b2 
_atom_type.scat_Cromer_Mann_b3 
_atom_type.scat_Cromer_Mann_b4 
_atom_type.scat_Cromer_Mann_c 
_atom_type.scat_source 
_atom_type.scat_dispersion_source 
C   ? ? 3.54356 2.42580 ? ? 25.62398 1.50364  ? ? 0.0 
;2-Gaussian fit: Grosse-Kunstleve RW, Sauter NK, Adams PD: Newsletter of the IUCr Commission on Crystallographic Computing 2004, 3, 22-31.
;
? 
N   ? ? 4.01032 2.96436 ? ? 19.97189 1.75589  ? ? 0.0 
;2-Gaussian fit: Grosse-Kunstleve RW, Sauter NK, Adams PD: Newsletter of the IUCr Commission on Crystallographic Computing 2004, 3, 22-31.
;
? 
O   ? ? 4.49882 3.47563 ? ? 15.80542 1.70748  ? ? 0.0 
;2-Gaussian fit: Grosse-Kunstleve RW, Sauter NK, Adams PD: Newsletter of the IUCr Commission on Crystallographic Computing 2004, 3, 22-31.
;
? 
O1- ? ? 5.12366 3.84317 ? ? 3.49406  27.47979 ? ? 0.0 
;2-Gaussian fit: Grosse-Kunstleve RW, Sauter NK, Adams PD: Newsletter of the IUCr Commission on Crystallographic Computing 2004, 3, 22-31.
;
? 
# 
loop_
_atom_site.group_PDB 
_atom_site.id 
_atom_site.type_symbol 
_atom_site.label_atom_id 
_atom_site.label_alt_id 
_atom_site.label_comp_id 
_atom_site.label_asym_id 
_atom_site.label_entity_id 
_atom_site.label_seq_id 
_atom_site.pdbx_PDB_ins_code 
_atom_site.Cartn_x 
_atom_site.Cartn_y 
_atom_site.Cartn_z 
_atom_site.occupancy 
_atom_site.B_iso_or_equiv 
_atom_site.pdbx_formal_charge 
_atom_site.auth_seq_id 
_atom_site.auth_comp_id 
_atom_site.auth_asym_id 
_atom_site.auth_atom_id 
_atom_site.pdbx_PDB_model_num 
HETATM 1   C C   . ACE A 1 1  ? -4.58723  18.52101  -12.46649 1.000 44.17635 ?  101 ACE A C   1 
HETATM 2   O O   . ACE A 1 1  ? -4.92938  19.54804  -11.88487 1.000 48.73742 ?  101 ACE A O   1 
HETATM 3   C CH3 . ACE A 1 1  ? -3.18000  18.30140  -12.93538 1.000 51.65619 ?  101 ACE A CH3 1 
ATOM   4   N N   . GLY A 1 2  ? -5.43900  17.53322  -12.72330 1.000 36.39384 ?  102 GLY A N   1 
ATOM   5   C CA  . GLY A 1 2  ? -6.83395  17.59647  -12.33313 1.000 39.22312 ?  102 GLY A CA  1 
ATOM   6   C C   . GLY A 1 2  ? -7.07859  17.54878  -10.83905 1.000 41.99188 ?  102 GLY A C   1 
ATOM   7   O O   . GLY A 1 2  ? -6.36185  16.87269  -10.09970 1.000 36.10170 ?  102 GLY A O   1 
ATOM   8   N N   . GLU A 1 3  ? -8.11085  18.27170  -10.40279 1.000 37.54924 ?  103 GLU A N   1 
ATOM   9   C CA  . GLU A 1 3  ? -8.43820  18.32509  -8.98321  1.000 37.28342 ?  103 GLU A CA  1 
ATOM   10  C C   . GLU A 1 3  ? -8.83729  16.95175  -8.45651  1.000 37.68083 ?  103 GLU A C   1 
ATOM   11  O O   . GLU A 1 3  ? -8.32008  16.49146  -7.43260  1.000 39.37577 ?  103 GLU A O   1 
ATOM   12  C CB  . GLU A 1 3  ? -9.56109  19.33427  -8.74588  1.000 41.38917 ?  103 GLU A CB  1 
ATOM   13  C CG  . GLU A 1 3  ? -9.67827  19.80560  -7.30907  1.000 51.69830 ?  103 GLU A CG  1 
ATOM   14  C CD  . GLU A 1 3  ? -11.01062 20.46915  -7.02210  1.000 50.20076 ?  103 GLU A CD  1 
ATOM   15  O OE1 . GLU A 1 3  ? -11.89875 20.44210  -7.90136  1.000 50.66397 ?  103 GLU A OE1 1 
ATOM   16  O OE2 . GLU A 1 3  ? -11.18434 21.00256  -5.90764  1.000 60.22564 -1 103 GLU A OE2 1 
ATOM   17  N N   . ILE A 1 4  ? -9.76853  16.28714  -9.14495  1.000 30.97213 ?  104 ILE A N   1 
ATOM   18  C CA  . ILE A 1 4  ? -10.24452 14.98439  -8.69161  1.000 30.32469 ?  104 ILE A CA  1 
ATOM   19  C C   . ILE A 1 4  ? -9.14430  13.93615  -8.81971  1.000 35.35161 ?  104 ILE A C   1 
ATOM   20  O O   . ILE A 1 4  ? -8.97114  13.08822  -7.93513  1.000 32.24334 ?  104 ILE A O   1 
ATOM   21  C CB  . ILE A 1 4  ? -11.51330 14.58643  -9.46906  1.000 35.33582 ?  104 ILE A CB  1 
ATOM   22  C CG1 . ILE A 1 4  ? -12.72267 15.35023  -8.93118  1.000 34.48835 ?  104 ILE A CG1 1 
ATOM   23  C CG2 . ILE A 1 4  ? -11.76077 13.08877  -9.37306  1.000 26.91639 ?  104 ILE A CG2 1 
ATOM   24  C CD1 . ILE A 1 4  ? -13.99340 15.12716  -9.72272  1.000 42.46299 ?  104 ILE A CD1 1 
ATOM   25  N N   . ALA A 1 5  ? -8.38057  13.97996  -9.91484  1.000 31.79592 ?  105 ALA A N   1 
ATOM   26  C CA  . ALA A 1 5  ? -7.30418  13.01162  -10.10813 1.000 29.72462 ?  105 ALA A CA  1 
ATOM   27  C C   . ALA A 1 5  ? -6.24034  13.13858  -9.02391  1.000 37.00180 ?  105 ALA A C   1 
ATOM   28  O O   . ALA A 1 5  ? -5.72622  12.12880  -8.52831  1.000 32.99869 ?  105 ALA A O   1 
ATOM   29  C CB  . ALA A 1 5  ? -6.68199  13.18826  -11.49328 1.000 35.89904 ?  105 ALA A CB  1 
ATOM   30  N N   . GLN A 1 6  ? -5.89686  14.37062  -8.64172  1.000 36.54649 ?  106 GLN A N   1 
ATOM   31  C CA  . GLN A 1 6  ? -4.90611  14.56475  -7.58866  1.000 34.21200 ?  106 GLN A CA  1 
ATOM   32  C C   . GLN A 1 6  ? -5.41511  14.04811  -6.24908  1.000 35.11737 ?  106 GLN A C   1 
ATOM   33  O O   . GLN A 1 6  ? -4.64785  13.47691  -5.46492  1.000 33.14345 ?  106 GLN A O   1 
ATOM   34  C CB  . GLN A 1 6  ? -4.52655  16.04231  -7.48746  1.000 34.70416 ?  106 GLN A CB  1 
ATOM   35  C CG  . GLN A 1 6  ? -3.56378  16.51173  -8.56692  1.000 43.65260 ?  106 GLN A CG  1 
ATOM   36  N N   . ALA A 1 7  ? -6.70734  14.23596  -5.97027  1.000 27.83492 ?  107 ALA A N   1 
ATOM   37  C CA  . ALA A 1 7  ? -7.27376  13.72437  -4.72633  1.000 32.47495 ?  107 ALA A CA  1 
ATOM   38  C C   . ALA A 1 7  ? -7.26651  12.20035  -4.70224  1.000 36.91495 ?  107 ALA A C   1 
ATOM   39  O O   . ALA A 1 7  ? -7.02540  11.59159  -3.65204  1.000 35.14632 ?  107 ALA A O   1 
ATOM   40  C CB  . ALA A 1 7  ? -8.69150  14.26169  -4.53549  1.000 27.98757 ?  107 ALA A CB  1 
ATOM   41  N N   . ILE A 1 8  ? -7.52398  11.56780  -5.84851  1.000 29.51143 ?  108 ILE A N   1 
ATOM   42  C CA  . ILE A 1 8  ? -7.46465  10.11063  -5.91991  1.000 31.16689 ?  108 ILE A CA  1 
ATOM   43  C C   . ILE A 1 8  ? -6.03510  9.62606   -5.71550  1.000 35.36477 ?  108 ILE A C   1 
ATOM   44  O O   . ILE A 1 8  ? -5.79864  8.59961   -5.06512  1.000 29.34826 ?  108 ILE A O   1 
ATOM   45  C CB  . ILE A 1 8  ? -8.05229  9.61891   -7.25626  1.000 31.14847 ?  108 ILE A CB  1 
ATOM   46  C CG1 . ILE A 1 8  ? -9.54338  9.95136   -7.33734  1.000 27.47961 ?  108 ILE A CG1 1 
ATOM   47  C CG2 . ILE A 1 8  ? -7.84421  8.12244   -7.41998  1.000 28.12442 ?  108 ILE A CG2 1 
ATOM   48  C CD1 . ILE A 1 8  ? -10.15293 9.69168   -8.69922  1.000 34.17778 ?  108 ILE A CD1 1 
ATOM   49  N N   . LYS A 1 9  ? -5.05680  10.35865  -6.25608  1.000 30.15625 ?  109 LYS A N   1 
ATOM   50  C CA  . LYS A 1 9  ? -3.65968  10.00260  -6.03218  1.000 33.58824 ?  109 LYS A CA  1 
ATOM   51  C C   . LYS A 1 9  ? -3.28040  10.12461  -4.56283  1.000 34.91208 ?  109 LYS A C   1 
ATOM   52  O O   . LYS A 1 9  ? -2.41003  9.38727   -4.08451  1.000 31.67485 ?  109 LYS A O   1 
ATOM   53  C CB  . LYS A 1 9  ? -2.74601  10.87228  -6.89710  1.000 32.58812 ?  109 LYS A CB  1 
ATOM   54  C CG  . LYS A 1 9  ? -2.88947  10.62061  -8.38972  1.000 38.40987 ?  109 LYS A CG  1 
ATOM   55  C CD  . LYS A 1 9  ? -1.62029  10.98450  -9.14184  1.000 42.73407 ?  109 LYS A CD  1 
ATOM   56  C CE  . LYS A 1 9  ? -1.62537  12.44669  -9.55679  1.000 48.09787 ?  109 LYS A CE  1 
ATOM   57  N N   . GLU A 1 10 ? -3.91224  11.04833  -3.83265  1.000 31.28007 ?  110 GLU A N   1 
ATOM   58  C CA  A GLU A 1 10 ? -3.63992  11.16670  -2.40510  0.660 31.70380 ?  110 GLU A CA  1 
ATOM   59  C CA  B GLU A 1 10 ? -3.63992  11.16670  -2.40510  0.340 31.74854 ?  110 GLU A CA  1 
ATOM   60  C C   . GLU A 1 10 ? -4.10282  9.93168   -1.64262  1.000 31.01951 ?  110 GLU A C   1 
ATOM   61  O O   . GLU A 1 10 ? -3.50221  9.57475   -0.62306  1.000 33.27767 ?  110 GLU A O   1 
ATOM   62  C CB  A GLU A 1 10 ? -4.30592  12.42329  -1.84351  0.660 30.26942 ?  110 GLU A CB  1 
ATOM   63  C CB  B GLU A 1 10 ? -4.30551  12.42170  -1.84081  0.340 30.23784 ?  110 GLU A CB  1 
ATOM   64  C CG  A GLU A 1 10 ? -3.60144  13.71688  -2.22034  0.660 32.73814 ?  110 GLU A CG  1 
ATOM   65  C CG  B GLU A 1 10 ? -3.67214  13.72400  -2.30534  0.340 32.63549 ?  110 GLU A CG  1 
ATOM   66  C CD  A GLU A 1 10 ? -2.12109  13.69192  -1.89153  0.660 32.92763 ?  110 GLU A CD  1 
ATOM   67  C CD  B GLU A 1 10 ? -4.34173  14.94435  -1.70422  0.340 30.30627 ?  110 GLU A CD  1 
ATOM   68  N N   . ILE A 1 11 ? -5.16126  9.27241   -2.11804  1.000 27.87176 ?  111 ILE A N   1 
ATOM   69  C CA  . ILE A 1 11 ? -5.61209  8.03911   -1.48146  1.000 28.01125 ?  111 ILE A CA  1 
ATOM   70  C C   . ILE A 1 11 ? -4.58703  6.93505   -1.69689  1.000 30.82738 ?  111 ILE A C   1 
ATOM   71  O O   . ILE A 1 11 ? -4.26651  6.17581   -0.77357  1.000 30.14309 ?  111 ILE A O   1 
ATOM   72  C CB  . ILE A 1 11 ? -6.99929  7.63693   -2.01400  1.000 28.47183 ?  111 ILE A CB  1 
ATOM   73  C CG1 . ILE A 1 11 ? -8.07631  8.58824   -1.49056  1.000 30.41417 ?  111 ILE A CG1 1 
ATOM   74  C CG2 . ILE A 1 11 ? -7.32913  6.20141   -1.62840  1.000 25.23460 ?  111 ILE A CG2 1 
ATOM   75  C CD1 . ILE A 1 11 ? -9.47566  8.21442   -1.92685  1.000 28.29550 ?  111 ILE A CD1 1 
ATOM   76  N N   . ALA A 1 12 ? -4.04687  6.83509   -2.91415  1.000 28.95874 ?  112 ALA A N   1 
ATOM   77  C CA  . ALA A 1 12 ? -3.01893  5.83862   -3.19472  1.000 30.28258 ?  112 ALA A CA  1 
ATOM   78  C C   . ALA A 1 12 ? -1.77982  6.06563   -2.33909  1.000 34.51203 ?  112 ALA A C   1 
ATOM   79  O O   . ALA A 1 12 ? -1.15900  5.10645   -1.86543  1.000 30.97477 ?  112 ALA A O   1 
ATOM   80  C CB  . ALA A 1 12 ? -2.65588  5.86251   -4.67859  1.000 28.91136 ?  112 ALA A CB  1 
ATOM   81  N N   . LYS A 1 13 ? -1.40141  7.32970   -2.13245  1.000 32.88552 ?  113 LYS A N   1 
ATOM   82  C CA  . LYS A 1 13 ? -0.26467  7.62656   -1.26828  1.000 32.56969 ?  113 LYS A CA  1 
ATOM   83  C C   . LYS A 1 13 ? -0.54556  7.20933   0.16959   1.000 33.63824 ?  113 LYS A C   1 
ATOM   84  O O   . LYS A 1 13 ? 0.35271   6.73255   0.87362   1.000 32.75130 ?  113 LYS A O   1 
ATOM   85  C CB  . LYS A 1 13 ? 0.07236   9.11644   -1.33767  1.000 36.29909 ?  113 LYS A CB  1 
ATOM   86  C CG  . LYS A 1 13 ? 0.83897   9.52654   -2.58363  1.000 44.76326 ?  113 LYS A CG  1 
ATOM   87  C CD  . LYS A 1 13 ? 0.99333   11.03765  -2.65981  1.000 41.49445 ?  113 LYS A CD  1 
ATOM   88  C CE  . LYS A 1 13 ? 1.22034   11.50004  -4.09031  1.000 50.02179 ?  113 LYS A CE  1 
ATOM   89  N N   . ALA A 1 14 ? -1.78995  7.37828   0.62060   1.000 27.69543 ?  114 ALA A N   1 
ATOM   90  C CA  . ALA A 1 14 ? -2.14854  6.96849   1.97361   1.000 29.50091 ?  114 ALA A CA  1 
ATOM   91  C C   . ALA A 1 14 ? -2.15203  5.45048   2.10795   1.000 29.41932 ?  114 ALA A C   1 
ATOM   92  O O   . ALA A 1 14 ? -1.75888  4.91416   3.15146   1.000 34.29095 ?  114 ALA A O   1 
ATOM   93  C CB  . ALA A 1 14 ? -3.51110  7.54718   2.35324   1.000 30.52471 ?  114 ALA A CB  1 
ATOM   94  N N   . ILE A 1 15 ? -2.59409  4.74205   1.06752   1.000 25.31356 ?  115 ILE A N   1 
ATOM   95  C CA  . ILE A 1 15 ? -2.55783  3.28318   1.10075   1.000 31.35639 ?  115 ILE A CA  1 
ATOM   96  C C   . ILE A 1 15 ? -1.11600  2.78759   1.11696   1.000 34.72785 ?  115 ILE A C   1 
ATOM   97  O O   . ILE A 1 15 ? -0.79510  1.78992   1.77629   1.000 31.19058 ?  115 ILE A O   1 
ATOM   98  C CB  . ILE A 1 15 ? -3.35353  2.70134   -0.08279  1.000 31.99068 ?  115 ILE A CB  1 
ATOM   99  C CG1 . ILE A 1 15 ? -4.81042  3.16406   -0.02540  1.000 29.53249 ?  115 ILE A CG1 1 
ATOM   100 C CG2 . ILE A 1 15 ? -3.29093  1.18250   -0.07848  1.000 28.62448 ?  115 ILE A CG2 1 
ATOM   101 C CD1 . ILE A 1 15 ? -5.66506  2.64093   -1.16212  1.000 28.45604 ?  115 ILE A CD1 1 
ATOM   102 N N   . LYS A 1 16 ? -0.22228  3.47905   0.40477   1.000 31.28796 ?  116 LYS A N   1 
ATOM   103 C CA  . LYS A 1 16 ? 1.19647   3.14021   0.47307   1.000 31.96699 ?  116 LYS A CA  1 
ATOM   104 C C   . LYS A 1 16 ? 1.73986   3.34719   1.88020   1.000 33.46717 ?  116 LYS A C   1 
ATOM   105 O O   . LYS A 1 16 ? 2.60457   2.59058   2.34025   1.000 32.26703 ?  116 LYS A O   1 
ATOM   106 C CB  . LYS A 1 16 ? 1.98732   3.97198   -0.53617  1.000 36.43332 ?  116 LYS A CB  1 
ATOM   107 C CG  . LYS A 1 16 ? 1.91103   3.45653   -1.96368  1.000 40.98649 ?  116 LYS A CG  1 
ATOM   108 C CD  . LYS A 1 16 ? 2.62474   4.39109   -2.92772  1.000 39.45473 ?  116 LYS A CD  1 
ATOM   109 C CE  . LYS A 1 16 ? 3.59471   3.62839   -3.81832  1.000 58.16224 ?  116 LYS A CE  1 
ATOM   110 N NZ  . LYS A 1 16 ? 2.91401   3.03905   -5.00633  1.000 43.40784 ?  116 LYS A NZ  1 
ATOM   111 N N   . GLU A 1 17 ? 1.22591   4.32185   2.60434   1.000 31.68011 ?  117 GLU A N   1 
ATOM   112 C CA  . GLU A 1 17 ? 1.64581   4.52089   3.96077   1.000 35.26212 ?  117 GLU A CA  1 
ATOM   113 C C   . GLU A 1 17 ? 1.15949   3.31560   4.77317   1.000 35.74113 ?  117 GLU A C   1 
ATOM   114 O O   . GLU A 1 17 ? 1.86120   2.82498   5.61767   1.000 41.48919 ?  117 GLU A O   1 
ATOM   115 C CB  . GLU A 1 17 ? 1.12203   5.82679   4.56460   1.000 34.38044 ?  117 GLU A CB  1 
ATOM   116 C CG  . GLU A 1 17 ? 1.86853   7.10958   4.21057   1.000 36.69387 ?  117 GLU A CG  1 
ATOM   117 C CD  . GLU A 1 17 ? 3.37049   7.06436   4.44794   1.000 40.89701 ?  117 GLU A CD  1 
ATOM   118 N N   . VAL A 1 18 ? -0.04557  2.84816   4.51283   1.000 31.84329 ?  118 VAL A N   1 
ATOM   119 C CA  . VAL A 1 18 ? -0.56985  1.70302   5.24907   1.000 33.91459 ?  118 VAL A CA  1 
ATOM   120 C C   . VAL A 1 18 ? 0.27378   0.46340   4.97768   1.000 38.70201 ?  118 VAL A C   1 
ATOM   121 O O   . VAL A 1 18 ? 0.56283   -0.32007  5.89114   1.000 36.49122 ?  118 VAL A O   1 
ATOM   122 C CB  . VAL A 1 18 ? -2.05119  1.48271   4.88818   1.000 30.94845 ?  118 VAL A CB  1 
ATOM   123 C CG1 . VAL A 1 18 ? -2.53700  0.14097   5.39779   1.000 36.74125 ?  118 VAL A CG1 1 
ATOM   124 C CG2 . VAL A 1 18 ? -2.90451  2.60659   5.45188   1.000 28.56658 ?  118 VAL A CG2 1 
ATOM   125 N N   . ALA A 1 19 ? 0.69217   0.27089   3.72330   1.000 33.56455 ?  119 ALA A N   1 
ATOM   126 C CA  . ALA A 1 19 ? 1.53104   -0.87625  3.38938   1.000 32.81446 ?  119 ALA A CA  1 
ATOM   127 C C   . ALA A 1 19 ? 2.86958   -0.81383  4.11382   1.000 35.32002 ?  119 ALA A C   1 
ATOM   128 O O   . ALA A 1 19 ? 3.41271   -1.84683  4.52252   1.000 37.50450 ?  119 ALA A O   1 
ATOM   129 C CB  . ALA A 1 19 ? 1.74451   -0.95059  1.87743   1.000 31.98278 ?  119 ALA A CB  1 
ATOM   130 N N   . TRP A 1 20 ? 3.41848   0.39178   4.27981   1.000 32.53022 ?  120 TRP A N   1 
ATOM   131 C CA  . TRP A 1 20 ? 4.67758   0.53575   5.00287   1.000 33.80668 ?  120 TRP A CA  1 
ATOM   132 C C   . TRP A 1 20 ? 4.50744   0.19825   6.47864   1.000 38.27038 ?  120 TRP A C   1 
ATOM   133 O O   . TRP A 1 20 ? 5.41431   -0.36929  7.10057   1.000 35.27265 ?  120 TRP A O   1 
ATOM   134 C CB  . TRP A 1 20 ? 5.21778   1.95487   4.83696   1.000 38.11773 ?  120 TRP A CB  1 
ATOM   135 C CG  . TRP A 1 20 ? 6.56197   2.14950   5.45666   1.000 43.54206 ?  120 TRP A CG  1 
ATOM   136 C CD1 . TRP A 1 20 ? 6.83561   2.76956   6.63938   1.000 49.18221 ?  120 TRP A CD1 1 
ATOM   137 C CD2 . TRP A 1 20 ? 7.82108   1.72017   4.92677   1.000 48.87691 ?  120 TRP A CD2 1 
ATOM   138 N NE1 . TRP A 1 20 ? 8.18715   2.75201   6.88108   1.000 52.24047 ?  120 TRP A NE1 1 
ATOM   139 C CE2 . TRP A 1 20 ? 8.81522   2.11440   5.84360   1.000 50.64028 ?  120 TRP A CE2 1 
ATOM   140 C CE3 . TRP A 1 20 ? 8.20453   1.03997   3.76626   1.000 49.33749 ?  120 TRP A CE3 1 
ATOM   141 C CZ2 . TRP A 1 20 ? 10.16870  1.85243   5.63622   1.000 55.12240 ?  120 TRP A CZ2 1 
ATOM   142 C CZ3 . TRP A 1 20 ? 9.54864   0.78105   3.56246   1.000 50.21128 ?  120 TRP A CZ3 1 
ATOM   143 C CH2 . TRP A 1 20 ? 10.51278  1.18624   4.49252   1.000 54.11175 ?  120 TRP A CH2 1 
ATOM   144 N N   . ALA A 1 21 ? 3.35405   0.54120   7.05600   1.000 35.38056 ?  121 ALA A N   1 
ATOM   145 C CA  . ALA A 1 21 ? 3.10169   0.21777   8.45593   1.000 38.95204 ?  121 ALA A CA  1 
ATOM   146 C C   . ALA A 1 21 ? 2.99105   -1.28765  8.66316   1.000 37.28868 ?  121 ALA A C   1 
ATOM   147 O O   . ALA A 1 21 ? 3.43699   -1.81329  9.68977   1.000 42.87356 ?  121 ALA A O   1 
ATOM   148 C CB  . ALA A 1 21 ? 1.83493   0.92297   8.93694   1.000 41.52340 ?  121 ALA A CB  1 
ATOM   149 N N   . PHE A 1 22 ? 2.40019   -1.99846  7.69866   1.000 33.98565 ?  122 PHE A N   1 
ATOM   150 C CA  . PHE A 1 22 ? 2.32736   -3.45193  7.79492   1.000 39.56001 ?  122 PHE A CA  1 
ATOM   151 C C   . PHE A 1 22 ? 3.70697   -4.08822  7.70445   1.000 38.95730 ?  122 PHE A C   1 
ATOM   152 O O   . PHE A 1 22 ? 3.94035   -5.14443  8.30226   1.000 40.48380 ?  122 PHE A O   1 
ATOM   153 C CB  . PHE A 1 22 ? 1.41511   -4.00980  6.70385   1.000 35.64638 ?  122 PHE A CB  1 
ATOM   154 C CG  . PHE A 1 22 ? -0.04392  -3.77681  6.95719   1.000 36.46490 ?  122 PHE A CG  1 
ATOM   155 C CD1 . PHE A 1 22 ? -0.57668  -3.94857  8.22248   1.000 46.19238 ?  122 PHE A CD1 1 
ATOM   156 C CD2 . PHE A 1 22 ? -0.88522  -3.39233  5.92633   1.000 40.84963 ?  122 PHE A CD2 1 
ATOM   157 C CE1 . PHE A 1 22 ? -1.91992  -3.73750  8.45720   1.000 42.37877 ?  122 PHE A CE1 1 
ATOM   158 C CE2 . PHE A 1 22 ? -2.22901  -3.18119  6.15451   1.000 39.84162 ?  122 PHE A CE2 1 
ATOM   159 C CZ  . PHE A 1 22 ? -2.74671  -3.35246  7.42114   1.000 39.88110 ?  122 PHE A CZ  1 
ATOM   160 N N   . LYS A 1 23 ? 4.62874   -3.46852  6.96167   1.000 36.66229 ?  123 LYS A N   1 
ATOM   161 C CA  . LYS A 1 23 ? 6.00188   -3.96100  6.93980   1.000 41.07071 ?  123 LYS A CA  1 
ATOM   162 C C   . LYS A 1 23 ? 6.66546   -3.82286  8.30262   1.000 47.01353 ?  123 LYS A C   1 
ATOM   163 O O   . LYS A 1 23 ? 7.50173   -4.65538  8.66902   1.000 47.40042 ?  123 LYS A O   1 
ATOM   164 C CB  . LYS A 1 23 ? 6.81334   -3.22492  5.87372   1.000 45.13699 ?  123 LYS A CB  1 
ATOM   165 C CG  . LYS A 1 23 ? 6.45112   -3.60177  4.44718   1.000 44.36585 ?  123 LYS A CG  1 
ATOM   166 C CD  . LYS A 1 23 ? 6.86861   -2.51764  3.46659   1.000 48.94008 ?  123 LYS A CD  1 
ATOM   167 C CE  . LYS A 1 23 ? 8.34019   -2.63727  3.10266   1.000 64.37877 ?  123 LYS A CE  1 
ATOM   168 N NZ  . LYS A 1 23 ? 8.69657   -4.00265  2.62651   1.000 58.43595 ?  123 LYS A NZ  1 
ATOM   169 N N   . GLU A 1 24 ? 6.30844   -2.78547  9.06653   1.000 47.10302 ?  124 GLU A N   1 
ATOM   170 C CA  . GLU A 1 24 ? 6.83498   -2.65680  10.42125  1.000 47.36357 ?  124 GLU A CA  1 
ATOM   171 C C   . GLU A 1 24 ? 6.29786   -3.75914  11.32452  1.000 46.83456 ?  124 GLU A C   1 
ATOM   172 O O   . GLU A 1 24 ? 7.02210   -4.27154  12.18645  1.000 50.81662 ?  124 GLU A O   1 
ATOM   173 C CB  . GLU A 1 24 ? 6.48829   -1.28525  10.99874  1.000 54.12754 ?  124 GLU A CB  1 
ATOM   174 C CG  . GLU A 1 24 ? 6.77516   -0.11889  10.07452  1.000 60.76255 ?  124 GLU A CG  1 
ATOM   175 C CD  . GLU A 1 24 ? 6.75778   1.21130   10.80197  1.000 65.08149 ?  124 GLU A CD  1 
ATOM   176 O OE1 . GLU A 1 24 ? 6.37158   1.23670   11.98974  1.000 63.79975 ?  124 GLU A OE1 1 
ATOM   177 O OE2 . GLU A 1 24 ? 7.12968   2.23355   10.18636  1.000 70.10577 -1 124 GLU A OE2 1 
ATOM   178 N N   . ILE A 1 25 ? 5.02904   -4.13092  11.14458  1.000 42.38666 ?  125 ILE A N   1 
ATOM   179 C CA  . ILE A 1 25 ? 4.45501   -5.21971  11.92745  1.000 48.81901 ?  125 ILE A CA  1 
ATOM   180 C C   . ILE A 1 25 ? 5.14223   -6.53640  11.58853  1.000 50.46658 ?  125 ILE A C   1 
ATOM   181 O O   . ILE A 1 25 ? 5.35200   -7.38580  12.46189  1.000 50.94295 ?  125 ILE A O   1 
ATOM   182 C CB  . ILE A 1 25 ? 2.93372   -5.29045  11.70173  1.000 49.00588 ?  125 ILE A CB  1 
ATOM   183 C CG1 . ILE A 1 25 ? 2.27078   -3.98635  12.14835  1.000 42.43404 ?  125 ILE A CG1 1 
ATOM   184 C CG2 . ILE A 1 25 ? 2.33012   -6.46828  12.45075  1.000 51.13508 ?  125 ILE A CG2 1 
ATOM   185 C CD1 . ILE A 1 25 ? 0.78936   -3.92198  11.85696  1.000 42.98673 ?  125 ILE A CD1 1 
ATOM   186 N N   . ALA A 1 26 ? 5.51068   -6.72585  10.31837  1.000 43.57891 ?  126 ALA A N   1 
ATOM   187 C CA  . ALA A 1 26 ? 6.28810   -7.90271  9.94631   1.000 47.90838 ?  126 ALA A CA  1 
ATOM   188 C C   . ALA A 1 26 ? 7.66155   -7.87778  10.60416  1.000 50.85610 ?  126 ALA A C   1 
ATOM   189 O O   . ALA A 1 26 ? 8.17080   -8.91988  11.03521  1.000 52.50893 ?  126 ALA A O   1 
ATOM   190 C CB  . ALA A 1 26 ? 6.41853   -7.99114  8.42607   1.000 45.14752 ?  126 ALA A CB  1 
ATOM   191 N N   . GLN A 1 27 ? 8.27868   -6.69644  10.68741  1.000 50.84557 ?  127 GLN A N   1 
ATOM   192 C CA  . GLN A 1 27 ? 9.53202   -6.56433  11.42138  1.000 53.10110 ?  127 GLN A CA  1 
ATOM   193 C C   . GLN A 1 27 ? 9.32739   -6.78329  12.91443  1.000 57.17264 ?  127 GLN A C   1 
ATOM   194 O O   . GLN A 1 27 ? 10.22443  -7.29304  13.59554  1.000 54.89606 ?  127 GLN A O   1 
ATOM   195 C CB  . GLN A 1 27 ? 10.14858  -5.18672  11.17432  1.000 64.81040 ?  127 GLN A CB  1 
ATOM   196 C CG  . GLN A 1 27 ? 10.51249  -4.90555  9.72482   1.000 53.95121 ?  127 GLN A CG  1 
ATOM   197 C CD  . GLN A 1 27 ? 11.64585  -5.77600  9.22599   1.000 67.38966 ?  127 GLN A CD  1 
ATOM   198 O OE1 . GLN A 1 27 ? 11.46928  -6.58343  8.31349   1.000 74.42734 ?  127 GLN A OE1 1 
ATOM   199 N NE2 . GLN A 1 27 ? 12.82073  -5.61928  9.82501   1.000 61.98375 ?  127 GLN A NE2 1 
ATOM   200 N N   . ALA A 1 28 ? 8.15755   -6.40761  13.43769  1.000 51.81937 ?  128 ALA A N   1 
ATOM   201 C CA  . ALA A 1 28 ? 7.88812   -6.58951  14.85949  1.000 59.38080 ?  128 ALA A CA  1 
ATOM   202 C C   . ALA A 1 28 ? 7.69201   -8.06029  15.20184  1.000 59.58346 ?  128 ALA A C   1 
ATOM   203 O O   . ALA A 1 28 ? 8.16306   -8.52812  16.24535  1.000 57.80167 ?  128 ALA A O   1 
ATOM   204 C CB  . ALA A 1 28 ? 6.66124   -5.77445  15.26812  1.000 51.73778 ?  128 ALA A CB  1 
ATOM   205 N N   . ILE A 1 29 ? 7.00112   -8.80590  14.33786  1.000 58.65703 ?  129 ILE A N   1 
ATOM   206 C CA  . ILE A 1 29 ? 6.78311   -10.22501 14.59663  1.000 57.60428 ?  129 ILE A CA  1 
ATOM   207 C C   . ILE A 1 29 ? 8.09066   -10.99790 14.47185  1.000 56.31201 ?  129 ILE A C   1 
ATOM   208 O O   . ILE A 1 29 ? 8.37541   -11.89736 15.27217  1.000 60.04667 ?  129 ILE A O   1 
ATOM   209 C CB  . ILE A 1 29 ? 5.69839   -10.77695 13.65400  1.000 56.73312 ?  129 ILE A CB  1 
ATOM   210 C CG1 . ILE A 1 29 ? 4.32105   -10.25069 14.06460  1.000 55.11187 ?  129 ILE A CG1 1 
ATOM   211 C CG2 . ILE A 1 29 ? 5.70198   -12.29834 13.65318  1.000 57.32266 ?  129 ILE A CG2 1 
ATOM   212 C CD1 . ILE A 1 29 ? 3.35769   -10.08928 12.91023  1.000 50.79030 ?  129 ILE A CD1 1 
ATOM   213 N N   . LYS A 1 30 ? 8.91371   -10.65293 13.47688  1.000 55.04081 ?  130 LYS A N   1 
ATOM   214 C CA  . LYS A 1 30 ? 10.19172  -11.33602 13.30878  1.000 57.52532 ?  130 LYS A CA  1 
ATOM   215 C C   . LYS A 1 30 ? 11.15323  -11.02203 14.44755  1.000 61.03890 ?  130 LYS A C   1 
ATOM   216 O O   . LYS A 1 30 ? 11.95357  -11.88000 14.83477  1.000 64.15506 ?  130 LYS A O   1 
ATOM   217 C CB  . LYS A 1 30 ? 10.82032  -10.95702 11.96700  1.000 55.82775 ?  130 LYS A CB  1 
ATOM   218 C CG  . LYS A 1 30 ? 11.72811  -12.02925 11.38474  1.000 67.96341 ?  130 LYS A CG  1 
ATOM   219 C CD  . LYS A 1 30 ? 12.98792  -11.42622 10.78626  1.000 68.86615 ?  130 LYS A CD  1 
ATOM   220 N N   . GLY A 1 31 ? 11.09329  -9.81081  14.99191  1.000 61.61528 ?  131 GLY A N   1 
ATOM   221 C CA  . GLY A 1 31 ? 11.95681  -9.42736  16.09355  1.000 65.06306 ?  131 GLY A CA  1 
ATOM   222 C C   . GLY A 1 31 ? 11.55080  -10.06023 17.40978  1.000 74.66422 ?  131 GLY A C   1 
ATOM   223 O O   . GLY A 1 31 ? 10.45183  -10.60231 17.53311  1.000 75.11164 ?  131 GLY A O   1 
HETATM 224 N N   . NH2 A 1 32 ? 12.01896  -9.57884  18.67196  1.000 60.71000 ?  132 NH2 A N   1 
HETATM 225 C C   . ACE B 1 1  ? -4.46105  8.87216   -19.99241 1.000 45.57915 ?  101 ACE B C   1 
HETATM 226 O O   . ACE B 1 1  ? -3.76375  9.85585   -19.74752 1.000 54.86184 ?  101 ACE B O   1 
HETATM 227 C CH3 . ACE B 1 1  ? -3.95852  7.72001   -20.81003 1.000 50.22181 ?  101 ACE B CH3 1 
ATOM   228 N N   . GLY B 1 2  ? -5.71090  8.76116   -19.55435 1.000 38.97046 ?  102 GLY B N   1 
ATOM   229 C CA  . GLY B 1 2  ? -6.33795  9.79418   -18.75095 1.000 36.28067 ?  102 GLY B CA  1 
ATOM   230 C C   . GLY B 1 2  ? -5.79664  9.87646   -17.33770 1.000 42.93146 ?  102 GLY B C   1 
ATOM   231 O O   . GLY B 1 2  ? -5.35382  8.87545   -16.77766 1.000 36.95443 ?  102 GLY B O   1 
ATOM   232 N N   . GLU B 1 3  ? -5.83730  11.07807  -16.75789 1.000 33.30136 ?  103 GLU B N   1 
ATOM   233 C CA  . GLU B 1 3  ? -5.32479  11.26016  -15.40291 1.000 36.19118 ?  103 GLU B CA  1 
ATOM   234 C C   . GLU B 1 3  ? -6.19814  10.56125  -14.36958 1.000 34.68311 ?  103 GLU B C   1 
ATOM   235 O O   . GLU B 1 3  ? -5.69055  10.11428  -13.33414 1.000 33.67246 ?  103 GLU B O   1 
ATOM   236 C CB  . GLU B 1 3  ? -5.20808  12.75025  -15.07942 1.000 35.00157 ?  103 GLU B CB  1 
ATOM   237 C CG  . GLU B 1 3  ? -6.52195  13.50964  -15.17404 1.000 31.68011 ?  103 GLU B CG  1 
ATOM   238 C CD  . GLU B 1 3  ? -6.42399  14.91817  -14.62520 1.000 43.02884 ?  103 GLU B CD  1 
ATOM   239 O OE1 . GLU B 1 3  ? -5.32721  15.30754  -14.16939 1.000 43.39731 ?  103 GLU B OE1 1 
ATOM   240 O OE2 . GLU B 1 3  ? -7.44380  15.63772  -14.65058 1.000 46.05289 -1 103 GLU B OE2 1 
ATOM   241 N N   . ILE B 1 4  ? -7.50349  10.45564  -14.62637 1.000 29.27456 ?  104 ILE B N   1 
ATOM   242 C CA  . ILE B 1 4  ? -8.39667  9.79743   -13.67784 1.000 28.73766 ?  104 ILE B CA  1 
ATOM   243 C C   . ILE B 1 4  ? -8.09874  8.30567   -13.61631 1.000 35.89115 ?  104 ILE B C   1 
ATOM   244 O O   . ILE B 1 4  ? -7.89969  7.73991   -12.53405 1.000 28.50079 ?  104 ILE B O   1 
ATOM   245 C CB  . ILE B 1 4  ? -9.86652  10.06377  -14.04935 1.000 33.96460 ?  104 ILE B CB  1 
ATOM   246 C CG1 . ILE B 1 4  ? -10.20960 11.54040  -13.84612 1.000 32.94079 ?  104 ILE B CG1 1 
ATOM   247 C CG2 . ILE B 1 4  ? -10.79110 9.17720   -13.22823 1.000 34.07777 ?  104 ILE B CG2 1 
ATOM   248 C CD1 . ILE B 1 4  ? -10.15181 11.98521  -12.40482 1.000 36.66229 ?  104 ILE B CD1 1 
ATOM   249 N N   . ALA B 1 5  ? -8.05962  7.64662   -14.77727 1.000 28.53763 ?  105 ALA B N   1 
ATOM   250 C CA  . ALA B 1 5  ? -7.73575  6.22438   -14.80792 1.000 30.90897 ?  105 ALA B CA  1 
ATOM   251 C C   . ALA B 1 5  ? -6.31650  5.96319   -14.32171 1.000 36.10959 ?  105 ALA B C   1 
ATOM   252 O O   . ALA B 1 5  ? -6.05442  4.92685   -13.69917 1.000 30.58525 ?  105 ALA B O   1 
ATOM   253 C CB  . ALA B 1 5  ? -7.92565  5.67312   -16.22041 1.000 35.28844 ?  105 ALA B CB  1 
ATOM   254 N N   . GLN B 1 6  ? -5.39104  6.88559   -14.59380 1.000 33.06712 ?  106 GLN B N   1 
ATOM   255 C CA  . GLN B 1 6  ? -4.03297  6.74233   -14.07812 1.000 36.62808 ?  106 GLN B CA  1 
ATOM   256 C C   . GLN B 1 6  ? -4.01225  6.84237   -12.55770 1.000 32.38283 ?  106 GLN B C   1 
ATOM   257 O O   . GLN B 1 6  ? -3.25247  6.12843   -11.89268 1.000 37.87823 ?  106 GLN B O   1 
ATOM   258 C CB  . GLN B 1 6  ? -3.12273  7.80126   -14.69940 1.000 39.88110 ?  106 GLN B CB  1 
ATOM   259 C CG  . GLN B 1 6  ? -1.74937  7.28896   -15.09711 1.000 51.18508 ?  106 GLN B CG  1 
ATOM   260 C CD  . GLN B 1 6  ? -1.79269  6.39635   -16.32123 1.000 51.39037 ?  106 GLN B CD  1 
ATOM   261 N N   . ALA B 1 7  ? -4.84173  7.72079   -11.99221 1.000 27.10062 ?  107 ALA B N   1 
ATOM   262 C CA  . ALA B 1 7  ? -4.92316  7.83384   -10.53967 1.000 30.16414 ?  107 ALA B CA  1 
ATOM   263 C C   . ALA B 1 7  ? -5.56561  6.59601   -9.92701  1.000 35.43846 ?  107 ALA B C   1 
ATOM   264 O O   . ALA B 1 7  ? -5.14626  6.13750   -8.85760  1.000 31.17742 ?  107 ALA B O   1 
ATOM   265 C CB  . ALA B 1 7  ? -5.69833  9.09351   -10.15584 1.000 30.73263 ?  107 ALA B CB  1 
ATOM   266 N N   . ILE B 1 8  ? -6.58715  6.04449   -10.58663 1.000 29.41405 ?  108 ILE B N   1 
ATOM   267 C CA  . ILE B 1 8  ? -7.20403  4.81178   -10.10511 1.000 31.40113 ?  108 ILE B CA  1 
ATOM   268 C C   . ILE B 1 8  ? -6.20451  3.66326   -10.16261 1.000 30.42733 ?  108 ILE B C   1 
ATOM   269 O O   . ILE B 1 8  ? -6.15825  2.81227   -9.26502  1.000 32.42757 ?  108 ILE B O   1 
ATOM   270 C CB  . ILE B 1 8  ? -8.47825  4.50325   -10.91385 1.000 27.30854 ?  108 ILE B CB  1 
ATOM   271 C CG1 . ILE B 1 8  ? -9.52205  5.60298   -10.70331 1.000 25.67413 ?  108 ILE B CG1 1 
ATOM   272 C CG2 . ILE B 1 8  ? -9.05348  3.15190   -10.52290 1.000 26.88480 ?  108 ILE B CG2 1 
ATOM   273 C CD1 . ILE B 1 8  ? -10.73482 5.47286   -11.59880 1.000 29.12718 ?  108 ILE B CD1 1 
ATOM   274 N N   . LYS B 1 9  ? -5.37961  3.62726   -11.21408 1.000 27.35591 ?  109 LYS B N   1 
ATOM   275 C CA  . LYS B 1 9  ? -4.32562  2.62312   -11.29997 1.000 30.51418 ?  109 LYS B CA  1 
ATOM   276 C C   . LYS B 1 9  ? -3.32815  2.75594   -10.15633 1.000 33.16977 ?  109 LYS B C   1 
ATOM   277 O O   . LYS B 1 9  ? -2.76852  1.75214   -9.70187  1.000 36.37805 ?  109 LYS B O   1 
ATOM   278 C CB  . LYS B 1 9  ? -3.60177  2.73311   -12.64244 1.000 37.17025 ?  109 LYS B CB  1 
ATOM   279 C CG  . LYS B 1 9  ? -4.27107  1.99041   -13.78478 1.000 39.11785 ?  109 LYS B CG  1 
ATOM   280 C CD  . LYS B 1 9  ? -3.63331  2.35547   -15.11616 1.000 41.26021 ?  109 LYS B CD  1 
ATOM   281 C CE  . LYS B 1 9  ? -4.06120  1.40123   -16.21721 1.000 51.96413 ?  109 LYS B CE  1 
ATOM   282 N N   . GLU B 1 10 ? -3.08959  3.98245   -9.68452  1.000 31.93278 ?  110 GLU B N   1 
ATOM   283 C CA  . GLU B 1 10 ? -2.16851  4.18129   -8.56964  1.000 36.64650 ?  110 GLU B CA  1 
ATOM   284 C C   . GLU B 1 10 ? -2.70749  3.57419   -7.28135  1.000 33.13818 ?  110 GLU B C   1 
ATOM   285 O O   . GLU B 1 10 ? -1.92603  3.08944   -6.45364  1.000 35.15685 ?  110 GLU B O   1 
ATOM   286 C CB  . GLU B 1 10 ? -1.88734  5.67161   -8.37976  1.000 32.86710 ?  110 GLU B CB  1 
ATOM   287 C CG  . GLU B 1 10 ? -1.00535  6.28025   -9.45754  1.000 34.43834 ?  110 GLU B CG  1 
ATOM   288 C CD  . GLU B 1 10 ? 0.33223   5.57813   -9.57780  1.000 53.48273 ?  110 GLU B CD  1 
ATOM   289 O OE1 . GLU B 1 10 ? 1.07734   5.54025   -8.57666  1.000 48.55056 ?  110 GLU B OE1 1 
ATOM   290 O OE2 . GLU B 1 10 ? 0.63903   5.06386   -10.67454 1.000 60.15721 -1 110 GLU B OE2 1 
ATOM   291 N N   . ILE B 1 11 ? -4.02746  3.59717   -7.08945  1.000 30.02728 ?  111 ILE B N   1 
ATOM   292 C CA  . ILE B 1 11 ? -4.61862  2.94813   -5.92302  1.000 30.49839 ?  111 ILE B CA  1 
ATOM   293 C C   . ILE B 1 11 ? -4.41313  1.44052   -5.99558  1.000 31.25901 ?  111 ILE B C   1 
ATOM   294 O O   . ILE B 1 11 ? -4.07287  0.79673   -4.99472  1.000 31.86171 ?  111 ILE B O   1 
ATOM   295 C CB  . ILE B 1 11 ? -6.10964  3.31285   -5.80415  1.000 28.57448 ?  111 ILE B CB  1 
ATOM   296 C CG1 . ILE B 1 11 ? -6.27431  4.76065   -5.34039  1.000 26.43738 ?  111 ILE B CG1 1 
ATOM   297 C CG2 . ILE B 1 11 ? -6.82056  2.37396   -4.84086  1.000 26.51897 ?  111 ILE B CG2 1 
ATOM   298 C CD1 . ILE B 1 11 ? -7.71930  5.20397   -5.25071  1.000 29.03769 ?  111 ILE B CD1 1 
ATOM   299 N N   . ALA B 1 12 ? -4.60472  0.85532   -7.18133  1.000 25.01089 ?  112 ALA B N   1 
ATOM   300 C CA  . ALA B 1 12 ? -4.39975  -0.58094  -7.34318  1.000 28.14548 ?  112 ALA B CA  1 
ATOM   301 C C   . ALA B 1 12 ? -2.95255  -0.96723  -7.07028  1.000 30.97477 ?  112 ALA B C   1 
ATOM   302 O O   . ALA B 1 12 ? -2.68371  -2.01850  -6.47680  1.000 33.82511 ?  112 ALA B O   1 
ATOM   303 C CB  . ALA B 1 12 ? -4.81534  -1.01468  -8.74885  1.000 26.99008 ?  112 ALA B CB  1 
ATOM   304 N N   . LYS B 1 13 ? -2.00394  -0.13019  -7.49789  1.000 30.15625 ?  113 LYS B N   1 
ATOM   305 C CA  . LYS B 1 13 ? -0.59870  -0.39894  -7.21384  1.000 33.56718 ?  113 LYS B CA  1 
ATOM   306 C C   . LYS B 1 13 ? -0.31504  -0.31817  -5.71911  1.000 34.29885 ?  113 LYS B C   1 
ATOM   307 O O   . LYS B 1 13 ? 0.49551   -1.08924  -5.19311  1.000 33.88827 ?  113 LYS B O   1 
ATOM   308 C CB  . LYS B 1 13 ? 0.28940   0.57860   -7.98217  1.000 34.54362 ?  113 LYS B CB  1 
ATOM   309 C CG  . LYS B 1 13 ? 0.51491   0.20209   -9.43734  1.000 38.21511 ?  113 LYS B CG  1 
ATOM   310 C CD  . LYS B 1 13 ? 1.18368   1.33301   -10.20572 1.000 46.01868 ?  113 LYS B CD  1 
ATOM   311 C CE  . LYS B 1 13 ? 2.42447   1.83604   -9.48577  1.000 52.46155 ?  113 LYS B CE  1 
ATOM   312 N N   . ALA B 1 14 ? -0.97443  0.60764   -5.01979  1.000 29.73514 ?  114 ALA B N   1 
ATOM   313 C CA  . ALA B 1 14 ? -0.77133  0.73061   -3.58051  1.000 32.44863 ?  114 ALA B CA  1 
ATOM   314 C C   . ALA B 1 14 ? -1.37440  -0.45344  -2.83375  1.000 33.58297 ?  114 ALA B C   1 
ATOM   315 O O   . ALA B 1 14 ? -0.80580  -0.92181  -1.84014  1.000 30.80896 ?  114 ALA B O   1 
ATOM   316 C CB  . ALA B 1 14 ? -1.36639  2.04497   -3.07968  1.000 29.21666 ?  114 ALA B CB  1 
ATOM   317 N N   . ILE B 1 15 ? -2.52622  -0.94776  -3.29450  1.000 27.37170 ?  115 ILE B N   1 
ATOM   318 C CA  . ILE B 1 15 ? -3.12769  -2.12179  -2.67235  1.000 29.30615 ?  115 ILE B CA  1 
ATOM   319 C C   . ILE B 1 15 ? -2.26047  -3.35278  -2.90524  1.000 32.08279 ?  115 ILE B C   1 
ATOM   320 O O   . ILE B 1 15 ? -2.18996  -4.24410  -2.04949  1.000 32.48547 ?  115 ILE B O   1 
ATOM   321 C CB  . ILE B 1 15 ? -4.56404  -2.32116  -3.19538  1.000 27.66911 ?  115 ILE B CB  1 
ATOM   322 C CG1 . ILE B 1 15 ? -5.43414  -1.11648  -2.82877  1.000 29.89043 ?  115 ILE B CG1 1 
ATOM   323 C CG2 . ILE B 1 15 ? -5.17969  -3.59103  -2.63081  1.000 29.25088 ?  115 ILE B CG2 1 
ATOM   324 C CD1 . ILE B 1 15 ? -6.80823  -1.14028  -3.46329  1.000 31.20111 ?  115 ILE B CD1 1 
ATOM   325 N N   . LYS B 1 16 ? -1.57569  -3.42026  -4.05020  1.000 29.24035 ?  116 LYS B N   1 
ATOM   326 C CA  . LYS B 1 16 ? -0.64315  -4.51687  -4.28939  1.000 31.80118 ?  116 LYS B CA  1 
ATOM   327 C C   . LYS B 1 16 ? 0.50088   -4.49343  -3.28307  1.000 39.11258 ?  116 LYS B C   1 
ATOM   328 O O   . LYS B 1 16 ? 0.94068   -5.54725  -2.80694  1.000 34.76733 ?  116 LYS B O   1 
ATOM   329 C CB  . LYS B 1 16 ? -0.10526  -4.44911  -5.71807  1.000 36.48595 ?  116 LYS B CB  1 
ATOM   330 C CG  . LYS B 1 16 ? -1.07121  -4.96491  -6.77106  1.000 39.26523 ?  116 LYS B CG  1 
ATOM   331 C CD  . LYS B 1 16 ? -0.49139  -4.82461  -8.16895  1.000 44.10002 ?  116 LYS B CD  1 
ATOM   332 N N   . GLU B 1 17 ? 0.99554   -3.29887  -2.94625  1.000 35.08052 ?  117 GLU B N   1 
ATOM   333 C CA  . GLU B 1 17 ? 2.02335   -3.19196  -1.91721  1.000 40.12850 ?  117 GLU B CA  1 
ATOM   334 C C   . GLU B 1 17 ? 1.49190   -3.60865  -0.55240  1.000 36.13065 ?  117 GLU B C   1 
ATOM   335 O O   . GLU B 1 17 ? 2.25610   -4.10770  0.28135   1.000 38.28354 ?  117 GLU B O   1 
ATOM   336 C CB  . GLU B 1 17 ? 2.57030   -1.76625  -1.86229  1.000 38.46514 ?  117 GLU B CB  1 
ATOM   337 C CG  . GLU B 1 17 ? 3.11654   -1.25902  -3.18493  1.000 41.72342 ?  117 GLU B CG  1 
ATOM   338 C CD  . GLU B 1 17 ? 3.82175   0.07559   -3.04740  1.000 56.30675 ?  117 GLU B CD  1 
ATOM   339 O OE1 . GLU B 1 17 ? 3.86481   0.61148   -1.91958  1.000 57.42267 ?  117 GLU B OE1 1 
ATOM   340 O OE2 . GLU B 1 17 ? 4.33410   0.58750   -4.06499  1.000 66.40796 -1 117 GLU B OE2 1 
ATOM   341 N N   . VAL B 1 18 ? 0.19561   -3.40815  -0.30586  1.000 34.60941 ?  118 VAL B N   1 
ATOM   342 C CA  . VAL B 1 18 ? -0.41178  -3.90562  0.92411   1.000 34.05671 ?  118 VAL B CA  1 
ATOM   343 C C   . VAL B 1 18 ? -0.39743  -5.42821  0.94241   1.000 37.09129 ?  118 VAL B C   1 
ATOM   344 O O   . VAL B 1 18 ? -0.11172  -6.04875  1.97447   1.000 38.09141 ?  118 VAL B O   1 
ATOM   345 C CB  . VAL B 1 18 ? -1.83787  -3.34344  1.07644   1.000 32.40125 ?  118 VAL B CB  1 
ATOM   346 C CG1 . VAL B 1 18 ? -2.58574  -4.06957  2.18241   1.000 39.20996 ?  118 VAL B CG1 1 
ATOM   347 C CG2 . VAL B 1 18 ? -1.79124  -1.85010  1.35585   1.000 27.75859 ?  118 VAL B CG2 1 
ATOM   348 N N   . ALA B 1 19 ? -0.69063  -6.05519  -0.20108  1.000 28.94294 ?  119 ALA B N   1 
ATOM   349 C CA  . ALA B 1 19 ? -0.63672  -7.51054  -0.28317  1.000 36.34910 ?  119 ALA B CA  1 
ATOM   350 C C   . ALA B 1 19 ? 0.78202   -8.02239  -0.07801  1.000 36.35699 ?  119 ALA B C   1 
ATOM   351 O O   . ALA B 1 19 ? 0.98565   -9.08834  0.51303   1.000 39.19154 ?  119 ALA B O   1 
ATOM   352 C CB  . ALA B 1 19 ? -1.18899  -7.98113  -1.62948  1.000 29.04032 ?  119 ALA B CB  1 
ATOM   353 N N   . TRP B 1 20 ? 1.77702   -7.27818  -0.56692  1.000 35.05683 ?  120 TRP B N   1 
ATOM   354 C CA  . TRP B 1 20 ? 3.16591   -7.67939  -0.37389  1.000 39.25207 ?  120 TRP B CA  1 
ATOM   355 C C   . TRP B 1 20 ? 3.55464   -7.63438  1.09792   1.000 39.45999 ?  120 TRP B C   1 
ATOM   356 O O   . TRP B 1 20 ? 4.24997   -8.52925  1.59110   1.000 38.07562 ?  120 TRP B O   1 
ATOM   357 C CB  . TRP B 1 20 ? 4.09374   -6.78206  -1.19287  1.000 46.47399 ?  120 TRP B CB  1 
ATOM   358 C CG  . TRP B 1 20 ? 3.98231   -6.96744  -2.67168  1.000 54.28282 ?  120 TRP B CG  1 
ATOM   359 C CD1 . TRP B 1 20 ? 3.50639   -8.06461  -3.32963  1.000 59.29658 ?  120 TRP B CD1 1 
ATOM   360 C CD2 . TRP B 1 20 ? 4.34735   -6.02097  -3.68352  1.000 48.37685 ?  120 TRP B CD2 1 
ATOM   361 N NE1 . TRP B 1 20 ? 3.55577   -7.86097  -4.68787  1.000 64.54721 ?  120 TRP B NE1 1 
ATOM   362 C CE2 . TRP B 1 20 ? 4.06786   -6.61276  -4.93123  1.000 52.19047 ?  120 TRP B CE2 1 
ATOM   363 C CE3 . TRP B 1 20 ? 4.88400   -4.72935  -3.65526  0.000 48.53213 ?  120 TRP B CE3 1 
ATOM   364 C CZ2 . TRP B 1 20 ? 4.30789   -5.96148  -6.13892  0.000 52.20626 ?  120 TRP B CZ2 1 
ATOM   365 C CZ3 . TRP B 1 20 ? 5.12081   -4.08269  -4.85630  0.000 50.95085 ?  120 TRP B CZ3 1 
ATOM   366 C CH2 . TRP B 1 20 ? 4.83224   -4.69908  -6.08011  0.000 52.41681 ?  120 TRP B CH2 1 
ATOM   367 N N   . ALA B 1 21 ? 3.11402   -6.59690  1.81350   1.000 39.18891 ?  121 ALA B N   1 
ATOM   368 C CA  . ALA B 1 21 ? 3.44487   -6.48238  3.22917   1.000 40.99439 ?  121 ALA B CA  1 
ATOM   369 C C   . ALA B 1 21 ? 2.75753   -7.55903  4.05637   1.000 41.31548 ?  121 ALA B C   1 
ATOM   370 O O   . ALA B 1 21 ? 3.30745   -8.00590  5.06879   1.000 41.40233 ?  121 ALA B O   1 
ATOM   371 C CB  . ALA B 1 21 ? 3.07247   -5.09219  3.74308   1.000 39.42315 ?  121 ALA B CB  1 
ATOM   372 N N   . PHE B 1 22 ? 1.56181   -7.98987  3.64703   1.000 35.64112 ?  122 PHE B N   1 
ATOM   373 C CA  . PHE B 1 22 ? 0.89199   -9.07192  4.35774   1.000 40.02585 ?  122 PHE B CA  1 
ATOM   374 C C   . PHE B 1 22 ? 1.57562   -10.41071 4.11331   1.000 38.19142 ?  122 PHE B C   1 
ATOM   375 O O   . PHE B 1 22 ? 1.57861   -11.27356 4.99790   1.000 39.58369 ?  122 PHE B O   1 
ATOM   376 C CB  . PHE B 1 22 ? -0.57827  -9.13820  3.95112   1.000 40.96544 ?  122 PHE B CB  1 
ATOM   377 C CG  . PHE B 1 22 ? -1.45635  -8.19264  4.71449   1.000 37.81506 ?  122 PHE B CG  1 
ATOM   378 C CD1 . PHE B 1 22 ? -1.45198  -8.19301  6.09909   1.000 44.65272 ?  122 PHE B CD1 1 
ATOM   379 C CD2 . PHE B 1 22 ? -2.28075  -7.30106  4.05021   1.000 41.94450 ?  122 PHE B CD2 1 
ATOM   380 C CE1 . PHE B 1 22 ? -2.25605  -7.32350  6.80758   1.000 45.15278 ?  122 PHE B CE1 1 
ATOM   381 C CE2 . PHE B 1 22 ? -3.08606  -6.42886  4.75454   1.000 38.99152 ?  122 PHE B CE2 1 
ATOM   382 C CZ  . PHE B 1 22 ? -3.07514  -6.44360  6.13415   1.000 43.43416 ?  122 PHE B CZ  1 
ATOM   383 N N   . LYS B 1 23 ? 2.15517   -10.60418 2.92533   1.000 36.74388 ?  123 LYS B N   1 
ATOM   384 C CA  . LYS B 1 23 ? 2.94490   -11.80511 2.68265   1.000 43.26835 ?  123 LYS B CA  1 
ATOM   385 C C   . LYS B 1 23 ? 4.21627   -11.80909 3.51993   1.000 44.42375 ?  123 LYS B C   1 
ATOM   386 O O   . LYS B 1 23 ? 4.67791   -12.87702 3.93819   1.000 48.40054 ?  123 LYS B O   1 
ATOM   387 C CB  . LYS B 1 23 ? 3.27978   -11.92537 1.19557   1.000 43.56312 ?  123 LYS B CB  1 
ATOM   388 C CG  . LYS B 1 23 ? 2.06824   -12.16445 0.30792   1.000 43.03148 ?  123 LYS B CG  1 
ATOM   389 C CD  . LYS B 1 23 ? 2.34617   -11.76745 -1.13252  1.000 49.84545 ?  123 LYS B CD  1 
ATOM   390 C CE  . LYS B 1 23 ? 2.45139   -12.98940 -2.02903  1.000 51.15350 ?  123 LYS B CE  1 
ATOM   391 N NZ  . LYS B 1 23 ? 1.31508   -13.07432 -2.98834  1.000 47.77678 ?  123 LYS B NZ  1 
ATOM   392 N N   . GLU B 1 24 ? 4.79253   -10.63080 3.77375   1.000 44.31058 ?  124 GLU B N   1 
ATOM   393 C CA  . GLU B 1 24 ? 5.91920   -10.54345 4.69487   1.000 50.68239 ?  124 GLU B CA  1 
ATOM   394 C C   . GLU B 1 24 ? 5.49938   -10.87663 6.11928   1.000 48.63741 ?  124 GLU B C   1 
ATOM   395 O O   . GLU B 1 24 ? 6.28285   -11.46291 6.87434   1.000 51.28246 ?  124 GLU B O   1 
ATOM   396 C CB  . GLU B 1 24 ? 6.53749   -9.14723  4.64056   1.000 47.12933 ?  124 GLU B CB  1 
ATOM   397 C CG  . GLU B 1 24 ? 7.18556   -8.80251  3.31267   1.000 53.49589 ?  124 GLU B CG  1 
ATOM   398 C CD  . GLU B 1 24 ? 7.98555   -7.51864  3.37487   1.000 52.86686 ?  124 GLU B CD  1 
ATOM   399 O OE1 . GLU B 1 24 ? 8.71869   -7.32354  4.36618   1.000 57.04368 ?  124 GLU B OE1 1 
ATOM   400 O OE2 . GLU B 1 24 ? 7.87999   -6.70231  2.43553   1.000 61.52317 -1 124 GLU B OE2 1 
ATOM   401 N N   . ILE B 1 25 ? 4.27502   -10.51065 6.50225   1.000 44.41322 ?  125 ILE B N   1 
ATOM   402 C CA  . ILE B 1 25 ? 3.77207   -10.87545 7.82223   1.000 47.60044 ?  125 ILE B CA  1 
ATOM   403 C C   . ILE B 1 25 ? 3.60418   -12.38473 7.92559   1.000 46.70823 ?  125 ILE B C   1 
ATOM   404 O O   . ILE B 1 25 ? 3.99355   -12.99877 8.92614   1.000 52.27732 ?  125 ILE B O   1 
ATOM   405 C CB  . ILE B 1 25 ? 2.45633   -10.13212 8.11589   1.000 47.72941 ?  125 ILE B CB  1 
ATOM   406 C CG1 . ILE B 1 25 ? 2.74294   -8.69144  8.54550   1.000 42.16558 ?  125 ILE B CG1 1 
ATOM   407 C CG2 . ILE B 1 25 ? 1.65299   -10.85813 9.18630   1.000 46.77929 ?  125 ILE B CG2 1 
ATOM   408 C CD1 . ILE B 1 25 ? 1.49987   -7.84035  8.70060   1.000 49.60858 ?  125 ILE B CD1 1 
ATOM   409 N N   . ALA B 1 26 ? 3.04105   -13.00991 6.88701   1.000 41.62868 ?  126 ALA B N   1 
ATOM   410 C CA  . ALA B 1 26 ? 2.84706   -14.45671 6.90085   1.000 45.20542 ?  126 ALA B CA  1 
ATOM   411 C C   . ALA B 1 26 ? 4.17318   -15.19380 7.03707   1.000 52.02729 ?  126 ALA B C   1 
ATOM   412 O O   . ALA B 1 26 ? 4.26646   -16.18832 7.76682   1.000 48.27684 ?  126 ALA B O   1 
ATOM   413 C CB  . ALA B 1 26 ? 2.11464   -14.90088 5.63590   1.000 45.92919 ?  126 ALA B CB  1 
ATOM   414 N N   . GLN B 1 27 ? 5.21203   -14.72267 6.34194   1.000 48.83480 ?  127 GLN B N   1 
ATOM   415 C CA  . GLN B 1 27 ? 6.52910   -15.33282 6.48985   1.000 53.96173 ?  127 GLN B CA  1 
ATOM   416 C C   . GLN B 1 27 ? 7.11327   -15.07354 7.87163   1.000 55.87249 ?  127 GLN B C   1 
ATOM   417 O O   . GLN B 1 27 ? 7.88260   -15.89580 8.38263   1.000 61.81004 ?  127 GLN B O   1 
ATOM   418 C CB  . GLN B 1 27 ? 7.47594   -14.81534 5.40631   1.000 55.72247 ?  127 GLN B CB  1 
ATOM   419 C CG  . GLN B 1 27 ? 7.16366   -15.32373 4.00727   1.000 63.16020 ?  127 GLN B CG  1 
ATOM   420 C CD  . GLN B 1 27 ? 7.12329   -16.83785 3.92821   1.000 64.85514 ?  127 GLN B CD  1 
ATOM   421 O OE1 . GLN B 1 27 ? 8.12519   -17.51262 4.17065   1.000 60.98363 ?  127 GLN B OE1 1 
ATOM   422 N NE2 . GLN B 1 27 ? 5.96099   -17.38089 3.58580   1.000 62.81016 ?  127 GLN B NE2 1 
ATOM   423 N N   . ALA B 1 28 ? 6.76341   -13.94182 8.49014   1.000 51.54829 ?  128 ALA B N   1 
ATOM   424 C CA  . ALA B 1 28 ? 7.23553   -13.66061 9.84002   1.000 54.89079 ?  128 ALA B CA  1 
ATOM   425 C C   . ALA B 1 28 ? 6.57988   -14.57704 10.86440  1.000 56.12778 ?  128 ALA B C   1 
ATOM   426 O O   . ALA B 1 28 ? 7.21343   -14.94971 11.85711  1.000 65.13413 ?  128 ALA B O   1 
ATOM   427 C CB  . ALA B 1 28 ? 6.98049   -12.19574 10.19209  1.000 55.32242 ?  128 ALA B CB  1 
ATOM   428 N N   . ILE B 1 29 ? 5.31609   -14.94963 10.64361  1.000 52.71158 ?  129 ILE B N   1 
ATOM   429 C CA  . ILE B 1 29 ? 4.65950   -15.90207 11.53481  1.000 55.20399 ?  129 ILE B CA  1 
ATOM   430 C C   . ILE B 1 29 ? 5.17057   -17.31279 11.27754  1.000 60.96784 ?  129 ILE B C   1 
ATOM   431 O O   . ILE B 1 29 ? 5.34583   -18.10406 12.21218  1.000 61.54685 ?  129 ILE B O   1 
ATOM   432 C CB  . ILE B 1 29 ? 3.12960   -15.81769 11.38060  1.000 59.44923 ?  129 ILE B CB  1 
ATOM   433 C CG1 . ILE B 1 29 ? 2.67150   -14.35623 11.36107  1.000 54.69603 ?  129 ILE B CG1 1 
ATOM   434 C CG2 . ILE B 1 29 ? 2.43729   -16.58815 12.49682  1.000 57.71745 ?  129 ILE B CG2 1 
ATOM   435 C CD1 . ILE B 1 29 ? 1.16882   -14.18198 11.40438  1.000 53.24849 ?  129 ILE B CD1 1 
ATOM   436 N N   . LYS B 1 30 ? 5.42121   -17.65133 10.01077  1.000 55.11187 ?  130 LYS B N   1 
ATOM   437 C CA  . LYS B 1 30 ? 5.92542   -18.97934 9.67926   1.000 57.48584 ?  130 LYS B CA  1 
ATOM   438 C C   . LYS B 1 30 ? 7.34829   -19.19975 10.17633  1.000 63.29443 ?  130 LYS B C   1 
ATOM   439 O O   . LYS B 1 30 ? 7.75363   -20.35174 10.36714  1.000 64.16032 ?  130 LYS B O   1 
ATOM   440 C CB  . LYS B 1 30 ? 5.86058   -19.20821 8.16815   1.000 64.47878 ?  130 LYS B CB  1 
ATOM   441 C CG  . LYS B 1 30 ? 4.47902   -19.59423 7.65980   1.000 63.04703 ?  130 LYS B CG  1 
ATOM   442 C CD  . LYS B 1 30 ? 4.55088   -20.25256 6.29114   1.000 79.55691 ?  130 LYS B CD  1 
ATOM   443 C CE  . LYS B 1 30 ? 3.17203   -20.67554 5.80984   1.000 76.07491 ?  130 LYS B CE  1 
ATOM   444 N NZ  . LYS B 1 30 ? 2.98373   -20.41385 4.35530   1.000 63.57604 ?  130 LYS B NZ  1 
ATOM   445 N N   . GLY B 1 31 ? 8.10889   -18.13160 10.39064  1.000 62.45222 ?  131 GLY B N   1 
ATOM   446 C CA  . GLY B 1 31 ? 9.46342   -18.24757 10.89591  1.000 65.77894 ?  131 GLY B CA  1 
ATOM   447 C C   . GLY B 1 31 ? 9.57349   -17.90647 12.36925  1.000 67.96078 ?  131 GLY B C   1 
ATOM   448 O O   . GLY B 1 31 ? 10.61910  -18.10477 12.98652  1.000 72.38763 ?  131 GLY B O   1 
HETATM 449 O O   . HOH C 2 .  ? 3.48141   4.30225   6.71766   1.000 48.84000 ?  201 HOH A O   1 
HETATM 450 O O   . HOH C 2 .  ? 2.84110   7.44923   0.92652   1.000 43.44000 ?  202 HOH A O   1 
HETATM 451 O O   . HOH C 2 .  ? 4.73408   1.64893   1.14515   1.000 47.15000 ?  203 HOH A O   1 
HETATM 452 O O   . HOH C 2 .  ? 0.56478   3.80489   -5.88486  1.000 40.90000 ?  204 HOH A O   1 
HETATM 453 O O   . HOH C 2 .  ? 9.50709   -6.98342  17.95277  1.000 58.50000 ?  205 HOH A O   1 
HETATM 454 O O   . HOH C 2 .  ? -7.34842  17.77202  -5.28461  1.000 36.95000 ?  206 HOH A O   1 
HETATM 455 O O   . HOH C 2 .  ? -2.04491  11.22425  1.12739   1.000 34.73000 ?  207 HOH A O   1 
HETATM 456 O O   . HOH C 2 .  ? 13.99484  -3.80132  11.64725  1.000 48.60000 ?  208 HOH A O   1 
HETATM 457 O O   . HOH C 2 .  ? -9.21691  15.43605  -12.22929 1.000 35.24000 ?  209 HOH A O   1 
HETATM 458 O O   . HOH C 2 .  ? -13.37037 19.29182  -10.09814 1.000 27.54000 ?  210 HOH A O   1 
HETATM 459 O O   . HOH C 2 .  ? -1.85916  14.28941  -5.30014  1.000 43.24000 ?  211 HOH A O   1 
HETATM 460 O O   . HOH C 2 .  ? -0.45829  8.31618   -6.00605  1.000 40.30000 ?  212 HOH A O   1 
HETATM 461 O O   . HOH C 2 .  ? 3.85867   7.56359   -4.42828  1.000 51.15000 ?  213 HOH A O   1 
HETATM 462 O O   . HOH C 2 .  ? -16.02731 17.94817  -9.11825  0.50  24.28000 ?  214 HOH A O   1 
HETATM 463 O O   . HOH C 2 .  ? -6.20775  -1.17069  2.14178   1.000 58.71000 ?  215 HOH A O   1 
HETATM 464 O O   . HOH C 2 .  ? -14.23014 13.80072  -13.30327 0.50  48.39000 ?  216 HOH A O   1 
HETATM 465 O O   . HOH C 2 .  ? -14.93152 10.41594  -9.08497  1.000 46.94000 ?  217 HOH A O   1 
HETATM 466 O O   . HOH C 2 .  ? -14.98311 11.74448  -11.46623 1.000 50.00000 ?  218 HOH A O   1 
HETATM 467 O O   . HOH D 2 .  ? 9.40111   -5.93632  5.97876   1.000 52.65000 ?  201 HOH B O   1 
HETATM 468 O O   . HOH D 2 .  ? -9.61233  14.95090  -15.65068 1.000 32.93000 ?  202 HOH B O   1 
HETATM 469 O O   . HOH D 2 .  ? -0.61574  5.28039   -12.85539 1.000 48.10000 ?  203 HOH B O   1 
HETATM 470 O O   . HOH D 2 .  ? -3.24961  10.99488  -12.71351 1.000 39.94000 ?  204 HOH B O   1 
HETATM 471 O O   . HOH D 2 .  ? 6.77060   -5.36406  0.32775   1.000 52.50000 ?  205 HOH B O   1 
HETATM 472 O O   . HOH D 2 .  ? 6.33668   -10.04531 0.38302   1.000 47.04000 ?  206 HOH B O   1 
HETATM 473 O O   . HOH D 2 .  ? -8.98851  8.82814   -17.19674 1.000 31.32000 ?  207 HOH B O   1 
HETATM 474 O O   . HOH D 2 .  ? 5.04415   -3.47616  0.47367   1.000 39.20000 ?  208 HOH B O   1 
HETATM 475 O O   . HOH D 2 .  ? -3.25731  14.16064  -12.52431 1.000 49.60000 ?  209 HOH B O   1 
HETATM 476 O O   . HOH D 2 .  ? -2.40728  -0.64598  -11.70213 1.000 40.12000 ?  210 HOH B O   1 
HETATM 477 O O   . HOH D 2 .  ? 1.03318   6.50436   -5.38769  1.000 44.28000 ?  211 HOH B O   1 
HETATM 478 O O   . HOH D 2 .  ? 5.54921   -0.55676  1.09436   1.000 46.22000 ?  212 HOH B O   1 
HETATM 479 O O   . HOH D 2 .  ? -1.81739  -2.58145  -10.38958 1.000 40.49000 ?  213 HOH B O   1 
HETATM 480 O O   . HOH D 2 .  ? -11.77008 15.42550  -13.49315 0.50  26.80000 ?  214 HOH B O   1 
HETATM 481 O O   . HOH D 2 .  ? -7.27300  -2.91422  1.01368   1.000 57.46000 ?  215 HOH B O   1 
HETATM 482 O O   . HOH D 2 .  ? -13.94880 8.67328   -10.61571 1.000 52.56000 ?  216 HOH B O   1 
# 
loop_
_atom_site_anisotrop.id 
_atom_site_anisotrop.type_symbol 
_atom_site_anisotrop.pdbx_label_atom_id 
_atom_site_anisotrop.pdbx_label_alt_id 
_atom_site_anisotrop.pdbx_label_comp_id 
_atom_site_anisotrop.pdbx_label_asym_id 
_atom_site_anisotrop.pdbx_label_seq_id 
_atom_site_anisotrop.pdbx_PDB_ins_code 
_atom_site_anisotrop.U[1][1] 
_atom_site_anisotrop.U[2][2] 
_atom_site_anisotrop.U[3][3] 
_atom_site_anisotrop.U[1][2] 
_atom_site_anisotrop.U[1][3] 
_atom_site_anisotrop.U[2][3] 
_atom_site_anisotrop.pdbx_auth_seq_id 
_atom_site_anisotrop.pdbx_auth_comp_id 
_atom_site_anisotrop.pdbx_auth_asym_id 
_atom_site_anisotrop.pdbx_auth_atom_id 
1   C C   . ACE A 1  ? 0.54548 0.42794 0.70509 -0.07595 -0.01207 0.14013  101 ACE A C   
2   O O   . ACE A 1  ? 0.61523 0.45435 0.78222 -0.07827 -0.02787 0.13655  101 ACE A O   
3   C CH3 . ACE A 1  ? 0.62138 0.53978 0.80154 -0.09268 0.00182  0.16139  101 ACE A CH3 
4   N N   . GLY A 2  ? 0.44919 0.34959 0.58402 -0.05734 -0.00710 0.12603  102 GLY A N   
5   C CA  . GLY A 2  ? 0.49553 0.37583 0.61894 -0.04010 -0.01740 0.10986  102 GLY A CA  
6   C C   . GLY A 2  ? 0.53249 0.39781 0.66519 -0.03568 -0.02479 0.08382  102 GLY A C   
7   O O   . GLY A 2  ? 0.45004 0.33155 0.59010 -0.04203 -0.02187 0.07106  102 GLY A O   
8   N N   . GLU A 3  ? 0.48715 0.32259 0.61696 -0.02145 -0.03382 0.07693  103 GLU A N   
9   C CA  . GLU A 3  ? 0.48950 0.30819 0.61892 -0.01099 -0.03834 0.05271  103 GLU A CA  
10  C C   . GLU A 3  ? 0.48295 0.33866 0.61009 -0.00243 -0.02928 0.03806  103 GLU A C   
11  O O   . GLU A 3  ? 0.50344 0.36312 0.62954 -0.00488 -0.02834 0.02301  103 GLU A O   
12  C CB  . GLU A 3  ? 0.55489 0.33833 0.67938 0.00953  -0.04573 0.04981  103 GLU A CB  
13  C CG  . GLU A 3  ? 0.69956 0.45016 0.81458 0.02262  -0.05149 0.02590  103 GLU A CG  
14  C CD  . GLU A 3  ? 0.68972 0.41934 0.79834 0.05330  -0.05177 0.02052  103 GLU A CD  
15  O OE1 . GLU A 3  ? 0.68615 0.43417 0.80467 0.06275  -0.04863 0.03616  103 GLU A OE1 
16  O OE2 . GLU A 3  ? 0.83336 0.52913 0.92581 0.07074  -0.05556 0.00022  103 GLU A OE2 
17  N N   . ILE A 4  ? 0.38972 0.27060 0.51648 0.00673  -0.02538 0.04375  104 ILE A N   
18  C CA  . ILE A 4  ? 0.36988 0.28236 0.49996 0.01226  -0.01962 0.03363  104 ILE A CA  
19  C C   . ILE A 4  ? 0.42777 0.36044 0.55498 -0.00174 -0.01483 0.03074  104 ILE A C   
20  O O   . ILE A 4  ? 0.38340 0.32881 0.51290 -0.00120 -0.01118 0.01931  104 ILE A O   
21  C CB  . ILE A 4  ? 0.42486 0.35634 0.56141 0.02191  -0.02312 0.04224  104 ILE A CB  
22  C CG1 . ILE A 4  ? 0.41269 0.33638 0.56134 0.04177  -0.02417 0.04257  104 ILE A CG1 
23  C CG2 . ILE A 4  ? 0.30599 0.26812 0.44859 0.01912  -0.02158 0.03676  104 ILE A CG2 
24  C CD1 . ILE A 4  ? 0.50116 0.44670 0.66555 0.05065  -0.03155 0.05484  104 ILE A CD1 
25  N N   . ALA A 5  ? 0.38330 0.32037 0.50443 -0.01180 -0.01337 0.04292  105 ALA A N   
26  C CA  . ALA A 5  ? 0.35063 0.30940 0.46937 -0.01984 -0.00627 0.04104  105 ALA A CA  
27  C C   . ALA A 5  ? 0.43908 0.39603 0.57079 -0.02890 -0.00558 0.03370  105 ALA A C   
28  O O   . ALA A 5  ? 0.38162 0.35633 0.51585 -0.02922 -0.00223 0.02475  105 ALA A O   
29  C CB  . ALA A 5  ? 0.43023 0.39646 0.53731 -0.02426 -0.00050 0.05850  105 ALA A CB  
30  N N   . GLN A 6  ? 0.43883 0.37103 0.57874 -0.03611 -0.01227 0.03729  106 GLN A N   
31  C CA  . GLN A 6  ? 0.40739 0.33350 0.55901 -0.04616 -0.01882 0.02911  106 GLN A CA  
32  C C   . GLN A 6  ? 0.42407 0.34536 0.56487 -0.03425 -0.02203 0.00816  106 GLN A C   
33  O O   . GLN A 6  ? 0.39423 0.32649 0.53858 -0.03829 -0.02459 0.00001  106 GLN A O   
34  C CB  . GLN A 6  ? 0.42221 0.31298 0.58341 -0.05770 -0.03148 0.03620  106 GLN A CB  
35  C CG  . GLN A 6  ? 0.52473 0.42760 0.70627 -0.07600 -0.02744 0.06271  106 GLN A CG  
36  N N   . ALA A 7  ? 0.34007 0.24872 0.46881 -0.01785 -0.02087 0.00217  107 ALA A N   
37  C CA  . ALA A 7  ? 0.40216 0.31226 0.51948 -0.00364 -0.01859 -0.01256 107 ALA A CA  
38  C C   . ALA A 7  ? 0.44556 0.38990 0.56714 -0.00385 -0.01028 -0.01196 107 ALA A C   
39  O O   . ALA A 7  ? 0.42352 0.37340 0.53848 -0.00022 -0.00966 -0.02030 107 ALA A O   
40  C CB  . ALA A 7  ? 0.35150 0.24968 0.46221 0.01648  -0.01499 -0.01403 107 ALA A CB  
41  N N   . ILE A 8  ? 0.34319 0.30600 0.47211 -0.00698 -0.00623 -0.00223 108 ILE A N   
42  C CA  . ILE A 8  ? 0.35567 0.34126 0.48727 -0.00758 -0.00254 -0.00304 108 ILE A CA  
43  C C   . ILE A 8  ? 0.40526 0.39951 0.53892 -0.01569 -0.00254 -0.00593 108 ILE A C   
44  O O   . ILE A 8  ? 0.32559 0.33004 0.45947 -0.01338 -0.00162 -0.01057 108 ILE A O   
45  C CB  . ILE A 8  ? 0.35260 0.34675 0.48415 -0.00753 -0.00357 0.00431  108 ILE A CB  
46  C CG1 . ILE A 8  ? 0.30397 0.29749 0.44264 0.00067  -0.00648 0.00906  108 ILE A CG1 
47  C CG2 . ILE A 8  ? 0.31039 0.31728 0.44092 -0.00835 -0.00401 0.00067  108 ILE A CG2 
48  C CD1 . ILE A 8  ? 0.38825 0.38572 0.52463 0.00012  -0.01436 0.01618  108 ILE A CD1 
49  N N   . LYS A 9  ? 0.33771 0.33056 0.47754 -0.02523 -0.00361 -0.00003 109 LYS A N   
50  C CA  . LYS A 9  ? 0.37185 0.38055 0.52380 -0.03265 -0.00365 0.00066  109 LYS A CA  
51  C C   . LYS A 9  ? 0.39133 0.39168 0.54349 -0.03359 -0.01369 -0.00975 109 LYS A C   
52  O O   . LYS A 9  ? 0.34220 0.35894 0.50235 -0.03470 -0.01573 -0.01167 109 LYS A O   
53  C CB  . LYS A 9  ? 0.35208 0.36679 0.51933 -0.04458 -0.00179 0.01522  109 LYS A CB  
54  C CG  . LYS A 9  ? 0.42461 0.45176 0.58303 -0.04033 0.01020  0.02687  109 LYS A CG  
55  C CD  . LYS A 9  ? 0.46545 0.51587 0.64238 -0.04907 0.01951  0.04525  109 LYS A CD  
56  C CE  . LYS A 9  ? 0.53567 0.56974 0.72209 -0.06210 0.01606  0.06219  109 LYS A CE  
57  N N   . GLU A 10 ? 0.35858 0.33161 0.49830 -0.03026 -0.02104 -0.01714 110 GLU A N   
58  C CA  A GLU A 10 ? 0.37289 0.33216 0.49955 -0.02680 -0.03208 -0.02993 110 GLU A CA  
59  C CA  B GLU A 10 ? 0.37347 0.33273 0.50010 -0.02677 -0.03211 -0.02989 110 GLU A CA  
60  C C   . GLU A 10 ? 0.36391 0.33715 0.47755 -0.01418 -0.02500 -0.03370 110 GLU A C   
61  O O   . GLU A 10 ? 0.39514 0.36921 0.50005 -0.01248 -0.03297 -0.03987 110 GLU A O   
62  C CB  A GLU A 10 ? 0.37413 0.29510 0.48088 -0.01955 -0.04007 -0.03961 110 GLU A CB  
63  C CB  B GLU A 10 ? 0.37373 0.29470 0.48048 -0.01955 -0.04007 -0.03961 110 GLU A CB  
64  C CG  A GLU A 10 ? 0.40944 0.30540 0.52906 -0.03519 -0.05519 -0.03691 110 GLU A CG  
65  C CG  B GLU A 10 ? 0.40792 0.30426 0.52782 -0.03481 -0.05399 -0.03604 110 GLU A CG  
66  C CD  A GLU A 10 ? 0.40182 0.30718 0.54210 -0.05356 -0.07115 -0.03565 110 GLU A CD  
67  C CD  B GLU A 10 ? 0.40266 0.25089 0.49795 -0.02391 -0.06476 -0.04909 110 GLU A CD  
68  N N   . ILE A 11 ? 0.32049 0.30409 0.43442 -0.00673 -0.01249 -0.02790 111 ILE A N   
69  C CA  . ILE A 11 ? 0.31936 0.31645 0.42848 0.00143  -0.00626 -0.02596 111 ILE A CA  
70  C C   . ILE A 11 ? 0.34592 0.35907 0.46631 -0.00434 -0.00861 -0.02341 111 ILE A C   
71  O O   . ILE A 11 ? 0.33787 0.35557 0.45186 0.00017  -0.01094 -0.02380 111 ILE A O   
72  C CB  . ILE A 11 ? 0.32003 0.32494 0.43683 0.00658  0.00306  -0.01763 111 ILE A CB  
73  C CG1 . ILE A 11 ? 0.35082 0.34643 0.45835 0.01910  0.00839  -0.01861 111 ILE A CG1 
74  C CG2 . ILE A 11 ? 0.27238 0.29158 0.39484 0.00836  0.00690  -0.01041 111 ILE A CG2 
75  C CD1 . ILE A 11 ? 0.31259 0.32457 0.43793 0.02396  0.01641  -0.00671 111 ILE A CD1 
76  N N   . ALA A 12 ? 0.31452 0.33664 0.44914 -0.01102 -0.00718 -0.01990 112 ALA A N   
77  C CA  . ALA A 12 ? 0.32248 0.36064 0.46748 -0.01094 -0.00714 -0.01823 112 ALA A CA  
78  C C   . ALA A 12 ? 0.37059 0.41686 0.52385 -0.01449 -0.01627 -0.02002 112 ALA A C   
79  O O   . ALA A 12 ? 0.32079 0.37789 0.47821 -0.00943 -0.01909 -0.01951 112 ALA A O   
80  C CB  . ALA A 12 ? 0.29969 0.34711 0.45170 -0.01266 -0.00052 -0.01387 112 ALA A CB  
81  N N   . LYS A 13 ? 0.35105 0.38987 0.50858 -0.02363 -0.02448 -0.02157 113 LYS A N   
82  C CA  . LYS A 13 ? 0.34187 0.38581 0.50982 -0.02992 -0.04025 -0.02388 113 LYS A CA  
83  C C   . LYS A 13 ? 0.36871 0.39995 0.50943 -0.02014 -0.04918 -0.03237 113 LYS A C   
84  O O   . LYS A 13 ? 0.35178 0.39456 0.49807 -0.01947 -0.06097 -0.03235 113 LYS A O   
85  C CB  . LYS A 13 ? 0.39104 0.41983 0.56833 -0.04428 -0.05239 -0.02433 113 LYS A CB  
86  C CG  . LYS A 13 ? 0.47915 0.53010 0.69154 -0.05712 -0.04578 -0.00889 113 LYS A CG  
87  C CD  . LYS A 13 ? 0.44196 0.46995 0.66470 -0.07357 -0.05904 -0.00595 113 LYS A CD  
88  C CE  . LYS A 13 ? 0.53666 0.58078 0.78316 -0.08282 -0.04463 0.01403  113 LYS A CE  
89  N N   . ALA A 14 ? 0.30983 0.32078 0.42170 -0.01054 -0.04272 -0.03716 114 ALA A N   
90  C CA  . ALA A 14 ? 0.34605 0.34814 0.42671 0.00230  -0.04582 -0.04139 114 ALA A CA  
91  C C   . ALA A 14 ? 0.33742 0.35727 0.42311 0.00832  -0.03826 -0.03112 114 ALA A C   
92  O O   . ALA A 14 ? 0.40422 0.42479 0.47389 0.01518  -0.04619 -0.03013 114 ALA A O   
93  C CB  . ALA A 14 ? 0.37447 0.35778 0.42754 0.01434  -0.03535 -0.04513 114 ALA A CB  
94  N N   . ILE A 15 ? 0.27593 0.30537 0.38050 0.00654  -0.02592 -0.02359 115 ILE A N   
95  C CA  . ILE A 15 ? 0.34778 0.38505 0.45857 0.01141  -0.02271 -0.01494 115 ILE A CA  
96  C C   . ILE A 15 ? 0.38072 0.43161 0.50717 0.01173  -0.03276 -0.01505 115 ILE A C   
97  O O   . ILE A 15 ? 0.33648 0.38909 0.45953 0.01913  -0.03716 -0.00922 115 ILE A O   
98  C CB  . ILE A 15 ? 0.35170 0.38790 0.47590 0.00917  -0.01339 -0.01067 115 ILE A CB  
99  C CG1 . ILE A 15 ? 0.32464 0.35503 0.44243 0.00927  -0.00512 -0.00690 115 ILE A CG1 
100 C CG2 . ILE A 15 ? 0.30787 0.34184 0.43789 0.01358  -0.01472 -0.00360 115 ILE A CG2 
101 C CD1 . ILE A 15 ? 0.30658 0.33546 0.43917 0.00497  -0.00237 -0.00265 115 ILE A CD1 
102 N N   . LYS A 16 ? 0.32606 0.38949 0.47325 0.00429  -0.03606 -0.01845 116 LYS A N   
103 C CA  . LYS A 16 ? 0.31916 0.40516 0.49028 0.00519  -0.04506 -0.01547 116 LYS A CA  
104 C C   . LYS A 16 ? 0.34238 0.42670 0.50252 0.00552  -0.06458 -0.01749 116 LYS A C   
105 O O   . LYS A 16 ? 0.31842 0.41766 0.48992 0.01222  -0.07398 -0.01257 116 LYS A O   
106 C CB  . LYS A 16 ? 0.35897 0.46509 0.56023 -0.00477 -0.04241 -0.01316 116 LYS A CB  
107 C CG  . LYS A 16 ? 0.41053 0.52628 0.62048 0.00144  -0.02420 -0.00965 116 LYS A CG  
108 C CD  . LYS A 16 ? 0.37474 0.51324 0.61111 -0.00796 -0.01764 -0.00198 116 LYS A CD  
109 C CE  . LYS A 16 ? 0.59355 0.76435 0.85200 0.00510  -0.00411 0.00556  116 LYS A CE  
110 N NZ  . LYS A 16 ? 0.41951 0.57722 0.65257 0.01803  0.01211  0.00129  116 LYS A NZ  
111 N N   . GLU A 17 ? 0.33555 0.39908 0.46907 0.00173  -0.07240 -0.02546 117 GLU A N   
112 C CA  . GLU A 17 ? 0.39177 0.44642 0.50162 0.00524  -0.09336 -0.03044 117 GLU A CA  
113 C C   . GLU A 17 ? 0.40819 0.45876 0.49105 0.02086  -0.08749 -0.02258 117 GLU A C   
114 O O   . GLU A 17 ? 0.48153 0.53752 0.55735 0.02695  -0.10297 -0.01930 117 GLU A O   
115 C CB  . GLU A 17 ? 0.40200 0.42637 0.47792 0.00318  -0.10291 -0.04439 117 GLU A CB  
116 C CG  . GLU A 17 ? 0.42525 0.44455 0.52441 -0.01451 -0.12145 -0.05160 117 GLU A CG  
117 C CD  . GLU A 17 ? 0.45881 0.50162 0.59348 -0.02569 -0.14721 -0.04760 117 GLU A CD  
118 N N   . VAL A 18 ? 0.36542 0.40758 0.43689 0.02609  -0.06674 -0.01680 118 VAL A N   
119 C CA  . VAL A 18 ? 0.39927 0.43783 0.45150 0.03752  -0.06016 -0.00355 118 VAL A CA  
120 C C   . VAL A 18 ? 0.44724 0.49771 0.52555 0.04061  -0.06524 0.00579  118 VAL A C   
121 O O   . VAL A 18 ? 0.42457 0.47340 0.48853 0.05001  -0.07305 0.01595  118 VAL A O   
122 C CB  . VAL A 18 ? 0.36495 0.39708 0.41387 0.03819  -0.03841 0.00434  118 VAL A CB  
123 C CG1 . VAL A 18 ? 0.43997 0.47097 0.48505 0.04461  -0.03149 0.02425  118 VAL A CG1 
124 C CG2 . VAL A 18 ? 0.34864 0.37048 0.36628 0.04339  -0.03183 -0.00257 118 VAL A CG2 
125 N N   . ALA A 19 ? 0.36704 0.42805 0.48021 0.03584  -0.06049 0.00301  119 ALA A N   
126 C CA  . ALA A 19 ? 0.34675 0.41705 0.48300 0.04431  -0.06392 0.00921  119 ALA A CA  
127 C C   . ALA A 19 ? 0.36836 0.45823 0.51541 0.04876  -0.08343 0.01048  119 ALA A C   
128 O O   . ALA A 19 ? 0.39355 0.48587 0.54558 0.06089  -0.09078 0.01969  119 ALA A O   
129 C CB  . ALA A 19 ? 0.32458 0.40302 0.48760 0.04323  -0.05304 0.00354  119 ALA A CB  
130 N N   . TRP A 20 ? 0.32686 0.42893 0.48020 0.03845  -0.09511 0.00235  120 TRP A N   
131 C CA  . TRP A 20 ? 0.33122 0.45351 0.49976 0.03916  -0.11976 0.00418  120 TRP A CA  
132 C C   . TRP A 20 ? 0.40798 0.51294 0.53318 0.04848  -0.13581 0.00763  120 TRP A C   
133 O O   . TRP A 20 ? 0.36251 0.48133 0.49636 0.05691  -0.15454 0.01521  120 TRP A O   
134 C CB  . TRP A 20 ? 0.37590 0.50909 0.56331 0.02154  -0.13312 -0.00444 120 TRP A CB  
135 C CG  . TRP A 20 ? 0.42664 0.58547 0.64229 0.01784  -0.16302 -0.00124 120 TRP A CG  
136 C CD1 . TRP A 20 ? 0.51141 0.65630 0.70099 0.01318  -0.19435 -0.00867 120 TRP A CD1 
137 C CD2 . TRP A 20 ? 0.45873 0.66332 0.73505 0.01980  -0.16648 0.01079  120 TRP A CD2 
138 N NE1 . TRP A 20 ? 0.52360 0.70305 0.75825 0.00865  -0.22119 -0.00146 120 TRP A NE1 
139 C CE2 . TRP A 20 ? 0.47029 0.69089 0.76291 0.01302  -0.20249 0.01234  120 TRP A CE2 
140 C CE3 . TRP A 20 ? 0.44143 0.67521 0.75796 0.02947  -0.14268 0.02000  120 TRP A CE3 
141 C CZ2 . TRP A 20 ? 0.48782 0.76032 0.84626 0.01355  -0.21467 0.02633  120 TRP A CZ2 
142 C CZ3 . TRP A 20 ? 0.41617 0.69991 0.79172 0.03418  -0.15050 0.03271  120 TRP A CZ3 
143 C CH2 . TRP A 20 ? 0.44954 0.75576 0.85070 0.02528  -0.18568 0.03755  120 TRP A CH2 
144 N N   . ALA A 21 ? 0.39649 0.47392 0.47389 0.04966  -0.12778 0.00411  121 ALA A N   
145 C CA  . ALA A 21 ? 0.46376 0.52549 0.49076 0.06215  -0.13775 0.01000  121 ALA A CA  
146 C C   . ALA A 21 ? 0.44249 0.50376 0.47055 0.07464  -0.12998 0.03066  121 ALA A C   
147 O O   . ALA A 21 ? 0.52140 0.58112 0.52647 0.08604  -0.14608 0.04076  121 ALA A O   
148 C CB  . ALA A 21 ? 0.52085 0.55859 0.49827 0.06495  -0.12396 0.00391  121 ALA A CB  
149 N N   . PHE A 22 ? 0.39337 0.45163 0.44630 0.07272  -0.10852 0.03729  122 PHE A N   
150 C CA  . PHE A 22 ? 0.46490 0.51445 0.52374 0.08276  -0.10491 0.05615  122 PHE A CA  
151 C C   . PHE A 22 ? 0.44153 0.50725 0.53142 0.09254  -0.12252 0.05879  122 PHE A C   
152 O O   . PHE A 22 ? 0.46582 0.52297 0.54941 0.10519  -0.13012 0.07540  122 PHE A O   
153 C CB  . PHE A 22 ? 0.41308 0.44949 0.49183 0.07694  -0.08459 0.05857  122 PHE A CB  
154 C CG  . PHE A 22 ? 0.43518 0.45943 0.49089 0.07042  -0.06742 0.06595  122 PHE A CG  
155 C CD1 . PHE A 22 ? 0.57257 0.59136 0.59117 0.07714  -0.06464 0.08346  122 PHE A CD1 
156 C CD2 . PHE A 22 ? 0.48621 0.50803 0.55786 0.05954  -0.05331 0.05800  122 PHE A CD2 
157 C CE1 . PHE A 22 ? 0.53003 0.54650 0.53367 0.07378  -0.04484 0.09411  122 PHE A CE1 
158 C CE2 . PHE A 22 ? 0.47879 0.49669 0.53832 0.05463  -0.03774 0.06761  122 PHE A CE2 
159 C CZ  . PHE A 22 ? 0.48980 0.50749 0.51801 0.06217  -0.03176 0.08637  122 PHE A CZ  
160 N N   . LYS A 23 ? 0.39137 0.48327 0.51835 0.08790  -0.12825 0.04572  123 LYS A N   
161 C CA  . LYS A 23 ? 0.42631 0.54442 0.58977 0.09920  -0.14436 0.05050  123 LYS A CA  
162 C C   . LYS A 23 ? 0.50549 0.63114 0.64968 0.10387  -0.17331 0.05690  123 LYS A C   
163 O O   . LYS A 23 ? 0.50107 0.63821 0.66173 0.11904  -0.18806 0.06894  123 LYS A O   
164 C CB  . LYS A 23 ? 0.44999 0.60294 0.66207 0.09178  -0.14112 0.04031  123 LYS A CB  
165 C CG  . LYS A 23 ? 0.43563 0.58440 0.66567 0.09505  -0.11507 0.03547  123 LYS A CG  
166 C CD  . LYS A 23 ? 0.47306 0.65158 0.73486 0.08269  -0.10652 0.02726  123 LYS A CD  
167 C CE  . LYS A 23 ? 0.63404 0.86135 0.95071 0.09266  -0.11130 0.03449  123 LYS A CE  
168 N NZ  . LYS A 23 ? 0.55538 0.78155 0.88337 0.12038  -0.10132 0.03894  123 LYS A NZ  
169 N N   . GLU A 24 ? 0.52253 0.63884 0.62833 0.09376  -0.18376 0.04801  124 GLU A N   
170 C CA  . GLU A 24 ? 0.53721 0.65253 0.60986 0.10038  -0.21449 0.05150  124 GLU A CA  
171 C C   . GLU A 24 ? 0.55318 0.64505 0.58127 0.11738  -0.21082 0.07162  124 GLU A C   
172 O O   . GLU A 24 ? 0.60534 0.70241 0.62305 0.13008  -0.23526 0.08340  124 GLU A O   
173 C CB  . GLU A 24 ? 0.64186 0.74211 0.67263 0.08925  -0.22657 0.03335  124 GLU A CB  
174 C CG  . GLU A 24 ? 0.70786 0.82178 0.77906 0.06914  -0.22717 0.01643  124 GLU A CG  
175 C CD  . GLU A 24 ? 0.78214 0.87573 0.81493 0.05976  -0.25219 -0.00258 124 GLU A CD  
176 O OE1 . GLU A 24 ? 0.79744 0.86438 0.76228 0.07232  -0.26414 -0.00550 124 GLU A OE1 
177 O OE2 . GLU A 24 ? 0.83155 0.93291 0.89924 0.04099  -0.26034 -0.01414 124 GLU A OE2 
178 N N   . ILE A 25 ? 0.51253 0.58058 0.51739 0.11702  -0.18178 0.07887  125 ILE A N   
179 C CA  . ILE A 25 ? 0.61226 0.65965 0.58299 0.12994  -0.17507 0.10437  125 ILE A CA  
180 C C   . ILE A 25 ? 0.61959 0.66826 0.62965 0.14097  -0.18105 0.12027  125 ILE A C   
181 O O   . ILE A 25 ? 0.63615 0.67456 0.62489 0.15511  -0.19264 0.14229  125 ILE A O   
182 C CB  . ILE A 25 ? 0.62710 0.65548 0.57943 0.12319  -0.14283 0.11180  125 ILE A CB  
183 C CG1 . ILE A 25 ? 0.55896 0.58545 0.46788 0.11918  -0.13652 0.09648  125 ILE A CG1 
184 C CG2 . ILE A 25 ? 0.66828 0.67851 0.59611 0.13297  -0.13431 0.14485  125 ILE A CG2 
185 C CD1 . ILE A 25 ? 0.57132 0.58938 0.47260 0.11365  -0.10397 0.10387  125 ILE A CD1 
186 N N   . ALA A 26 ? 0.51087 0.56981 0.57512 0.13790  -0.17317 0.10974  126 ALA A N   
187 C CA  . ALA A 26 ? 0.55350 0.61260 0.65420 0.15417  -0.17974 0.12008  126 ALA A CA  
188 C C   . ALA A 26 ? 0.57595 0.66468 0.69167 0.16696  -0.20992 0.12385  126 ALA A C   
189 O O   . ALA A 26 ? 0.59742 0.67948 0.71819 0.18563  -0.22261 0.14215  126 ALA A O   
190 C CB  . ALA A 26 ? 0.50123 0.56648 0.64769 0.15273  -0.16329 0.10455  126 ALA A CB  
191 N N   . GLN A 27 ? 0.56165 0.68211 0.68814 0.15636  -0.22459 0.10835  127 GLN A N   
192 C CA  . GLN A 27 ? 0.57484 0.72570 0.71706 0.16435  -0.25961 0.11289  127 GLN A CA  
193 C C   . GLN A 27 ? 0.65521 0.78404 0.73305 0.17291  -0.28081 0.12705  127 GLN A C   
194 O O   . GLN A 27 ? 0.61981 0.76281 0.70318 0.18596  -0.30415 0.13994  127 GLN A O   
195 C CB  . GLN A 27 ? 0.70251 0.88708 0.87291 0.14562  -0.27409 0.09416  127 GLN A CB  
196 C CG  . GLN A 27 ? 0.53314 0.74799 0.76877 0.13855  -0.25340 0.08520  127 GLN A CG  
197 C CD  . GLN A 27 ? 0.67216 0.92243 0.96591 0.15762  -0.25186 0.09615  127 GLN A CD  
198 O OE1 . GLN A 27 ? 0.75764 1.00046 1.06980 0.17222  -0.22751 0.09793  127 GLN A OE1 
199 N NE2 . GLN A 27 ? 0.58526 0.87041 0.89943 0.15776  -0.27317 0.10110  127 GLN A NE2 
200 N N   . ALA A 28 ? 0.61872 0.71677 0.63341 0.16590  -0.26671 0.12570  128 ALA A N   
201 C CA  . ALA A 28 ? 0.74507 0.82269 0.68844 0.17757  -0.28158 0.14078  128 ALA A CA  
202 C C   . ALA A 28 ? 0.75690 0.81471 0.69229 0.19468  -0.27476 0.17320  128 ALA A C   
203 O O   . ALA A 28 ? 0.74509 0.80094 0.65017 0.20864  -0.29638 0.19123  128 ALA A O   
204 C CB  . ALA A 28 ? 0.67706 0.73189 0.55684 0.16989  -0.26224 0.13193  128 ALA A CB  
205 N N   . ILE A 29 ? 0.74159 0.78233 0.70478 0.19145  -0.24508 0.18108  129 ILE A N   
206 C CA  . ILE A 29 ? 0.73807 0.75180 0.69884 0.20502  -0.24096 0.21260  129 ILE A CA  
207 C C   . ILE A 29 ? 0.70219 0.73006 0.70735 0.22300  -0.26330 0.21818  129 ILE A C   
208 O O   . ILE A 29 ? 0.75856 0.77679 0.74615 0.23682  -0.26967 0.24192  129 ILE A O   
209 C CB  . ILE A 29 ? 0.72893 0.71584 0.71083 0.19367  -0.20895 0.21642  129 ILE A CB  
210 C CG1 . ILE A 29 ? 0.72701 0.70352 0.66347 0.17979  -0.18478 0.22267  129 ILE A CG1 
211 C CG2 . ILE A 29 ? 0.74240 0.69611 0.73948 0.20627  -0.21101 0.24473  129 ILE A CG2 
212 C CD1 . ILE A 29 ? 0.66501 0.63341 0.63138 0.16147  -0.15804 0.21037  129 ILE A CD1 
213 N N   . LYS A 30 ? 0.65614 0.71495 0.72020 0.22145  -0.26458 0.19522  130 LYS A N   
214 C CA  . LYS A 30 ? 0.66487 0.74826 0.77256 0.23842  -0.27256 0.19718  130 LYS A CA  
215 C C   . LYS A 30 ? 0.70340 0.81815 0.79765 0.24265  -0.30072 0.20353  130 LYS A C   
216 O O   . LYS A 30 ? 0.73601 0.85877 0.84282 0.26111  -0.31005 0.21834  130 LYS A O   
217 C CB  . LYS A 30 ? 0.61170 0.72734 0.78215 0.23670  -0.26193 0.17432  130 LYS A CB  
218 C CG  . LYS A 30 ? 0.74911 0.87269 0.96050 0.26064  -0.25533 0.17789  130 LYS A CG  
219 C CD  . LYS A 30 ? 0.72158 0.90631 0.98870 0.26365  -0.25766 0.16441  130 LYS A CD  
220 N N   . GLY A 31 ? 0.71501 0.84414 0.78195 0.22653  -0.31604 0.19103  131 GLY A N   
221 C CA  . GLY A 31 ? 0.75653 0.90991 0.80566 0.22711  -0.34647 0.19355  131 GLY A CA  
222 C C   . GLY A 31 ? 0.90940 1.03497 0.89253 0.23742  -0.35437 0.21937  131 GLY A C   
223 O O   . GLY A 31 ? 0.94009 1.02738 0.88643 0.23963  -0.33461 0.23579  131 GLY A O   
225 C C   . ACE B 1  ? 0.61232 0.63059 0.48889 0.08897  0.18000  0.19110  101 ACE B C   
226 O O   . ACE B 1  ? 0.69492 0.74417 0.64540 0.07288  0.18354  0.22594  101 ACE B O   
227 C CH3 . ACE B 1  ? 0.69643 0.70643 0.50533 0.12441  0.21690  0.19168  101 ACE B CH3 
228 N N   . GLY B 2  ? 0.54624 0.53469 0.39977 0.07708  0.14269  0.15163  102 GLY B N   
229 C CA  . GLY B 2  ? 0.49436 0.48340 0.40074 0.04959  0.10779  0.14480  102 GLY B CA  
230 C C   . GLY B 2  ? 0.54490 0.55815 0.52815 0.02972  0.09700  0.13973  102 GLY B C   
231 O O   . GLY B 2  ? 0.46422 0.48766 0.45222 0.03466  0.10631  0.12695  102 GLY B O   
232 N N   . GLU B 3  ? 0.40293 0.41995 0.44242 0.00841  0.07430  0.14912  103 GLU B N   
233 C CA  . GLU B 3  ? 0.41312 0.44452 0.51746 -0.00997 0.05752  0.14303  103 GLU B CA  
234 C C   . GLU B 3  ? 0.40566 0.42156 0.49058 -0.01210 0.03744  0.09875  103 GLU B C   
235 O O   . GLU B 3  ? 0.37943 0.40683 0.49313 -0.01800 0.03283  0.08972  103 GLU B O   
236 C CB  . GLU B 3  ? 0.38122 0.40802 0.54066 -0.03046 0.03331  0.16081  103 GLU B CB  
237 C CG  . GLU B 3  ? 0.35917 0.35276 0.49178 -0.03265 0.00807  0.14156  103 GLU B CG  
238 C CD  . GLU B 3  ? 0.49001 0.46931 0.67558 -0.05149 -0.02072 0.15163  103 GLU B CD  
239 O OE1 . GLU B 3  ? 0.47009 0.46386 0.71496 -0.06623 -0.02507 0.17381  103 GLU B OE1 
240 O OE2 . GLU B 3  ? 0.54283 0.49410 0.71287 -0.05119 -0.04144 0.13773  103 GLU B OE2 
241 N N   . ILE B 4  ? 0.36043 0.35214 0.39973 -0.00719 0.02529  0.07418  104 ILE B N   
242 C CA  . ILE B 4  ? 0.36081 0.34297 0.38812 -0.00902 0.01002  0.03807  104 ILE B CA  
243 C C   . ILE B 4  ? 0.45845 0.44540 0.45985 0.00105  0.02718  0.02697  104 ILE B C   
244 O O   . ILE B 4  ? 0.35679 0.35038 0.37573 -0.00336 0.02366  0.01366  104 ILE B O   
245 C CB  . ILE B 4  ? 0.44356 0.40547 0.44147 -0.00656 -0.00700 0.02073  104 ILE B CB  
246 C CG1 . ILE B 4  ? 0.42341 0.37658 0.45161 -0.01486 -0.02663 0.02753  104 ILE B CG1 
247 C CG2 . ILE B 4  ? 0.44947 0.40799 0.43734 -0.00668 -0.01575 -0.01001 104 ILE B CG2 
248 C CD1 . ILE B 4  ? 0.45884 0.41055 0.52360 -0.02398 -0.04227 0.01299  104 ILE B CD1 
249 N N   . ALA B 5  ? 0.38405 0.36251 0.33774 0.01682  0.04467  0.03214  105 ALA B N   
250 C CA  . ALA B 5  ? 0.42513 0.39966 0.34961 0.02963  0.06031  0.02117  105 ALA B CA  
251 C C   . ALA B 5  ? 0.46833 0.47044 0.43323 0.03206  0.08000  0.03991  105 ALA B C   
252 O O   . ALA B 5  ? 0.39801 0.40114 0.36295 0.03602  0.08420  0.02749  105 ALA B O   
253 C CB  . ALA B 5  ? 0.51172 0.46227 0.36681 0.05003  0.07315  0.02197  105 ALA B CB  
254 N N   . GLN B 6  ? 0.40848 0.43399 0.41393 0.02902  0.09071  0.07265  106 GLN B N   
255 C CA  . GLN B 6  ? 0.42403 0.48271 0.48496 0.02827  0.10465  0.09504  106 GLN B CA  
256 C C   . GLN B 6  ? 0.35399 0.41763 0.45878 0.00935  0.07743  0.07985  106 GLN B C   
257 O O   . GLN B 6  ? 0.41007 0.48989 0.53924 0.01180  0.08210  0.08163  106 GLN B O   
258 C CB  . GLN B 6  ? 0.44125 0.52638 0.54767 0.02498  0.11851  0.13836  106 GLN B CB  
259 C CG  . GLN B 6  ? 0.56278 0.68363 0.69839 0.04143  0.15470  0.17163  106 GLN B CG  
260 C CD  . GLN B 6  ? 0.59507 0.70210 0.65543 0.07477  0.19057  0.17155  106 GLN B CD  
261 N N   . ALA B 7  ? 0.29046 0.33797 0.40127 -0.00663 0.04887  0.06488  107 ALA B N   
262 C CA  . ALA B 7  ? 0.32230 0.36616 0.45764 -0.01971 0.02320  0.04719  107 ALA B CA  
263 C C   . ALA B 7  ? 0.40518 0.43764 0.50368 -0.01259 0.02427  0.01866  107 ALA B C   
264 O O   . ALA B 7  ? 0.34430 0.38190 0.45839 -0.01566 0.01645  0.01263  107 ALA B O   
265 C CB  . ALA B 7  ? 0.33399 0.35781 0.47589 -0.03217 -0.00388 0.03727  107 ALA B CB  
266 N N   . ILE B 8  ? 0.35045 0.36560 0.40155 -0.00406 0.03094  0.00299  108 ILE B N   
267 C CA  . ILE B 8  ? 0.38909 0.39253 0.41148 0.00054  0.03163  -0.01932 108 ILE B CA  
268 C C   . ILE B 8  ? 0.37453 0.38601 0.39555 0.01211  0.05039  -0.01151 108 ILE B C   
269 O O   . ILE B 8  ? 0.40036 0.40974 0.42200 0.01204  0.04760  -0.02164 108 ILE B O   
270 C CB  . ILE B 8  ? 0.35835 0.34074 0.33851 0.00447  0.02907  -0.03436 108 ILE B CB  
271 C CG1 . ILE B 8  ? 0.33580 0.31417 0.32553 -0.00472 0.01023  -0.04171 108 ILE B CG1 
272 C CG2 . ILE B 8  ? 0.36486 0.33398 0.32266 0.00673  0.02879  -0.05262 108 ILE B CG2 
273 C CD1 . ILE B 8  ? 0.39491 0.35766 0.35413 -0.00193 0.00301  -0.05118 108 ILE B CD1 
274 N N   . LYS B 9  ? 0.33346 0.35407 0.35186 0.02494  0.07189  0.00879  109 LYS B N   
275 C CA  . LYS B 9  ? 0.36850 0.39972 0.39118 0.04104  0.09347  0.01942  109 LYS B CA  
276 C C   . LYS B 9  ? 0.37310 0.43220 0.45500 0.03233  0.08570  0.03252  109 LYS B C   
277 O O   . LYS B 9  ? 0.41066 0.47389 0.49766 0.04167  0.09272  0.03232  109 LYS B O   
278 C CB  . LYS B 9  ? 0.45382 0.49396 0.46452 0.06032  0.12281  0.04327  109 LYS B CB  
279 C CG  . LYS B 9  ? 0.51634 0.51975 0.45021 0.07992  0.13407  0.02758  109 LYS B CG  
280 C CD  . LYS B 9  ? 0.54828 0.55862 0.46080 0.10085  0.16389  0.05338  109 LYS B CD  
281 C CE  . LYS B 9  ? 0.72830 0.69421 0.55189 0.12768  0.17578  0.03593  109 LYS B CE  
282 N N   . GLU B 10 ? 0.33781 0.41177 0.46373 0.01472  0.06748  0.04397  110 GLU B N   
283 C CA  . GLU B 10 ? 0.37260 0.46713 0.55266 0.00427  0.05067  0.05487  110 GLU B CA  
284 C C   . GLU B 10 ? 0.34134 0.41732 0.50044 -0.00014 0.03123  0.02910  110 GLU B C   
285 O O   . GLU B 10 ? 0.35464 0.44238 0.53878 0.00034  0.02391  0.03528  110 GLU B O   
286 C CB  . GLU B 10 ? 0.30678 0.40954 0.53248 -0.01490 0.02862  0.06974  110 GLU B CB  
287 C CG  . GLU B 10 ? 0.30309 0.43449 0.57092 -0.01308 0.04819  0.10752  110 GLU B CG  
288 C CD  . GLU B 10 ? 0.51625 0.68607 0.82978 -0.00119 0.06998  0.13622  110 GLU B CD  
289 O OE1 . GLU B 10 ? 0.43191 0.61775 0.79504 -0.01104 0.04856  0.14304  110 GLU B OE1 
290 O OE2 . GLU B 10 ? 0.60170 0.78440 0.89960 0.02049  0.10790  0.15215  110 GLU B OE2 
291 N N   . ILE B 11 ? 0.32512 0.37455 0.44123 -0.00355 0.02339  0.00353  111 ILE B N   
292 C CA  . ILE B 11 ? 0.34367 0.37797 0.43716 -0.00503 0.01199  -0.01645 111 ILE B CA  
293 C C   . ILE B 11 ? 0.36014 0.39139 0.43617 0.00769  0.02886  -0.01760 111 ILE B C   
294 O O   . ILE B 11 ? 0.36664 0.39779 0.44618 0.00864  0.02201  -0.01846 111 ILE B O   
295 C CB  . ILE B 11 ? 0.33685 0.35094 0.39791 -0.00955 0.00510  -0.03784 111 ILE B CB  
296 C CG1 . ILE B 11 ? 0.30657 0.31595 0.38198 -0.01910 -0.01605 -0.04048 111 ILE B CG1 
297 C CG2 . ILE B 11 ? 0.32325 0.32545 0.35890 -0.00763 0.00433  -0.05286 111 ILE B CG2 
298 C CD1 . ILE B 11 ? 0.35309 0.34693 0.40328 -0.01908 -0.01988 -0.05886 111 ILE B CD1 
299 N N   . ALA B 12 ? 0.29144 0.31490 0.34396 0.01921  0.04904  -0.01777 112 ALA B N   
300 C CA  . ALA B 12 ? 0.34233 0.35319 0.37388 0.03376  0.06336  -0.02079 112 ALA B CA  
301 C C   . ALA B 12 ? 0.35818 0.39227 0.42645 0.04439  0.07194  -0.00028 112 ALA B C   
302 O O   . ALA B 12 ? 0.39784 0.42459 0.46277 0.05179  0.07271  -0.00209 112 ALA B O   
303 C CB  . ALA B 12 ? 0.34842 0.33798 0.33910 0.04681  0.07937  -0.02687 112 ALA B CB  
304 N N   . LYS B 13 ? 0.32396 0.38832 0.43351 0.04516  0.07799  0.02266  113 LYS B N   
305 C CA  . LYS B 13 ? 0.33971 0.43536 0.50034 0.05402  0.08434  0.04745  113 LYS B CA  
306 C C   . LYS B 13 ? 0.33776 0.43945 0.52599 0.03996  0.05423  0.04663  113 LYS B C   
307 O O   . LYS B 13 ? 0.32106 0.43435 0.53219 0.04928  0.05406  0.05722  113 LYS B O   
308 C CB  . LYS B 13 ? 0.32357 0.45525 0.53369 0.05424  0.09628  0.07762  113 LYS B CB  
309 C CG  . LYS B 13 ? 0.37776 0.51079 0.56345 0.07956  0.13529  0.08844  113 LYS B CG  
310 C CD  . LYS B 13 ? 0.44969 0.61786 0.68095 0.07679  0.14859  0.12155  113 LYS B CD  
311 C CE  . LYS B 13 ? 0.48443 0.69977 0.80910 0.06490  0.13625  0.15372  113 LYS B CE  
312 N N   . ALA B 14 ? 0.28595 0.37649 0.46736 0.02039  0.02776  0.03383  114 ALA B N   
313 C CA  . ALA B 14 ? 0.31839 0.40529 0.50921 0.01019  -0.00294 0.02989  114 ALA B CA  
314 C C   . ALA B 14 ? 0.35555 0.41848 0.50197 0.01728  -0.00148 0.01379  114 ALA B C   
315 O O   . ALA B 14 ? 0.31685 0.38160 0.47214 0.01891  -0.01652 0.01938  114 ALA B O   
316 C CB  . ALA B 14 ? 0.28453 0.35739 0.46818 -0.00699 -0.02924 0.01770  114 ALA B CB  
317 N N   . ILE B 15 ? 0.29944 0.33949 0.40108 0.02046  0.01414  -0.00353 115 ILE B N   
318 C CA  . ILE B 15 ? 0.34282 0.36065 0.41004 0.02502  0.01709  -0.01379 115 ILE B CA  
319 C C   . ILE B 15 ? 0.37375 0.39344 0.45181 0.04148  0.03073  -0.00174 115 ILE B C   
320 O O   . ILE B 15 ? 0.38599 0.39422 0.45409 0.04523  0.02541  -0.00045 115 ILE B O   
321 C CB  . ILE B 15 ? 0.34198 0.33755 0.37177 0.02143  0.02679  -0.03144 115 ILE B CB  
322 C CG1 . ILE B 15 ? 0.37251 0.36814 0.39506 0.00913  0.01422  -0.04215 115 ILE B CG1 
323 C CG2 . ILE B 15 ? 0.37788 0.35143 0.38209 0.02354  0.03034  -0.03666 115 ILE B CG2 
324 C CD1 . ILE B 15 ? 0.40090 0.38355 0.40105 0.00531  0.02179  -0.05538 115 ILE B CD1 
325 N N   . LYS B 16 ? 0.32716 0.36004 0.42380 0.05435  0.05011  0.00888  116 LYS B N   
326 C CA  . LYS B 16 ? 0.35417 0.39023 0.46390 0.07575  0.06574  0.02154  116 LYS B CA  
327 C C   . LYS B 16 ? 0.42140 0.48508 0.57962 0.07599  0.04924  0.04161  116 LYS B C   
328 O O   . LYS B 16 ? 0.36811 0.42475 0.52814 0.08870  0.04985  0.04748  116 LYS B O   
329 C CB  . LYS B 16 ? 0.40736 0.45477 0.52417 0.09409  0.09397  0.03121  116 LYS B CB  
330 C CG  . LYS B 16 ? 0.47579 0.48354 0.53257 0.10266  0.10890  0.01050  116 LYS B CG  
331 C CD  . LYS B 16 ? 0.53603 0.55204 0.58753 0.12524  0.13800  0.02085  116 LYS B CD  
332 N N   . GLU B 17 ? 0.34723 0.43941 0.54626 0.06152  0.03031  0.05290  117 GLU B N   
333 C CA  . GLU B 17 ? 0.38833 0.50299 0.63338 0.05797  0.00434  0.07074  117 GLU B CA  
334 C C   . GLU B 17 ? 0.36073 0.44672 0.56536 0.05136  -0.02025 0.05720  117 GLU B C   
335 O O   . GLU B 17 ? 0.37916 0.47207 0.60336 0.05653  -0.03731 0.07024  117 GLU B O   
336 C CB  . GLU B 17 ? 0.34129 0.48345 0.63676 0.04023  -0.01753 0.08390  117 GLU B CB  
337 C CG  . GLU B 17 ? 0.35693 0.53163 0.69674 0.04563  0.00892  0.10417  117 GLU B CG  
338 C CD  . GLU B 17 ? 0.50994 0.71406 0.91539 0.02566  -0.01639 0.12468  117 GLU B CD  
339 O OE1 . GLU B 17 ? 0.52641 0.71906 0.93633 0.00817  -0.05885 0.11823  117 GLU B OE1 
340 O OE2 . GLU B 17 ? 0.61247 0.84793 1.06280 0.02795  0.00496  0.14815  117 GLU B OE2 
341 N N   . VAL B 18 ? 0.36994 0.42584 0.51922 0.04177  -0.02134 0.03405  118 VAL B N   
342 C CA  . VAL B 18 ? 0.38660 0.41594 0.49146 0.03951  -0.03539 0.02451  118 VAL B CA  
343 C C   . VAL B 18 ? 0.43467 0.44893 0.52570 0.05404  -0.01909 0.02965  118 VAL B C   
344 O O   . VAL B 18 ? 0.45372 0.45898 0.53460 0.05814  -0.03319 0.03746  118 VAL B O   
345 C CB  . VAL B 18 ? 0.38865 0.39609 0.44635 0.02906  -0.03319 0.00298  118 VAL B CB  
346 C CG1 . VAL B 18 ? 0.49876 0.48152 0.50952 0.03085  -0.03518 -0.00198 118 VAL B CG1 
347 C CG2 . VAL B 18 ? 0.32557 0.33832 0.39081 0.01724  -0.05610 -0.00303 118 VAL B CG2 
348 N N   . ALA B 19 ? 0.33592 0.34168 0.42210 0.06303  0.00811  0.02523  119 ALA B N   
349 C CA  . ALA B 19 ? 0.44154 0.42468 0.51488 0.07810  0.02113  0.02855  119 ALA B CA  
350 C C   . ALA B 19 ? 0.42089 0.42403 0.53648 0.09546  0.01811  0.05034  119 ALA B C   
351 O O   . ALA B 19 ? 0.46530 0.45066 0.57314 0.10549  0.01506  0.05768  119 ALA B O   
352 C CB  . ALA B 19 ? 0.36262 0.32475 0.41604 0.08600  0.04549  0.01602  119 ALA B CB  
353 N N   . TRP B 20 ? 0.37435 0.41649 0.54116 0.09939  0.01900  0.06414  120 TRP B N   
354 C CA  . TRP B 20 ? 0.39930 0.47057 0.62153 0.11599  0.01570  0.08959  120 TRP B CA  
355 C C   . TRP B 20 ? 0.39786 0.47274 0.62870 0.10689  -0.02154 0.09939  120 TRP B C   
356 O O   . TRP B 20 ? 0.37425 0.44996 0.62248 0.12196  -0.02744 0.11495  120 TRP B O   
357 C CB  . TRP B 20 ? 0.45373 0.57293 0.73914 0.11882  0.02498  0.10782  120 TRP B CB  
358 C CG  . TRP B 20 ? 0.55660 0.67416 0.83174 0.13668  0.06501  0.10434  120 TRP B CG  
359 C CD1 . TRP B 20 ? 0.64960 0.72774 0.87566 0.15700  0.08996  0.08973  120 TRP B CD1 
360 C CD2 . TRP B 20 ? 0.45973 0.61051 0.76786 0.13699  0.08285  0.11614  120 TRP B CD2 
361 N NE1 . TRP B 20 ? 0.71741 0.79963 0.93546 0.17229  0.12142  0.08894  120 TRP B NE1 
362 C CE2 . TRP B 20 ? 0.52838 0.65774 0.79688 0.16081  0.12035  0.10709  120 TRP B CE2 
363 C CE3 . TRP B 20 ? 0.42830 0.62127 0.79443 0.11903  0.06893  0.13473  120 TRP B CE3 
364 C CZ2 . TRP B 20 ? 0.51771 0.66898 0.79691 0.16991  0.14804  0.11743  120 TRP B CZ2 
365 C CZ3 . TRP B 20 ? 0.44383 0.66143 0.83064 0.12508  0.09682  0.14781  120 TRP B CZ3 
366 C CH2 . TRP B 20 ? 0.48423 0.68225 0.82512 0.15145  0.13789  0.13990  120 TRP B CH2 
367 N N   . ALA B 21 ? 0.40103 0.47340 0.61457 0.08493  -0.04826 0.08991  121 ALA B N   
368 C CA  . ALA B 21 ? 0.42818 0.49520 0.63422 0.07828  -0.08732 0.09610  121 ALA B CA  
369 C C   . ALA B 21 ? 0.46524 0.49346 0.61110 0.08440  -0.08582 0.09075  121 ALA B C   
370 O O   . ALA B 21 ? 0.46862 0.49218 0.61230 0.08982  -0.11027 0.10414  121 ALA B O   
371 C CB  . ALA B 21 ? 0.41512 0.47827 0.60451 0.05744  -0.11545 0.08299  121 ALA B CB  
372 N N   . PHE B 22 ? 0.41810 0.41834 0.51777 0.08288  -0.05934 0.07422  122 PHE B N   
373 C CA  . PHE B 22 ? 0.50096 0.46638 0.55346 0.08690  -0.05489 0.07487  122 PHE B CA  
374 C C   . PHE B 22 ? 0.47279 0.43085 0.54746 0.10664  -0.04451 0.09054  122 PHE B C   
375 O O   . PHE B 22 ? 0.50508 0.44137 0.55756 0.11231  -0.05342 0.10200  122 PHE B O   
376 C CB  . PHE B 22 ? 0.53462 0.47618 0.54570 0.07696  -0.03247 0.05665  122 PHE B CB  
377 C CG  . PHE B 22 ? 0.50919 0.44632 0.48129 0.06328  -0.04241 0.04531  122 PHE B CG  
378 C CD1 . PHE B 22 ? 0.61217 0.53714 0.54729 0.06460  -0.06189 0.05242  122 PHE B CD1 
379 C CD2 . PHE B 22 ? 0.56125 0.50373 0.52871 0.05249  -0.03189 0.02777  122 PHE B CD2 
380 C CE1 . PHE B 22 ? 0.63620 0.55276 0.52665 0.05818  -0.06756 0.04073  122 PHE B CE1 
381 C CE2 . PHE B 22 ? 0.53766 0.47465 0.46919 0.04486  -0.03876 0.01705  122 PHE B CE2 
382 C CZ  . PHE B 22 ? 0.61198 0.53521 0.50311 0.04904  -0.05499 0.02281  122 PHE B CZ  
383 N N   . LYS B 23 ? 0.43615 0.40941 0.55054 0.11991  -0.02440 0.09232  123 LYS B N   
384 C CA  . LYS B 23 ? 0.51320 0.47963 0.65116 0.14469  -0.01426 0.10705  123 LYS B CA  
385 C C   . LYS B 23 ? 0.50266 0.49866 0.68659 0.15363  -0.04054 0.13237  123 LYS B C   
386 O O   . LYS B 23 ? 0.55622 0.53773 0.74505 0.17081  -0.04393 0.14725  123 LYS B O   
387 C CB  . LYS B 23 ? 0.50603 0.48115 0.66802 0.16236  0.01667  0.10245  123 LYS B CB  
388 C CG  . LYS B 23 ? 0.52881 0.46500 0.64119 0.15714  0.03756  0.07754  123 LYS B CG  
389 C CD  . LYS B 23 ? 0.60597 0.55648 0.73145 0.17046  0.06342  0.07084  123 LYS B CD  
390 C CE  . LYS B 23 ? 0.64318 0.55351 0.74691 0.19945  0.08669  0.06428  123 LYS B CE  
391 N NZ  . LYS B 23 ? 0.63229 0.50069 0.68232 0.19341  0.09737  0.03772  123 LYS B NZ  
392 N N   . GLU B 24 ? 0.47614 0.51112 0.69634 0.14163  -0.06297 0.13848  124 GLU B N   
393 C CA  . GLU B 24 ? 0.53385 0.59465 0.79720 0.14501  -0.09873 0.16224  124 GLU B CA  
394 C C   . GLU B 24 ? 0.53894 0.56526 0.74380 0.13845  -0.12813 0.16234  124 GLU B C   
395 O O   . GLU B 24 ? 0.56578 0.59467 0.78805 0.14995  -0.15159 0.18329  124 GLU B O   
396 C CB  . GLU B 24 ? 0.45733 0.56082 0.77255 0.12882  -0.12220 0.16769  124 GLU B CB  
397 C CG  . GLU B 24 ? 0.50008 0.64717 0.88534 0.13758  -0.09328 0.17846  124 GLU B CG  
398 C CD  . GLU B 24 ? 0.45375 0.64678 0.90817 0.12035  -0.12191 0.19370  124 GLU B CD  
399 O OE1 . GLU B 24 ? 0.49743 0.69831 0.97166 0.11083  -0.16293 0.20446  124 GLU B OE1 
400 O OE2 . GLU B 24 ? 0.54897 0.76234 1.02628 0.11262  -0.10250 0.19110  124 GLU B OE2 
401 N N   . ILE B 25 ? 0.51907 0.51424 0.65419 0.12246  -0.12598 0.14166  125 ILE B N   
402 C CA  . ILE B 25 ? 0.59268 0.55343 0.66248 0.12021  -0.14511 0.14404  125 ILE B CA  
403 C C   . ILE B 25 ? 0.59630 0.52816 0.65023 0.13533  -0.12732 0.15692  125 ILE B C   
404 O O   . ILE B 25 ? 0.67721 0.59479 0.71430 0.14387  -0.14892 0.17540  125 ILE B O   
405 C CB  . ILE B 25 ? 0.62333 0.56255 0.62761 0.10372  -0.13843 0.12147  125 ILE B CB  
406 C CG1 . ILE B 25 ? 0.54879 0.50140 0.55190 0.09170  -0.17169 0.11161  125 ILE B CG1 
407 C CG2 . ILE B 25 ? 0.64757 0.54894 0.58089 0.10632  -0.13634 0.12719  125 ILE B CG2 
408 C CD1 . ILE B 25 ? 0.66872 0.60257 0.61361 0.08004  -0.16221 0.08779  125 ILE B CD1 
409 N N   . ALA B 26 ? 0.53536 0.45353 0.59281 0.13912  -0.09126 0.14769  126 ALA B N   
410 C CA  . ALA B 26 ? 0.59725 0.47919 0.64116 0.15235  -0.07677 0.15812  126 ALA B CA  
411 C C   . ALA B 26 ? 0.66424 0.55713 0.75543 0.17625  -0.08912 0.18165  126 ALA B C   
412 O O   . ALA B 26 ? 0.63205 0.49677 0.70548 0.18614  -0.09777 0.19932  126 ALA B O   
413 C CB  . ALA B 26 ? 0.61410 0.47523 0.65578 0.15259  -0.04306 0.14051  126 ALA B CB  
414 N N   . GLN B 27 ? 0.58787 0.52366 0.74397 0.18692  -0.08899 0.18558  127 GLN B N   
415 C CA  . GLN B 27 ? 0.62671 0.58315 0.84044 0.21169  -0.10082 0.21151  127 GLN B CA  
416 C C   . GLN B 27 ? 0.64701 0.61481 0.86108 0.20645  -0.14712 0.23123  127 GLN B C   
417 O O   . GLN B 27 ? 0.71625 0.68171 0.95053 0.22430  -0.16167 0.25278  127 GLN B O   
418 C CB  . GLN B 27 ? 0.60621 0.61416 0.89683 0.22448  -0.08543 0.21595  127 GLN B CB  
419 C CG  . GLN B 27 ? 0.70732 0.69843 0.99405 0.24158  -0.03977 0.20072  127 GLN B CG  
420 C CD  . GLN B 27 ? 0.75298 0.69485 1.01638 0.26525  -0.02590 0.20227  127 GLN B CD  
421 O OE1 . GLN B 27 ? 0.69045 0.64307 0.98358 0.28123  -0.03274 0.21523  127 GLN B OE1 
422 N NE2 . GLN B 27 ? 0.76575 0.65131 0.96944 0.25973  -0.00956 0.18246  127 GLN B NE2 
423 N N   . ALA B 28 ? 0.59961 0.57480 0.78419 0.18303  -0.17195 0.22080  128 ALA B N   
424 C CA  . ALA B 28 ? 0.64815 0.62243 0.81502 0.17884  -0.22105 0.23513  128 ALA B CA  
425 C C   . ALA B 28 ? 0.70670 0.63028 0.79562 0.18316  -0.22469 0.24276  128 ALA B C   
426 O O   . ALA B 28 ? 0.82581 0.74385 0.90515 0.19140  -0.25618 0.26135  128 ALA B O   
427 C CB  . ALA B 28 ? 0.65779 0.64181 0.80240 0.15554  -0.24682 0.21765  128 ALA B CB  
428 N N   . ILE B 29 ? 0.69359 0.58229 0.72692 0.17617  -0.19030 0.22842  129 ILE B N   
429 C CA  . ILE B 29 ? 0.76191 0.60508 0.73051 0.17965  -0.18743 0.24194  129 ILE B CA  
430 C C   . ILE B 29 ? 0.82941 0.65561 0.83147 0.20075  -0.17769 0.26299  129 ILE B C   
431 O O   . ILE B 29 ? 0.85454 0.65475 0.82921 0.21066  -0.19427 0.28711  129 ILE B O   
432 C CB  . ILE B 29 ? 0.84302 0.66045 0.75533 0.16322  -0.15463 0.22468  129 ILE B CB  
433 C CG1 . ILE B 29 ? 0.78320 0.62029 0.67471 0.14643  -0.15931 0.20012  129 ILE B CG1 
434 C CG2 . ILE B 29 ? 0.85721 0.63438 0.70141 0.16426  -0.15339 0.24453  129 ILE B CG2 
435 C CD1 . ILE B 29 ? 0.78967 0.60689 0.62664 0.13261  -0.13032 0.18706  129 ILE B CD1 
436 N N   . LYS B 30 ? 0.73372 0.57008 0.79021 0.21066  -0.15070 0.25438  130 LYS B N   
437 C CA  . LYS B 30 ? 0.76143 0.57531 0.84746 0.23554  -0.14014 0.27059  130 LYS B CA  
438 C C   . LYS B 30 ? 0.81170 0.65379 0.93941 0.25246  -0.16679 0.28644  130 LYS B C   
439 O O   . LYS B 30 ? 0.83073 0.64773 0.95934 0.26940  -0.16575 0.29712  130 LYS B O   
440 C CB  . LYS B 30 ? 0.83883 0.65211 0.95896 0.24561  -0.10362 0.25116  130 LYS B CB  
441 C CG  . LYS B 30 ? 0.85274 0.61920 0.92357 0.23042  -0.07659 0.23105  130 LYS B CG  
442 C CD  . LYS B 30 ? 1.06218 0.80626 1.15436 0.24942  -0.04811 0.21582  130 LYS B CD  
443 C CE  . LYS B 30 ? 1.05032 0.74330 1.09688 0.23155  -0.03057 0.19667  130 LYS B CE  
444 N NZ  . LYS B 30 ? 0.89049 0.58158 0.94353 0.23679  -0.00686 0.16827  130 LYS B NZ  
445 N N   . GLY B 31 ? 0.77311 0.66550 0.93430 0.24557  -0.19092 0.28548  131 GLY B N   
446 C CA  . GLY B 31 ? 0.79039 0.71486 0.99405 0.25662  -0.21672 0.29894  131 GLY B CA  
447 C C   . GLY B 31 ? 0.83526 0.75418 0.99276 0.24681  -0.25850 0.30931  131 GLY B C   
448 O O   . GLY B 31 ? 0.87640 0.81439 1.05961 0.25530  -0.28436 0.32288  131 GLY B O   
# 
